data_4KJZ
#
_entry.id   4KJZ
#
_cell.length_a   119.830
_cell.length_b   177.816
_cell.length_c   61.793
_cell.angle_alpha   90.00
_cell.angle_beta   89.87
_cell.angle_gamma   90.00
#
_symmetry.space_group_name_H-M   'P 1 21 1'
#
loop_
_entity.id
_entity.type
_entity.pdbx_description
1 polymer 'Translation initiation factor IF-2'
2 non-polymer "GUANOSINE-5'-DIPHOSPHATE"
3 water water
#
_entity_poly.entity_id   1
_entity_poly.type   'polypeptide(L)'
_entity_poly.pdbx_seq_one_letter_code
;AKVRIYQLAKELGMECQELLELLDQMGVAYKSHASTLEEKDAEAVRELVKEQRGLQEKLAEEERRKSLPRRPPVVVIMGH
VDHGKTTLLDYLRKSRIAEKEAGGITQHVGAFEVKTPQGTVVFIDTPGHEAFTTIRQRGAKVADIAVIVIAADDGIMPQT
EEAIAHAKAAGAKLIFAINKIDLPQADPEKVKRQLMERGFVPEEYGGDAIVIPISAKTGQGVQDLLEMILLLAELEDYRA
DPNAEPRGVILESKLDKQAGIIANMLVQEGTFRVGDYVVAGEAYGRIRAMMDADGNQRKEAGPGSAVQVLGFQELPHPGD
VVEWVPDLEAAKEIAEERKEERKAREEEEKARRPRTMAELLRAMQEEGRKELNLILRADTQGSLEAIQHILARESTEDVK
INILLAQVGAPTESDVLLAQTANAAILAFGVNPPGSVKKKAEEKGVLLKTFRIIYDLVDEVRNMVKGQREPQY
;
_entity_poly.pdbx_strand_id   A,D,B,C
#
loop_
_chem_comp.id
_chem_comp.type
_chem_comp.name
_chem_comp.formula
GDP RNA linking GUANOSINE-5'-DIPHOSPHATE 'C10 H15 N5 O11 P2'
#
# COMPACT_ATOMS: atom_id res chain seq x y z
N LYS A 2 34.42 -23.14 52.51
CA LYS A 2 35.87 -23.27 52.33
C LYS A 2 36.26 -24.23 51.21
N VAL A 3 36.77 -23.70 50.14
CA VAL A 3 37.33 -24.55 49.12
C VAL A 3 38.47 -23.94 48.33
N ARG A 4 39.32 -24.87 47.89
CA ARG A 4 40.49 -24.63 47.11
C ARG A 4 40.03 -24.59 45.66
N ILE A 5 40.20 -23.46 45.00
CA ILE A 5 39.70 -23.41 43.61
C ILE A 5 39.94 -24.70 42.83
N TYR A 6 41.06 -25.36 43.10
CA TYR A 6 41.45 -26.57 42.37
C TYR A 6 40.70 -27.82 42.80
N GLN A 7 40.06 -27.76 43.98
CA GLN A 7 39.36 -28.94 44.50
C GLN A 7 38.01 -29.03 43.90
N LEU A 8 37.53 -27.85 43.52
CA LEU A 8 36.19 -27.54 43.05
C LEU A 8 36.13 -28.03 41.61
N ALA A 9 37.10 -27.58 40.81
CA ALA A 9 37.27 -28.06 39.45
C ALA A 9 37.55 -29.57 39.39
N LYS A 10 38.24 -30.13 40.37
CA LYS A 10 38.31 -31.59 40.44
C LYS A 10 36.98 -32.24 40.77
N GLU A 11 36.26 -31.67 41.74
CA GLU A 11 34.97 -32.27 42.07
C GLU A 11 33.99 -32.22 40.90
N LEU A 12 33.69 -31.00 40.43
CA LEU A 12 32.70 -30.80 39.36
C LEU A 12 32.98 -31.70 38.16
N GLY A 13 34.26 -31.78 37.82
CA GLY A 13 34.73 -32.57 36.71
C GLY A 13 35.34 -31.65 35.71
N MET A 14 35.39 -30.38 36.10
CA MET A 14 36.14 -29.35 35.45
C MET A 14 37.61 -29.59 35.71
N GLU A 15 38.46 -29.19 34.76
CA GLU A 15 39.81 -28.79 35.14
C GLU A 15 40.02 -27.31 35.12
N CYS A 16 40.96 -26.85 35.90
CA CYS A 16 40.97 -25.51 36.35
C CYS A 16 41.14 -24.52 35.26
N GLN A 17 41.77 -24.90 34.21
CA GLN A 17 42.03 -23.88 33.27
C GLN A 17 40.65 -23.35 33.06
N GLU A 18 39.68 -24.22 32.81
CA GLU A 18 38.31 -23.77 32.60
C GLU A 18 37.75 -23.03 33.83
N LEU A 19 38.07 -23.49 35.04
CA LEU A 19 37.45 -22.92 36.24
C LEU A 19 37.90 -21.49 36.51
N LEU A 20 39.17 -21.21 36.36
CA LEU A 20 39.63 -19.87 36.57
C LEU A 20 39.05 -18.99 35.50
N GLU A 21 39.15 -19.42 34.25
CA GLU A 21 38.49 -18.77 33.09
C GLU A 21 37.06 -18.38 33.35
N LEU A 22 36.28 -19.26 33.93
CA LEU A 22 34.95 -18.81 34.27
C LEU A 22 34.95 -17.71 35.29
N LEU A 23 35.66 -17.92 36.37
CA LEU A 23 35.74 -16.91 37.45
C LEU A 23 36.32 -15.60 36.95
N ASP A 24 37.08 -15.73 35.92
CA ASP A 24 37.61 -14.57 35.39
C ASP A 24 36.72 -14.13 34.23
N GLN A 25 35.51 -14.65 34.17
CA GLN A 25 34.44 -13.85 33.67
C GLN A 25 33.42 -13.55 34.74
N MET A 26 33.27 -14.42 35.71
CA MET A 26 32.33 -14.12 36.79
C MET A 26 32.70 -12.87 37.55
N GLY A 27 34.00 -12.62 37.75
CA GLY A 27 34.45 -11.41 38.44
C GLY A 27 34.75 -11.61 39.92
N VAL A 28 35.46 -12.69 40.23
CA VAL A 28 35.80 -13.01 41.62
C VAL A 28 37.29 -13.29 41.77
N ALA A 29 37.94 -12.48 42.61
CA ALA A 29 39.39 -12.49 42.76
C ALA A 29 40.03 -13.86 42.97
N TYR A 30 41.20 -14.06 42.37
CA TYR A 30 42.01 -15.22 42.68
C TYR A 30 43.51 -14.95 42.52
N LYS A 31 44.30 -15.26 43.56
CA LYS A 31 45.75 -15.10 43.48
C LYS A 31 46.36 -16.16 42.60
N SER A 32 45.94 -17.37 42.85
CA SER A 32 46.33 -18.52 42.05
C SER A 32 45.24 -19.57 42.28
N HIS A 33 45.40 -20.73 41.63
CA HIS A 33 44.40 -21.79 41.65
C HIS A 33 44.14 -22.30 43.04
N ALA A 34 45.15 -22.24 43.89
CA ALA A 34 44.97 -22.62 45.28
C ALA A 34 44.03 -21.70 46.07
N SER A 35 44.02 -20.40 45.77
CA SER A 35 43.30 -19.44 46.61
C SER A 35 41.90 -19.87 46.93
N THR A 36 41.47 -19.57 48.15
CA THR A 36 40.18 -20.03 48.71
C THR A 36 38.90 -19.31 48.23
N LEU A 37 37.76 -19.99 48.36
CA LEU A 37 36.47 -19.41 47.97
C LEU A 37 35.41 -19.60 49.04
N GLU A 38 34.48 -18.65 49.15
CA GLU A 38 33.33 -18.88 50.02
C GLU A 38 32.29 -19.72 49.30
N GLU A 39 31.57 -20.58 50.03
CA GLU A 39 30.59 -21.47 49.39
C GLU A 39 29.57 -20.68 48.58
N LYS A 40 29.15 -19.52 49.08
CA LYS A 40 28.19 -18.73 48.36
C LYS A 40 28.88 -18.80 47.03
N ASP A 41 30.18 -18.72 47.12
CA ASP A 41 31.05 -19.02 46.02
C ASP A 41 30.90 -20.46 45.80
N ALA A 42 30.51 -21.13 46.85
CA ALA A 42 30.80 -22.51 46.82
C ALA A 42 30.11 -22.86 45.56
N GLU A 43 28.87 -22.39 45.45
CA GLU A 43 28.01 -22.65 44.30
C GLU A 43 27.80 -21.52 43.27
N ALA A 44 28.27 -20.30 43.55
CA ALA A 44 28.09 -19.22 42.54
C ALA A 44 28.51 -19.66 41.15
N VAL A 45 29.59 -20.41 41.06
CA VAL A 45 29.87 -21.12 39.82
C VAL A 45 28.93 -22.31 39.67
N ARG A 46 28.92 -23.21 40.65
CA ARG A 46 28.12 -24.44 40.58
C ARG A 46 26.76 -24.25 39.90
N GLU A 47 26.13 -23.11 40.17
CA GLU A 47 24.88 -22.75 39.49
C GLU A 47 25.15 -22.15 38.10
N LEU A 48 26.15 -21.28 38.03
CA LEU A 48 26.46 -20.61 36.78
C LEU A 48 27.34 -21.48 35.91
N VAL A 49 27.73 -22.64 36.42
CA VAL A 49 28.43 -23.64 35.60
C VAL A 49 27.43 -24.59 34.94
N LYS A 50 26.39 -24.94 35.69
CA LYS A 50 25.40 -25.94 35.28
C LYS A 50 24.57 -25.59 34.04
N GLU A 51 24.11 -24.34 33.98
CA GLU A 51 23.26 -23.92 32.87
C GLU A 51 23.95 -24.11 31.53
N GLN A 52 25.20 -23.67 31.45
CA GLN A 52 25.99 -23.86 30.25
C GLN A 52 26.09 -25.35 29.94
N ARG A 53 26.36 -26.12 31.01
CA ARG A 53 26.72 -27.53 30.90
C ARG A 53 25.60 -28.35 30.32
N GLY A 54 24.39 -28.04 30.76
CA GLY A 54 23.19 -28.56 30.15
C GLY A 54 23.09 -27.98 28.76
N LEU A 55 23.24 -26.66 28.64
CA LEU A 55 23.07 -25.96 27.37
C LEU A 55 23.92 -26.53 26.22
N GLN A 56 25.10 -27.03 26.57
CA GLN A 56 25.98 -27.70 25.61
C GLN A 56 25.40 -29.05 25.19
N GLU A 57 24.81 -29.76 26.16
CA GLU A 57 24.20 -31.07 25.90
C GLU A 57 22.93 -30.90 25.04
N LYS A 58 22.50 -29.65 24.87
CA LYS A 58 21.47 -29.29 23.87
C LYS A 58 22.08 -29.25 22.49
N LEU A 59 23.28 -28.73 22.37
CA LEU A 59 23.97 -28.77 21.09
C LEU A 59 24.38 -30.19 20.71
N ALA A 60 24.83 -30.97 21.68
CA ALA A 60 25.18 -32.37 21.38
C ALA A 60 24.01 -33.02 20.64
N GLU A 61 22.82 -32.90 21.20
CA GLU A 61 21.63 -33.44 20.57
C GLU A 61 21.56 -32.87 19.15
N GLU A 62 21.89 -31.59 19.01
CA GLU A 62 22.07 -31.01 17.69
C GLU A 62 23.23 -31.79 17.09
N GLU A 63 23.96 -32.45 17.99
CA GLU A 63 25.06 -33.34 17.65
C GLU A 63 24.55 -34.67 17.15
N ARG A 64 23.55 -35.20 17.84
CA ARG A 64 22.87 -36.42 17.41
C ARG A 64 22.11 -36.10 16.12
N ARG A 65 21.53 -34.91 16.07
CA ARG A 65 20.58 -34.52 15.02
C ARG A 65 21.08 -34.41 13.58
N LYS A 66 22.13 -33.65 13.37
CA LYS A 66 22.50 -33.25 12.02
C LYS A 66 23.40 -34.28 11.33
N SER A 67 24.36 -34.80 12.09
CA SER A 67 25.30 -35.82 11.60
C SER A 67 24.64 -37.17 11.22
N LEU A 68 23.33 -37.30 11.46
CA LEU A 68 22.66 -38.59 11.22
C LEU A 68 22.69 -39.03 9.76
N PRO A 69 22.74 -40.37 9.55
CA PRO A 69 23.04 -40.97 8.26
C PRO A 69 21.96 -40.55 7.28
N ARG A 70 22.23 -40.52 5.99
CA ARG A 70 21.13 -40.16 5.11
C ARG A 70 20.21 -41.34 4.86
N ARG A 71 18.96 -41.09 4.51
CA ARG A 71 18.01 -42.22 4.35
C ARG A 71 17.33 -42.21 3.00
N PRO A 72 16.98 -43.38 2.46
CA PRO A 72 16.43 -43.48 1.11
C PRO A 72 15.16 -42.66 0.93
N PRO A 73 15.17 -41.85 -0.13
CA PRO A 73 14.07 -40.97 -0.50
C PRO A 73 12.96 -41.82 -1.02
N VAL A 74 11.76 -41.47 -0.57
CA VAL A 74 10.58 -42.15 -0.99
C VAL A 74 9.84 -41.23 -1.95
N VAL A 75 9.75 -41.73 -3.17
CA VAL A 75 8.95 -41.13 -4.26
C VAL A 75 7.61 -41.86 -4.28
N VAL A 76 6.50 -41.14 -4.48
CA VAL A 76 5.17 -41.80 -4.81
C VAL A 76 4.78 -41.14 -6.07
N ILE A 77 3.91 -41.79 -6.84
CA ILE A 77 3.55 -41.31 -8.18
C ILE A 77 2.04 -41.02 -8.36
N MET A 78 1.72 -39.90 -9.00
CA MET A 78 0.29 -39.53 -9.14
C MET A 78 -0.08 -39.10 -10.55
N GLY A 79 -1.35 -39.26 -10.91
CA GLY A 79 -1.74 -38.92 -12.28
C GLY A 79 -3.00 -39.56 -12.75
N HIS A 80 -3.47 -39.09 -13.86
CA HIS A 80 -4.64 -39.57 -14.50
C HIS A 80 -4.72 -41.01 -15.07
N VAL A 81 -5.85 -41.63 -14.94
CA VAL A 81 -5.96 -43.10 -14.99
C VAL A 81 -5.04 -43.75 -16.06
N ASP A 82 -4.89 -43.12 -17.20
CA ASP A 82 -3.94 -43.62 -18.15
C ASP A 82 -3.08 -42.62 -18.82
N HIS A 83 -2.14 -42.11 -18.08
CA HIS A 83 -1.21 -41.06 -18.53
C HIS A 83 0.18 -41.56 -18.25
N GLY A 84 0.25 -42.84 -17.86
CA GLY A 84 1.51 -43.58 -17.86
C GLY A 84 2.18 -44.05 -16.59
N LYS A 85 1.39 -44.08 -15.52
CA LYS A 85 1.83 -44.46 -14.16
C LYS A 85 2.08 -45.95 -13.94
N THR A 86 1.14 -46.78 -14.38
CA THR A 86 1.25 -48.20 -14.13
C THR A 86 2.47 -48.60 -14.90
N THR A 87 2.56 -48.01 -16.10
CA THR A 87 3.61 -48.28 -17.10
C THR A 87 5.04 -47.86 -16.70
N LEU A 88 5.20 -46.67 -16.12
CA LEU A 88 6.53 -46.20 -15.77
C LEU A 88 7.07 -46.87 -14.49
N LEU A 89 6.14 -47.26 -13.62
CA LEU A 89 6.44 -48.07 -12.44
C LEU A 89 6.98 -49.41 -12.90
N ASP A 90 6.27 -50.00 -13.83
CA ASP A 90 6.70 -51.28 -14.36
C ASP A 90 8.14 -51.17 -14.83
N TYR A 91 8.43 -50.08 -15.53
CA TYR A 91 9.79 -49.82 -15.95
C TYR A 91 10.74 -49.79 -14.76
N LEU A 92 10.32 -49.23 -13.63
CA LEU A 92 11.29 -48.98 -12.53
C LEU A 92 11.54 -50.23 -11.70
N ARG A 93 10.54 -51.07 -11.61
CA ARG A 93 10.66 -52.29 -10.84
C ARG A 93 11.74 -53.15 -11.46
N LYS A 94 11.81 -53.12 -12.78
CA LYS A 94 12.41 -54.22 -13.54
C LYS A 94 13.80 -54.76 -13.12
N SER A 95 14.65 -53.94 -12.58
CA SER A 95 16.03 -54.25 -12.70
C SER A 95 16.41 -55.65 -12.26
N ARG A 96 16.28 -56.00 -11.01
CA ARG A 96 16.81 -57.26 -10.77
C ARG A 96 15.93 -57.81 -11.87
N ILE A 97 16.46 -58.21 -13.02
CA ILE A 97 15.62 -58.89 -14.02
C ILE A 97 15.16 -60.24 -13.45
N ALA A 98 16.13 -60.89 -12.81
CA ALA A 98 16.05 -62.06 -12.05
C ALA A 98 16.75 -61.66 -10.81
N GLU A 99 17.88 -61.04 -10.98
CA GLU A 99 18.63 -60.68 -9.83
C GLU A 99 18.04 -61.33 -8.60
N THR A 106 5.75 -61.67 -6.80
CA THR A 106 6.81 -61.51 -5.82
C THR A 106 6.24 -60.77 -4.66
N GLN A 107 5.32 -61.29 -3.93
CA GLN A 107 4.27 -60.46 -3.42
C GLN A 107 4.84 -59.18 -2.84
N HIS A 108 4.15 -58.11 -3.13
CA HIS A 108 4.57 -56.79 -2.76
C HIS A 108 4.35 -56.42 -1.34
N VAL A 109 5.13 -55.42 -0.96
CA VAL A 109 5.24 -54.82 0.37
C VAL A 109 4.73 -53.34 0.32
N GLY A 110 4.33 -52.94 -0.88
CA GLY A 110 3.73 -51.66 -1.05
C GLY A 110 4.66 -50.66 -1.65
N ALA A 111 5.96 -50.98 -1.63
CA ALA A 111 6.99 -50.15 -2.23
C ALA A 111 8.08 -51.07 -2.74
N PHE A 112 8.97 -50.54 -3.54
CA PHE A 112 10.11 -51.22 -4.08
C PHE A 112 11.27 -50.28 -4.27
N GLU A 113 12.43 -50.82 -4.59
CA GLU A 113 13.67 -50.07 -4.68
C GLU A 113 14.22 -50.03 -6.06
N VAL A 114 14.90 -48.95 -6.40
CA VAL A 114 15.86 -48.85 -7.49
C VAL A 114 17.23 -48.39 -6.97
N LYS A 115 18.26 -49.22 -7.11
CA LYS A 115 19.55 -48.92 -6.53
C LYS A 115 20.50 -48.38 -7.53
N THR A 116 20.74 -47.11 -7.46
CA THR A 116 21.49 -46.42 -8.45
C THR A 116 22.83 -46.10 -7.85
N PRO A 117 23.79 -45.86 -8.70
CA PRO A 117 25.11 -45.67 -8.20
C PRO A 117 25.12 -44.45 -7.34
N GLN A 118 24.39 -43.43 -7.74
CA GLN A 118 24.22 -42.25 -6.94
C GLN A 118 23.45 -42.46 -5.65
N GLY A 119 22.35 -43.16 -5.69
CA GLY A 119 21.60 -43.40 -4.50
C GLY A 119 20.59 -44.47 -4.64
N THR A 120 19.96 -44.82 -3.56
CA THR A 120 18.81 -45.67 -3.62
C THR A 120 17.57 -44.90 -3.19
N VAL A 121 16.55 -45.08 -3.99
CA VAL A 121 15.24 -44.49 -3.91
C VAL A 121 14.11 -45.51 -3.71
N VAL A 122 13.19 -45.18 -2.83
CA VAL A 122 12.02 -45.95 -2.64
C VAL A 122 10.96 -45.32 -3.43
N PHE A 123 10.21 -46.12 -4.11
CA PHE A 123 9.14 -45.64 -4.93
C PHE A 123 7.95 -46.44 -4.48
N ILE A 124 6.82 -45.79 -4.23
CA ILE A 124 5.72 -46.52 -3.68
C ILE A 124 5.05 -47.40 -4.76
N ASP A 125 4.61 -48.59 -4.34
CA ASP A 125 3.83 -49.49 -5.15
C ASP A 125 2.56 -49.79 -4.36
N THR A 126 1.61 -48.87 -4.45
CA THR A 126 0.35 -48.93 -3.70
C THR A 126 -0.77 -48.48 -4.63
N PRO A 127 -2.02 -48.84 -4.25
CA PRO A 127 -3.22 -48.56 -5.03
C PRO A 127 -3.98 -47.35 -4.50
N GLY A 139 -3.89 -40.60 6.48
CA GLY A 139 -2.62 -40.96 5.88
C GLY A 139 -1.53 -40.32 6.66
N ALA A 140 -0.40 -41.01 6.76
CA ALA A 140 0.81 -40.47 7.30
C ALA A 140 1.54 -40.00 6.09
N LYS A 141 2.47 -39.11 6.26
CA LYS A 141 3.24 -38.47 5.22
C LYS A 141 4.35 -39.43 4.89
N VAL A 142 4.15 -40.14 3.80
CA VAL A 142 4.90 -41.32 3.50
C VAL A 142 5.87 -41.00 2.39
N ALA A 143 5.68 -39.91 1.68
CA ALA A 143 6.52 -39.70 0.52
C ALA A 143 7.13 -38.35 0.64
N ASP A 144 8.44 -38.26 0.48
CA ASP A 144 8.99 -36.94 0.61
C ASP A 144 8.55 -36.26 -0.68
N ILE A 145 8.33 -37.04 -1.75
CA ILE A 145 8.14 -36.49 -3.13
C ILE A 145 6.94 -37.11 -3.87
N ALA A 146 6.45 -36.43 -4.92
CA ALA A 146 5.45 -36.92 -5.90
C ALA A 146 5.90 -36.59 -7.34
N VAL A 147 5.58 -37.46 -8.31
CA VAL A 147 5.98 -37.28 -9.70
C VAL A 147 4.68 -37.29 -10.47
N ILE A 148 4.12 -36.10 -10.59
CA ILE A 148 2.89 -35.88 -11.36
C ILE A 148 3.20 -36.41 -12.73
N VAL A 149 2.39 -37.35 -13.17
CA VAL A 149 2.59 -37.85 -14.51
C VAL A 149 1.61 -37.07 -15.39
N ILE A 150 2.12 -36.29 -16.34
CA ILE A 150 1.22 -35.76 -17.34
C ILE A 150 1.56 -36.26 -18.74
N ALA A 151 0.62 -37.01 -19.31
CA ALA A 151 0.74 -37.43 -20.67
C ALA A 151 0.91 -36.13 -21.43
N ALA A 152 1.89 -36.17 -22.35
CA ALA A 152 2.13 -35.15 -23.38
C ALA A 152 0.94 -34.83 -24.26
N ASP A 153 0.05 -35.76 -24.48
CA ASP A 153 -1.01 -35.58 -25.41
C ASP A 153 -2.36 -35.01 -24.93
N ASP A 154 -2.83 -35.48 -23.79
CA ASP A 154 -4.14 -35.07 -23.33
C ASP A 154 -4.07 -34.04 -22.22
N GLY A 155 -2.86 -33.60 -21.92
CA GLY A 155 -2.69 -32.57 -20.98
C GLY A 155 -3.30 -32.85 -19.65
N ILE A 156 -3.77 -31.79 -19.04
CA ILE A 156 -4.12 -31.81 -17.64
C ILE A 156 -5.61 -31.92 -17.56
N MET A 157 -5.99 -33.07 -17.02
CA MET A 157 -7.32 -33.60 -16.98
C MET A 157 -7.46 -33.94 -15.51
N PRO A 158 -8.69 -33.99 -15.06
CA PRO A 158 -9.02 -33.65 -13.69
C PRO A 158 -8.28 -34.34 -12.62
N GLN A 159 -7.91 -35.56 -12.95
CA GLN A 159 -7.16 -36.43 -12.12
C GLN A 159 -5.81 -35.89 -11.87
N THR A 160 -5.32 -35.16 -12.82
CA THR A 160 -4.03 -34.46 -12.77
C THR A 160 -4.07 -33.28 -11.81
N GLU A 161 -5.11 -32.44 -11.84
CA GLU A 161 -5.15 -31.30 -10.88
C GLU A 161 -5.25 -31.80 -9.46
N GLU A 162 -6.15 -32.77 -9.27
CA GLU A 162 -6.43 -33.39 -7.96
C GLU A 162 -5.13 -33.86 -7.36
N ALA A 163 -4.24 -34.43 -8.18
CA ALA A 163 -2.94 -34.98 -7.69
C ALA A 163 -1.96 -33.92 -7.16
N ILE A 164 -1.80 -32.90 -7.92
CA ILE A 164 -1.06 -31.73 -7.58
C ILE A 164 -1.61 -30.99 -6.44
N ALA A 165 -2.87 -30.83 -6.36
CA ALA A 165 -3.33 -30.14 -5.21
C ALA A 165 -3.10 -30.85 -3.94
N HIS A 166 -3.46 -32.10 -3.92
CA HIS A 166 -3.35 -32.99 -2.80
C HIS A 166 -1.99 -33.30 -2.38
N ALA A 167 -1.19 -33.46 -3.39
CA ALA A 167 0.22 -33.55 -3.28
C ALA A 167 0.83 -32.35 -2.68
N LYS A 168 0.47 -31.16 -3.11
CA LYS A 168 0.99 -29.94 -2.54
C LYS A 168 0.56 -29.58 -1.11
N ALA A 169 -0.58 -30.06 -0.68
CA ALA A 169 -0.94 -30.17 0.71
C ALA A 169 -0.09 -31.15 1.54
N ALA A 170 0.41 -32.18 0.88
CA ALA A 170 1.30 -33.14 1.50
C ALA A 170 2.56 -32.41 1.94
N GLY A 171 2.94 -31.41 1.15
CA GLY A 171 4.22 -30.76 1.32
C GLY A 171 5.22 -31.55 0.50
N ALA A 172 4.69 -32.53 -0.22
CA ALA A 172 5.48 -33.33 -1.12
C ALA A 172 6.02 -32.47 -2.24
N LYS A 173 7.28 -32.74 -2.61
CA LYS A 173 7.96 -32.03 -3.61
C LYS A 173 7.60 -32.60 -4.90
N LEU A 174 7.14 -31.77 -5.84
CA LEU A 174 6.63 -32.26 -7.13
C LEU A 174 7.44 -31.98 -8.41
N ILE A 175 7.63 -33.06 -9.18
CA ILE A 175 8.20 -33.08 -10.50
C ILE A 175 7.12 -33.42 -11.46
N PHE A 176 6.95 -32.66 -12.51
CA PHE A 176 6.05 -33.07 -13.55
C PHE A 176 6.75 -33.82 -14.64
N ALA A 177 6.28 -35.04 -14.87
CA ALA A 177 6.86 -35.97 -15.85
C ALA A 177 5.92 -36.03 -16.98
N ILE A 178 6.45 -35.88 -18.20
CA ILE A 178 5.57 -35.94 -19.38
C ILE A 178 5.81 -37.21 -20.17
N ASN A 179 4.72 -37.87 -20.46
CA ASN A 179 4.71 -39.15 -21.01
C ASN A 179 3.91 -39.10 -22.24
N LYS A 180 4.04 -40.19 -22.97
CA LYS A 180 3.43 -40.48 -24.25
C LYS A 180 3.94 -39.57 -25.36
N ILE A 181 5.22 -39.27 -25.29
CA ILE A 181 5.79 -38.35 -26.24
C ILE A 181 6.41 -38.95 -27.42
N ASP A 182 6.67 -40.24 -27.36
CA ASP A 182 7.27 -40.91 -28.44
C ASP A 182 6.30 -40.81 -29.55
N LEU A 183 5.05 -40.75 -29.16
CA LEU A 183 3.95 -40.69 -30.06
C LEU A 183 3.99 -39.41 -30.78
N PRO A 184 3.42 -39.37 -31.96
CA PRO A 184 3.59 -38.26 -32.86
C PRO A 184 2.65 -37.11 -32.63
N GLN A 185 1.76 -37.25 -31.68
CA GLN A 185 0.87 -36.16 -31.38
C GLN A 185 0.90 -35.47 -29.99
N ALA A 186 1.97 -35.64 -29.23
CA ALA A 186 2.13 -34.94 -27.96
C ALA A 186 2.47 -33.51 -28.12
N ASP A 187 1.82 -32.61 -27.40
CA ASP A 187 2.24 -31.22 -27.36
C ASP A 187 2.79 -30.84 -26.01
N PRO A 188 4.10 -30.97 -25.84
CA PRO A 188 4.70 -30.75 -24.51
C PRO A 188 4.55 -29.31 -24.02
N GLU A 189 4.61 -28.33 -24.93
CA GLU A 189 4.25 -26.97 -24.60
C GLU A 189 2.84 -26.90 -24.01
N LYS A 190 1.88 -27.66 -24.57
CA LYS A 190 0.47 -27.45 -24.21
C LYS A 190 0.37 -27.60 -22.72
N VAL A 191 1.20 -28.52 -22.24
CA VAL A 191 1.24 -28.98 -20.88
C VAL A 191 1.91 -27.93 -20.00
N LYS A 192 3.10 -27.53 -20.42
CA LYS A 192 3.92 -26.53 -19.75
C LYS A 192 3.17 -25.23 -19.54
N ARG A 193 2.34 -24.94 -20.52
CA ARG A 193 1.43 -23.78 -20.56
C ARG A 193 0.31 -23.91 -19.54
N GLN A 194 -0.24 -25.09 -19.52
CA GLN A 194 -1.32 -25.49 -18.68
C GLN A 194 -0.93 -25.39 -17.25
N LEU A 195 0.28 -25.75 -16.92
CA LEU A 195 0.86 -25.50 -15.64
C LEU A 195 1.05 -24.05 -15.44
N MET A 196 1.41 -23.32 -16.46
CA MET A 196 1.78 -21.92 -16.25
C MET A 196 0.58 -21.13 -15.72
N GLU A 197 -0.51 -21.20 -16.48
CA GLU A 197 -1.69 -20.46 -16.25
C GLU A 197 -2.19 -20.75 -14.84
N ARG A 198 -1.96 -22.00 -14.45
CA ARG A 198 -2.22 -22.51 -13.11
C ARG A 198 -1.37 -21.78 -12.07
N GLY A 199 -0.09 -21.55 -12.39
CA GLY A 199 0.82 -21.04 -11.37
C GLY A 199 2.03 -21.89 -11.06
N PHE A 200 2.05 -23.11 -11.58
CA PHE A 200 3.24 -23.91 -11.51
C PHE A 200 3.94 -23.50 -12.78
N VAL A 201 4.98 -22.70 -12.62
CA VAL A 201 5.67 -22.14 -13.77
C VAL A 201 7.02 -22.79 -13.88
N PRO A 202 7.25 -23.42 -15.01
CA PRO A 202 8.55 -24.10 -15.24
C PRO A 202 9.82 -23.36 -14.80
N GLU A 203 10.80 -24.13 -14.39
CA GLU A 203 12.12 -23.71 -14.07
C GLU A 203 12.79 -23.13 -15.27
N GLU A 204 12.43 -23.63 -16.42
CA GLU A 204 12.88 -23.09 -17.63
C GLU A 204 12.49 -21.69 -17.90
N TYR A 205 11.29 -21.31 -17.62
CA TYR A 205 10.82 -19.92 -17.81
C TYR A 205 11.57 -19.00 -16.89
N GLY A 206 11.88 -19.47 -15.69
CA GLY A 206 12.48 -18.61 -14.68
C GLY A 206 11.83 -18.88 -13.37
N GLY A 207 11.05 -19.95 -13.34
CA GLY A 207 10.24 -20.29 -12.16
C GLY A 207 10.67 -21.58 -11.47
N ASP A 208 9.73 -22.12 -10.69
CA ASP A 208 10.01 -22.93 -9.51
C ASP A 208 9.41 -24.34 -9.60
N ALA A 209 8.82 -24.67 -10.75
CA ALA A 209 8.37 -26.03 -11.04
C ALA A 209 9.34 -26.80 -11.97
N ILE A 210 9.42 -28.12 -11.77
CA ILE A 210 10.45 -28.99 -12.37
C ILE A 210 9.80 -29.82 -13.41
N VAL A 211 10.25 -29.70 -14.63
CA VAL A 211 9.47 -30.27 -15.69
C VAL A 211 10.41 -31.15 -16.46
N ILE A 212 10.04 -32.42 -16.56
CA ILE A 212 10.92 -33.49 -17.12
C ILE A 212 10.15 -34.24 -18.15
N PRO A 213 10.45 -33.96 -19.43
CA PRO A 213 9.94 -34.67 -20.63
C PRO A 213 10.38 -36.14 -20.63
N ILE A 214 9.48 -37.07 -20.44
CA ILE A 214 9.79 -38.49 -20.35
C ILE A 214 8.95 -39.34 -21.25
N SER A 215 9.39 -40.56 -21.48
CA SER A 215 8.63 -41.56 -22.15
C SER A 215 8.59 -42.73 -21.22
N ALA A 216 7.57 -43.56 -21.27
CA ALA A 216 7.46 -44.68 -20.37
C ALA A 216 7.62 -46.04 -21.06
N LYS A 217 7.90 -46.04 -22.37
CA LYS A 217 7.90 -47.34 -23.07
C LYS A 217 9.29 -47.67 -23.58
N THR A 218 9.95 -46.62 -24.05
CA THR A 218 11.38 -46.67 -24.31
C THR A 218 12.06 -46.08 -23.09
N GLY A 219 11.23 -45.58 -22.17
CA GLY A 219 11.73 -45.07 -20.91
C GLY A 219 12.75 -43.94 -21.02
N GLN A 220 12.48 -43.08 -21.99
CA GLN A 220 13.25 -41.88 -22.18
C GLN A 220 12.84 -41.01 -21.03
N GLY A 221 13.83 -40.35 -20.44
CA GLY A 221 13.62 -39.54 -19.29
C GLY A 221 13.58 -40.20 -17.98
N VAL A 222 13.44 -41.52 -17.98
CA VAL A 222 13.33 -42.23 -16.72
C VAL A 222 14.63 -41.97 -16.01
N GLN A 223 15.70 -41.91 -16.80
CA GLN A 223 17.01 -42.01 -16.26
C GLN A 223 17.12 -40.89 -15.24
N ASP A 224 16.77 -39.71 -15.77
CA ASP A 224 17.05 -38.43 -15.15
C ASP A 224 16.16 -38.22 -13.97
N LEU A 225 14.93 -38.63 -14.21
CA LEU A 225 13.87 -38.57 -13.24
C LEU A 225 14.52 -39.29 -12.10
N LEU A 226 15.44 -40.21 -12.37
CA LEU A 226 16.26 -40.85 -11.30
C LEU A 226 17.32 -39.95 -10.63
N GLU A 227 18.05 -39.19 -11.45
CA GLU A 227 19.10 -38.25 -11.05
C GLU A 227 18.46 -37.04 -10.41
N MET A 228 17.38 -36.53 -11.02
CA MET A 228 16.69 -35.36 -10.49
C MET A 228 16.32 -35.56 -9.04
N ILE A 229 15.51 -36.62 -8.80
CA ILE A 229 15.01 -36.99 -7.46
C ILE A 229 16.17 -37.10 -6.49
N LEU A 230 17.23 -37.82 -6.88
CA LEU A 230 18.45 -37.92 -6.04
C LEU A 230 18.99 -36.57 -5.68
N LEU A 231 18.94 -35.65 -6.64
CA LEU A 231 19.40 -34.31 -6.39
C LEU A 231 18.56 -33.77 -5.29
N LEU A 232 17.31 -33.90 -5.42
CA LEU A 232 16.41 -33.40 -4.50
C LEU A 232 16.66 -33.98 -3.16
N ALA A 233 17.03 -35.21 -3.13
CA ALA A 233 17.55 -35.83 -1.94
C ALA A 233 18.86 -35.30 -1.44
N GLU A 234 19.77 -34.92 -2.29
CA GLU A 234 20.96 -34.24 -1.81
C GLU A 234 20.75 -32.88 -1.20
N LEU A 235 19.85 -32.15 -1.81
CA LEU A 235 19.50 -30.80 -1.49
C LEU A 235 18.71 -30.63 -0.25
N GLU A 236 18.08 -31.71 0.20
CA GLU A 236 17.53 -31.83 1.54
C GLU A 236 18.03 -33.17 2.10
N ASP A 237 18.95 -33.14 3.07
CA ASP A 237 19.59 -34.35 3.51
C ASP A 237 18.51 -35.11 4.26
N TYR A 238 17.95 -36.10 3.62
CA TYR A 238 16.89 -36.81 4.17
C TYR A 238 17.53 -37.93 4.86
N ARG A 239 17.68 -37.77 6.15
CA ARG A 239 18.47 -38.62 6.96
C ARG A 239 17.67 -39.08 8.14
N ALA A 240 17.80 -40.36 8.44
CA ALA A 240 17.09 -41.05 9.49
C ALA A 240 18.01 -41.85 10.41
N ASP A 241 17.73 -41.74 11.70
CA ASP A 241 18.57 -42.30 12.75
C ASP A 241 17.98 -43.63 13.14
N PRO A 242 18.73 -44.70 12.95
CA PRO A 242 18.18 -46.05 13.08
C PRO A 242 17.66 -46.36 14.47
N ASN A 243 18.40 -45.92 15.49
CA ASN A 243 18.03 -46.20 16.88
C ASN A 243 16.72 -45.59 17.35
N ALA A 244 16.38 -44.46 16.82
CA ALA A 244 15.47 -43.58 17.45
C ALA A 244 14.28 -44.42 17.62
N GLU A 245 13.36 -44.06 18.48
CA GLU A 245 12.31 -44.94 18.81
C GLU A 245 11.96 -45.33 17.46
N PRO A 246 11.65 -46.58 17.22
CA PRO A 246 11.30 -46.93 15.85
C PRO A 246 9.92 -46.43 15.47
N ARG A 247 9.84 -45.90 14.28
CA ARG A 247 8.57 -45.55 13.81
C ARG A 247 8.45 -45.77 12.36
N GLY A 248 7.24 -46.01 11.99
CA GLY A 248 6.86 -46.04 10.57
C GLY A 248 5.45 -45.53 10.28
N VAL A 249 4.90 -46.00 9.16
CA VAL A 249 3.55 -45.72 8.78
C VAL A 249 2.99 -46.97 8.08
N ILE A 250 1.68 -47.03 8.00
CA ILE A 250 1.00 -48.19 7.43
C ILE A 250 0.74 -47.99 5.94
N LEU A 251 1.52 -48.66 5.10
CA LEU A 251 1.28 -48.63 3.65
C LEU A 251 0.00 -49.33 3.20
N GLU A 252 -0.16 -50.56 3.65
CA GLU A 252 -1.23 -51.49 3.26
C GLU A 252 -1.68 -52.46 4.37
N SER A 253 -2.85 -53.08 4.31
CA SER A 253 -3.24 -54.15 5.23
C SER A 253 -4.25 -55.14 4.66
N LYS A 254 -3.94 -56.42 4.80
CA LYS A 254 -4.79 -57.49 4.29
C LYS A 254 -4.89 -58.66 5.28
N LEU A 255 -5.96 -59.42 5.08
CA LEU A 255 -6.18 -60.70 5.69
C LEU A 255 -5.59 -61.74 4.79
N ASP A 256 -4.40 -62.24 5.15
CA ASP A 256 -3.78 -63.22 4.28
C ASP A 256 -4.37 -64.59 4.59
N LYS A 257 -4.72 -65.24 3.51
CA LYS A 257 -5.56 -66.37 3.50
C LYS A 257 -4.90 -67.41 4.33
N GLN A 258 -3.60 -67.53 4.23
CA GLN A 258 -2.92 -68.56 4.99
C GLN A 258 -2.19 -68.05 6.19
N ALA A 259 -1.59 -66.89 6.02
CA ALA A 259 -0.89 -66.20 7.08
C ALA A 259 -1.69 -65.59 8.21
N GLY A 260 -2.83 -65.00 7.90
CA GLY A 260 -3.62 -64.22 8.83
C GLY A 260 -3.49 -62.74 8.51
N ILE A 261 -3.47 -61.90 9.53
CA ILE A 261 -3.39 -60.43 9.33
C ILE A 261 -2.00 -59.99 8.82
N ILE A 262 -1.93 -59.52 7.57
CA ILE A 262 -0.65 -59.06 6.97
C ILE A 262 -0.64 -57.56 6.61
N ALA A 263 0.41 -56.86 7.06
CA ALA A 263 0.41 -55.41 7.01
C ALA A 263 1.67 -54.81 6.49
N ASN A 264 1.66 -54.45 5.20
CA ASN A 264 2.75 -53.66 4.62
C ASN A 264 3.10 -52.36 5.38
N MET A 265 4.35 -52.27 5.81
CA MET A 265 4.89 -50.99 6.39
C MET A 265 6.21 -50.48 5.74
N LEU A 266 6.34 -49.14 5.74
CA LEU A 266 7.52 -48.39 5.34
C LEU A 266 8.15 -47.83 6.63
N VAL A 267 9.46 -47.96 6.77
CA VAL A 267 10.14 -47.53 8.00
C VAL A 267 10.68 -46.10 7.96
N GLN A 268 10.05 -45.20 8.75
CA GLN A 268 10.45 -43.79 8.94
C GLN A 268 11.70 -43.31 9.76
N GLU A 269 11.89 -43.83 10.98
CA GLU A 269 13.06 -43.59 11.78
C GLU A 269 13.08 -44.73 12.71
N GLY A 270 14.22 -45.27 13.03
CA GLY A 270 14.16 -46.38 13.93
C GLY A 270 14.48 -47.63 13.16
N THR A 271 14.82 -48.66 13.91
CA THR A 271 14.99 -49.98 13.36
C THR A 271 14.02 -50.87 14.13
N PHE A 272 13.26 -51.65 13.37
CA PHE A 272 12.25 -52.58 13.88
C PHE A 272 12.84 -53.95 13.79
N ARG A 273 12.71 -54.74 14.84
CA ARG A 273 13.31 -56.04 14.88
C ARG A 273 12.22 -57.02 15.31
N VAL A 274 12.18 -58.18 14.66
CA VAL A 274 11.25 -59.20 15.07
C VAL A 274 11.42 -59.46 16.57
N GLY A 275 10.30 -59.74 17.23
CA GLY A 275 10.26 -59.72 18.68
C GLY A 275 9.93 -58.35 19.25
N ASP A 276 9.84 -57.32 18.43
CA ASP A 276 9.45 -56.00 18.93
C ASP A 276 7.95 -55.94 19.11
N TYR A 277 7.49 -55.41 20.23
CA TYR A 277 6.07 -55.10 20.36
C TYR A 277 5.75 -53.87 19.48
N VAL A 278 4.61 -53.89 18.80
CA VAL A 278 4.15 -52.71 17.98
C VAL A 278 2.67 -52.25 18.15
N VAL A 279 2.45 -50.96 17.85
CA VAL A 279 1.11 -50.30 17.89
C VAL A 279 0.86 -49.33 16.68
N ALA A 280 -0.27 -49.51 15.98
CA ALA A 280 -0.64 -48.74 14.76
C ALA A 280 -2.13 -48.38 14.73
N GLY A 281 -2.47 -47.20 15.22
CA GLY A 281 -3.85 -46.88 15.57
C GLY A 281 -4.41 -47.94 16.51
N GLU A 282 -5.60 -48.45 16.20
CA GLU A 282 -6.33 -49.43 17.03
C GLU A 282 -5.73 -50.80 17.01
N ALA A 283 -4.81 -51.01 16.06
CA ALA A 283 -4.21 -52.29 15.84
C ALA A 283 -2.88 -52.35 16.54
N TYR A 284 -2.65 -53.54 17.14
CA TYR A 284 -1.45 -53.93 17.88
C TYR A 284 -0.95 -55.38 17.59
N GLY A 285 0.29 -55.69 18.02
CA GLY A 285 0.88 -57.02 17.76
C GLY A 285 2.35 -57.12 18.16
N ARG A 286 2.94 -58.27 17.86
CA ARG A 286 4.33 -58.54 18.17
C ARG A 286 4.89 -58.99 16.87
N ILE A 287 5.79 -58.21 16.31
CA ILE A 287 6.29 -58.60 15.04
C ILE A 287 6.80 -59.99 15.23
N ARG A 288 6.20 -60.90 14.50
CA ARG A 288 6.53 -62.31 14.50
C ARG A 288 7.38 -62.70 13.32
N ALA A 289 7.51 -61.78 12.38
CA ALA A 289 8.12 -62.05 11.07
C ALA A 289 8.09 -60.75 10.30
N MET A 290 9.02 -60.64 9.37
CA MET A 290 9.08 -59.51 8.49
C MET A 290 9.72 -59.95 7.23
N MET A 291 9.12 -59.57 6.11
CA MET A 291 9.58 -59.96 4.79
C MET A 291 9.79 -58.74 3.90
N ASP A 292 10.87 -58.74 3.13
CA ASP A 292 11.22 -57.60 2.29
C ASP A 292 11.11 -58.12 0.89
N ALA A 293 10.88 -57.19 -0.02
CA ALA A 293 10.28 -57.52 -1.30
C ALA A 293 11.14 -58.56 -2.01
N ASP A 294 12.44 -58.53 -1.73
CA ASP A 294 13.39 -59.39 -2.43
C ASP A 294 12.92 -60.85 -2.48
N GLY A 295 12.42 -61.29 -1.34
CA GLY A 295 12.01 -62.67 -1.11
C GLY A 295 12.70 -63.20 0.14
N ASN A 296 13.44 -62.35 0.84
CA ASN A 296 14.20 -62.76 2.01
C ASN A 296 13.76 -62.12 3.34
N GLN A 297 13.59 -62.95 4.37
CA GLN A 297 13.14 -62.46 5.68
C GLN A 297 14.17 -61.57 6.33
N ARG A 298 13.66 -60.62 7.08
CA ARG A 298 14.56 -59.73 7.73
C ARG A 298 14.25 -59.74 9.20
N LYS A 299 15.22 -59.43 10.03
CA LYS A 299 14.93 -59.37 11.44
C LYS A 299 15.27 -57.99 11.92
N GLU A 300 15.61 -57.14 10.95
CA GLU A 300 15.90 -55.71 11.15
C GLU A 300 15.21 -54.89 10.01
N ALA A 301 14.52 -53.81 10.35
CA ALA A 301 14.19 -52.86 9.30
C ALA A 301 14.60 -51.45 9.65
N GLY A 302 15.49 -50.95 8.80
CA GLY A 302 16.05 -49.63 8.84
C GLY A 302 15.11 -48.71 8.13
N PRO A 303 15.31 -47.42 8.33
CA PRO A 303 14.41 -46.43 7.79
C PRO A 303 14.50 -46.53 6.32
N GLY A 304 13.38 -46.23 5.66
CA GLY A 304 13.29 -46.24 4.21
C GLY A 304 13.12 -47.66 3.80
N SER A 305 12.73 -48.45 4.79
CA SER A 305 12.54 -49.89 4.49
C SER A 305 11.09 -50.28 4.43
N ALA A 306 10.59 -50.51 3.22
CA ALA A 306 9.30 -51.15 3.09
C ALA A 306 9.46 -52.65 3.43
N VAL A 307 8.72 -53.08 4.47
CA VAL A 307 8.67 -54.49 4.94
C VAL A 307 7.26 -55.04 5.18
N GLN A 308 7.05 -56.32 4.80
CA GLN A 308 5.80 -57.03 5.07
C GLN A 308 5.80 -57.74 6.42
N VAL A 309 5.03 -57.22 7.36
CA VAL A 309 5.06 -57.65 8.77
C VAL A 309 3.90 -58.57 9.10
N LEU A 310 4.23 -59.69 9.74
CA LEU A 310 3.28 -60.72 10.19
C LEU A 310 3.25 -60.88 11.71
N GLY A 311 2.03 -60.99 12.23
CA GLY A 311 1.79 -60.97 13.66
C GLY A 311 1.26 -59.63 14.08
N PHE A 312 -0.06 -59.47 13.89
CA PHE A 312 -0.81 -58.30 14.34
C PHE A 312 -2.20 -58.84 14.70
N GLN A 313 -2.91 -58.15 15.59
CA GLN A 313 -4.14 -58.73 16.05
C GLN A 313 -5.38 -58.13 15.51
N GLU A 314 -5.27 -57.42 14.40
CA GLU A 314 -6.39 -56.71 13.83
C GLU A 314 -5.91 -56.21 12.49
N LEU A 315 -6.74 -55.45 11.80
CA LEU A 315 -6.39 -54.88 10.55
C LEU A 315 -6.10 -53.46 10.78
N PRO A 316 -4.94 -53.00 10.34
CA PRO A 316 -4.63 -51.61 10.64
C PRO A 316 -4.98 -50.79 9.45
N HIS A 317 -5.05 -49.51 9.62
CA HIS A 317 -5.55 -48.66 8.62
C HIS A 317 -4.49 -47.86 8.09
N PRO A 318 -4.62 -47.54 6.84
CA PRO A 318 -3.56 -46.85 6.16
C PRO A 318 -3.46 -45.29 6.18
N GLY A 319 -2.36 -45.05 6.77
CA GLY A 319 -1.61 -43.94 7.24
C GLY A 319 -1.64 -43.85 8.72
N ASP A 320 -1.77 -44.98 9.36
CA ASP A 320 -1.62 -45.09 10.80
C ASP A 320 -0.16 -45.24 11.04
N VAL A 321 0.36 -44.54 12.05
CA VAL A 321 1.78 -44.63 12.38
C VAL A 321 2.03 -45.89 13.18
N VAL A 322 3.04 -46.66 12.78
CA VAL A 322 3.48 -47.78 13.57
C VAL A 322 4.38 -47.25 14.71
N GLU A 323 3.94 -47.43 15.95
CA GLU A 323 4.83 -47.20 17.10
C GLU A 323 5.40 -48.49 17.70
N TRP A 324 6.61 -48.46 18.19
CA TRP A 324 7.18 -49.49 19.03
C TRP A 324 6.77 -49.34 20.47
N VAL A 325 6.55 -50.47 21.13
CA VAL A 325 6.19 -50.48 22.55
C VAL A 325 7.01 -51.56 23.22
N PRO A 326 7.31 -51.40 24.51
CA PRO A 326 8.16 -52.36 25.16
C PRO A 326 7.51 -53.66 25.44
N ASP A 327 6.33 -53.57 26.00
CA ASP A 327 5.46 -54.72 26.25
C ASP A 327 4.10 -54.56 25.55
N LEU A 328 3.46 -55.72 25.40
CA LEU A 328 2.16 -55.87 24.79
C LEU A 328 0.98 -55.47 25.69
N GLU A 329 1.25 -54.84 26.83
CA GLU A 329 0.19 -54.25 27.61
C GLU A 329 0.11 -52.76 27.27
N ALA A 330 1.25 -52.15 26.98
CA ALA A 330 1.23 -50.75 26.57
C ALA A 330 0.58 -50.70 25.17
N ALA A 331 0.99 -51.61 24.29
CA ALA A 331 0.31 -51.77 23.03
C ALA A 331 -1.23 -51.61 23.24
N LYS A 332 -1.78 -52.42 24.15
CA LYS A 332 -3.23 -52.49 24.36
C LYS A 332 -3.83 -51.17 24.86
N GLU A 333 -3.06 -50.46 25.68
CA GLU A 333 -3.49 -49.24 26.34
C GLU A 333 -3.64 -48.06 25.35
N ILE A 334 -2.61 -47.87 24.51
CA ILE A 334 -2.58 -46.86 23.45
C ILE A 334 -3.67 -47.14 22.40
N ALA A 335 -3.63 -48.36 21.86
CA ALA A 335 -4.64 -48.83 20.94
C ALA A 335 -6.06 -48.76 21.49
N GLU A 336 -6.24 -48.79 22.81
CA GLU A 336 -7.57 -48.56 23.38
C GLU A 336 -7.79 -47.15 23.90
N GLU A 337 -6.70 -46.43 24.13
CA GLU A 337 -6.83 -45.01 24.41
C GLU A 337 -7.29 -44.27 23.17
N ARG A 338 -6.70 -44.63 22.03
CA ARG A 338 -7.16 -44.17 20.74
C ARG A 338 -8.62 -44.58 20.46
N LYS A 339 -8.96 -45.82 20.74
CA LYS A 339 -10.28 -46.33 20.36
C LYS A 339 -11.48 -45.72 21.08
N GLU A 340 -11.40 -45.57 22.39
CA GLU A 340 -12.59 -45.13 23.13
C GLU A 340 -12.76 -43.62 22.98
N GLU A 341 -11.86 -43.00 22.23
CA GLU A 341 -12.14 -41.65 21.77
C GLU A 341 -12.91 -41.85 20.50
N ARG A 342 -12.46 -42.70 19.60
CA ARG A 342 -13.26 -42.84 18.38
C ARG A 342 -14.66 -43.33 18.73
N LYS A 343 -14.85 -44.40 19.42
CA LYS A 343 -16.22 -44.66 19.75
C LYS A 343 -16.79 -43.46 20.40
N ALA A 344 -16.08 -42.82 21.33
CA ALA A 344 -16.61 -41.57 21.82
C ALA A 344 -17.11 -40.63 20.70
N ARG A 345 -16.34 -40.44 19.64
CA ARG A 345 -16.85 -39.51 18.65
C ARG A 345 -18.26 -39.98 18.37
N GLU A 346 -18.32 -41.25 18.01
CA GLU A 346 -19.18 -41.80 16.97
C GLU A 346 -20.59 -41.47 17.34
N GLU A 347 -20.85 -41.75 18.62
CA GLU A 347 -22.15 -41.56 19.19
C GLU A 347 -22.35 -40.07 19.04
N GLU A 348 -21.23 -39.32 19.05
CA GLU A 348 -21.40 -37.89 18.94
C GLU A 348 -22.10 -37.50 17.65
N GLU A 349 -21.67 -38.06 16.52
CA GLU A 349 -22.47 -37.90 15.33
C GLU A 349 -23.68 -38.82 15.36
N LYS A 350 -23.50 -39.95 16.04
CA LYS A 350 -24.55 -40.96 16.16
C LYS A 350 -25.74 -40.17 16.61
N ALA A 351 -25.49 -39.06 17.32
CA ALA A 351 -26.52 -38.04 17.38
C ALA A 351 -26.47 -36.81 16.48
N ARG A 352 -25.33 -36.14 16.26
CA ARG A 352 -25.37 -34.85 15.53
C ARG A 352 -26.25 -35.15 14.41
N ARG A 353 -25.91 -36.23 13.70
CA ARG A 353 -26.57 -36.58 12.44
C ARG A 353 -28.08 -36.79 12.56
N PRO A 354 -28.53 -37.39 13.68
CA PRO A 354 -29.99 -37.58 13.86
C PRO A 354 -30.73 -36.25 13.85
N ARG A 355 -30.02 -35.16 14.28
CA ARG A 355 -30.62 -33.81 14.38
C ARG A 355 -30.60 -32.82 13.18
N THR A 356 -29.42 -32.69 12.55
CA THR A 356 -29.25 -31.83 11.40
C THR A 356 -29.21 -32.59 10.09
N MET A 357 -29.15 -33.91 10.17
CA MET A 357 -29.15 -34.76 9.00
C MET A 357 -30.44 -34.59 8.20
N ALA A 358 -31.44 -34.29 8.98
CA ALA A 358 -32.77 -34.09 8.51
C ALA A 358 -33.30 -32.67 8.69
N GLU A 359 -32.43 -31.67 8.80
CA GLU A 359 -32.91 -30.37 9.17
C GLU A 359 -33.90 -29.95 8.09
N LEU A 360 -33.53 -30.24 6.85
CA LEU A 360 -34.31 -29.87 5.68
C LEU A 360 -34.31 -31.02 4.70
N LEU A 361 -34.02 -32.23 5.18
CA LEU A 361 -33.56 -33.30 4.31
C LEU A 361 -32.28 -32.72 3.73
N ARG A 362 -32.11 -32.76 2.42
CA ARG A 362 -31.09 -31.89 1.85
C ARG A 362 -31.46 -30.48 2.36
N ALA A 363 -30.55 -29.89 3.13
CA ALA A 363 -30.89 -28.76 4.00
C ALA A 363 -31.00 -27.51 3.15
N MET A 364 -32.07 -27.44 2.37
CA MET A 364 -32.09 -26.59 1.22
C MET A 364 -32.93 -25.40 1.29
N GLN A 365 -34.14 -25.61 1.77
CA GLN A 365 -35.09 -24.52 1.96
C GLN A 365 -34.32 -23.65 2.90
N GLU A 366 -33.57 -24.33 3.80
CA GLU A 366 -32.69 -23.63 4.72
C GLU A 366 -31.79 -22.84 3.78
N GLU A 367 -31.67 -21.53 4.03
CA GLU A 367 -31.09 -20.55 3.09
C GLU A 367 -29.64 -20.72 2.55
N GLY A 368 -28.67 -20.98 3.42
CA GLY A 368 -27.25 -21.08 3.00
C GLY A 368 -26.24 -20.01 3.37
N ARG A 369 -26.74 -18.84 3.71
CA ARG A 369 -25.99 -17.57 3.81
C ARG A 369 -24.68 -17.44 4.62
N LYS A 370 -24.38 -18.28 5.57
CA LYS A 370 -23.23 -17.97 6.41
C LYS A 370 -21.93 -17.48 5.71
N GLU A 371 -21.41 -16.37 6.18
CA GLU A 371 -20.36 -15.62 5.51
C GLU A 371 -19.04 -15.80 6.17
N LEU A 372 -18.28 -16.80 5.72
CA LEU A 372 -16.93 -17.03 6.19
C LEU A 372 -15.95 -16.46 5.16
N ASN A 373 -15.12 -15.56 5.66
CA ASN A 373 -14.30 -14.73 4.82
C ASN A 373 -12.90 -14.86 5.33
N LEU A 374 -11.98 -15.04 4.40
CA LEU A 374 -10.56 -15.16 4.68
C LEU A 374 -9.74 -14.70 3.54
N ILE A 375 -8.45 -14.57 3.73
CA ILE A 375 -7.56 -14.20 2.64
C ILE A 375 -6.40 -15.19 2.45
N LEU A 376 -5.83 -15.36 1.27
CA LEU A 376 -4.66 -16.22 1.20
C LEU A 376 -3.43 -15.57 0.58
N ARG A 377 -2.31 -15.54 1.32
CA ARG A 377 -0.98 -15.13 0.84
C ARG A 377 -0.03 -16.30 0.77
N ALA A 378 0.73 -16.47 -0.29
CA ALA A 378 1.52 -17.67 -0.46
C ALA A 378 2.90 -17.65 -0.93
N ASP A 379 3.61 -18.76 -0.72
CA ASP A 379 4.90 -18.83 -1.41
C ASP A 379 4.79 -18.64 -2.94
N THR A 380 3.82 -19.32 -3.54
CA THR A 380 3.73 -19.43 -4.97
C THR A 380 2.29 -19.64 -5.33
N GLN A 381 2.00 -19.45 -6.60
CA GLN A 381 0.68 -19.58 -7.11
C GLN A 381 0.60 -21.00 -7.41
N GLY A 382 1.76 -21.52 -7.83
CA GLY A 382 1.90 -22.92 -8.15
C GLY A 382 1.31 -23.60 -6.95
N SER A 383 1.37 -22.94 -5.78
CA SER A 383 0.75 -23.54 -4.63
C SER A 383 -0.24 -22.70 -3.96
N LEU A 384 -0.89 -21.76 -4.63
CA LEU A 384 -1.85 -20.94 -3.90
C LEU A 384 -3.18 -21.43 -4.38
N GLU A 385 -3.14 -21.79 -5.65
CA GLU A 385 -4.16 -22.50 -6.41
C GLU A 385 -4.19 -24.02 -6.14
N ALA A 386 -3.56 -24.43 -5.08
CA ALA A 386 -3.86 -25.70 -4.51
C ALA A 386 -4.53 -25.58 -3.18
N ILE A 387 -4.36 -24.43 -2.52
CA ILE A 387 -5.01 -24.24 -1.22
C ILE A 387 -6.50 -24.20 -1.48
N GLN A 388 -6.87 -23.46 -2.51
CA GLN A 388 -8.27 -23.28 -2.89
C GLN A 388 -8.93 -24.53 -3.44
N HIS A 389 -8.22 -25.24 -4.30
CA HIS A 389 -8.80 -26.35 -5.03
C HIS A 389 -9.37 -27.25 -4.01
N ILE A 390 -8.58 -27.45 -2.96
CA ILE A 390 -8.93 -28.27 -1.80
C ILE A 390 -10.03 -27.65 -0.98
N LEU A 391 -9.91 -26.34 -0.74
CA LEU A 391 -10.86 -25.57 0.05
C LEU A 391 -12.19 -25.58 -0.66
N ALA A 392 -12.16 -25.51 -1.98
CA ALA A 392 -13.37 -25.41 -2.70
C ALA A 392 -14.26 -26.62 -2.63
N ARG A 393 -13.73 -27.79 -2.31
CA ARG A 393 -14.57 -28.98 -2.20
C ARG A 393 -15.34 -28.76 -0.92
N GLU A 394 -14.87 -27.78 -0.16
CA GLU A 394 -15.08 -27.83 1.21
C GLU A 394 -15.71 -26.58 1.73
N SER A 395 -16.92 -26.27 1.27
CA SER A 395 -17.87 -25.54 2.06
C SER A 395 -19.03 -26.41 2.02
N THR A 396 -18.95 -27.53 2.75
CA THR A 396 -19.98 -28.55 2.71
C THR A 396 -20.94 -28.43 3.86
N GLU A 397 -20.76 -27.35 4.64
CA GLU A 397 -21.52 -27.07 5.86
C GLU A 397 -22.28 -25.77 5.74
N ASP A 398 -23.18 -25.53 6.67
CA ASP A 398 -24.28 -24.59 6.51
C ASP A 398 -23.69 -23.30 5.99
N VAL A 399 -22.45 -23.17 6.39
CA VAL A 399 -21.62 -22.05 6.04
C VAL A 399 -20.90 -22.21 4.65
N LYS A 400 -20.63 -21.11 4.00
CA LYS A 400 -19.98 -21.14 2.76
C LYS A 400 -19.00 -20.07 2.96
N ILE A 401 -17.76 -20.39 2.62
CA ILE A 401 -16.61 -19.61 3.02
C ILE A 401 -16.03 -18.81 1.85
N ASN A 402 -15.73 -17.55 2.14
CA ASN A 402 -15.33 -16.60 1.13
C ASN A 402 -13.83 -16.31 1.15
N ILE A 403 -13.23 -16.48 -0.02
CA ILE A 403 -11.84 -16.18 -0.28
C ILE A 403 -11.78 -14.74 -0.78
N LEU A 404 -11.60 -13.79 0.13
CA LEU A 404 -11.83 -12.36 -0.15
C LEU A 404 -10.92 -11.66 -1.18
N LEU A 405 -9.62 -11.91 -1.09
CA LEU A 405 -8.63 -11.46 -2.04
C LEU A 405 -7.62 -12.59 -1.87
N ALA A 406 -7.00 -13.02 -2.94
CA ALA A 406 -5.96 -14.00 -2.84
C ALA A 406 -4.84 -13.35 -3.59
N GLN A 407 -3.66 -13.39 -3.02
CA GLN A 407 -2.46 -12.93 -3.70
C GLN A 407 -1.25 -13.64 -3.18
N VAL A 408 -0.16 -13.44 -3.84
CA VAL A 408 1.02 -14.09 -3.42
C VAL A 408 1.71 -13.31 -2.33
N GLY A 409 2.52 -13.97 -1.48
CA GLY A 409 3.48 -13.34 -0.55
C GLY A 409 3.28 -13.10 0.96
N ALA A 410 4.13 -12.26 1.60
CA ALA A 410 4.00 -11.80 3.00
C ALA A 410 2.93 -10.78 3.10
N PRO A 411 2.37 -10.54 4.30
CA PRO A 411 1.12 -9.76 4.56
C PRO A 411 1.13 -8.20 4.76
N THR A 412 -0.08 -7.62 4.81
CA THR A 412 -0.30 -6.17 4.86
C THR A 412 -0.97 -5.71 6.18
N GLU A 413 -0.47 -4.61 6.73
CA GLU A 413 -1.10 -3.96 7.88
C GLU A 413 -2.52 -3.54 7.50
N SER A 414 -2.72 -3.13 6.27
CA SER A 414 -4.02 -2.79 5.81
C SER A 414 -4.80 -4.04 5.96
N ASP A 415 -4.14 -5.10 5.57
CA ASP A 415 -4.78 -6.41 5.65
C ASP A 415 -5.14 -6.65 7.07
N VAL A 416 -4.25 -6.23 7.97
CA VAL A 416 -4.56 -6.30 9.38
C VAL A 416 -5.75 -5.33 9.51
N LEU A 417 -5.72 -4.19 8.80
CA LEU A 417 -6.82 -3.22 8.71
C LEU A 417 -7.94 -3.76 7.82
N LEU A 418 -7.56 -4.48 6.78
CA LEU A 418 -8.50 -5.06 5.84
C LEU A 418 -9.46 -6.03 6.47
N ALA A 419 -8.95 -6.82 7.39
CA ALA A 419 -9.76 -7.82 8.06
C ALA A 419 -10.98 -7.18 8.70
N GLN A 420 -10.79 -6.01 9.32
CA GLN A 420 -11.92 -5.26 9.95
C GLN A 420 -13.15 -5.05 9.11
N THR A 421 -12.92 -4.46 7.95
CA THR A 421 -13.98 -4.29 7.00
C THR A 421 -14.30 -5.74 6.77
N ALA A 422 -13.25 -6.49 6.58
CA ALA A 422 -13.33 -7.88 6.20
C ALA A 422 -14.00 -8.76 7.26
N ASN A 423 -13.39 -8.74 8.43
CA ASN A 423 -13.46 -9.79 9.43
C ASN A 423 -13.03 -11.10 8.83
N ALA A 424 -12.45 -11.07 7.63
CA ALA A 424 -11.86 -12.25 7.12
C ALA A 424 -10.61 -12.41 7.88
N ALA A 425 -10.35 -13.63 8.19
CA ALA A 425 -9.10 -14.16 8.73
C ALA A 425 -8.02 -14.32 7.66
N ILE A 426 -6.78 -13.97 8.01
CA ILE A 426 -5.62 -14.01 7.11
C ILE A 426 -4.69 -15.23 7.35
N LEU A 427 -4.56 -16.09 6.32
CA LEU A 427 -3.87 -17.40 6.44
C LEU A 427 -2.65 -17.47 5.53
N ALA A 428 -1.55 -18.04 6.00
CA ALA A 428 -0.37 -18.07 5.16
C ALA A 428 0.37 -19.38 5.13
N PHE A 429 0.94 -19.69 3.98
CA PHE A 429 1.74 -20.88 3.82
C PHE A 429 3.07 -20.63 3.08
N GLY A 430 4.25 -20.76 3.67
CA GLY A 430 5.50 -20.62 2.90
C GLY A 430 6.17 -19.27 2.90
N VAL A 431 5.52 -18.40 3.66
CA VAL A 431 6.01 -17.10 4.02
C VAL A 431 5.54 -16.90 5.45
N ASN A 432 6.37 -16.25 6.25
CA ASN A 432 6.03 -15.93 7.64
C ASN A 432 5.71 -14.44 7.80
N PRO A 433 5.01 -14.10 8.85
CA PRO A 433 4.54 -12.75 9.00
C PRO A 433 5.68 -11.76 9.17
N PRO A 434 5.38 -10.45 9.10
CA PRO A 434 6.31 -9.36 9.24
C PRO A 434 6.21 -8.58 10.55
N GLY A 435 7.13 -7.63 10.73
CA GLY A 435 7.60 -7.21 12.04
C GLY A 435 6.54 -6.75 13.00
N SER A 436 5.61 -5.92 12.51
CA SER A 436 4.45 -5.46 13.31
C SER A 436 3.06 -5.85 12.75
N VAL A 437 3.04 -6.79 11.81
CA VAL A 437 1.88 -7.22 11.07
C VAL A 437 1.40 -8.37 11.89
N LYS A 438 2.40 -9.06 12.41
CA LYS A 438 2.22 -9.91 13.56
C LYS A 438 1.90 -8.90 14.65
N LYS A 439 2.60 -7.76 14.65
CA LYS A 439 2.48 -6.76 15.74
C LYS A 439 1.15 -6.01 15.76
N LYS A 440 0.72 -5.54 14.59
CA LYS A 440 -0.58 -5.01 14.41
C LYS A 440 -1.40 -6.17 14.12
N ALA A 441 -0.76 -7.23 13.79
CA ALA A 441 -1.49 -8.38 13.47
C ALA A 441 -2.20 -8.62 14.76
N GLU A 442 -1.44 -8.86 15.83
CA GLU A 442 -1.99 -9.20 17.13
C GLU A 442 -2.67 -8.09 17.89
N GLU A 443 -2.05 -6.93 17.95
CA GLU A 443 -2.66 -5.95 18.78
C GLU A 443 -4.03 -5.79 18.15
N LYS A 444 -4.10 -5.97 16.83
CA LYS A 444 -5.22 -5.53 15.99
C LYS A 444 -6.58 -6.29 15.92
N GLY A 445 -6.72 -7.46 16.57
CA GLY A 445 -8.02 -8.15 16.57
C GLY A 445 -8.23 -9.09 15.39
N VAL A 446 -7.14 -9.41 14.75
CA VAL A 446 -7.14 -10.11 13.47
C VAL A 446 -6.62 -11.53 13.65
N LEU A 447 -7.32 -12.46 13.01
CA LEU A 447 -6.95 -13.86 13.07
C LEU A 447 -5.89 -14.12 12.03
N LEU A 448 -4.65 -14.13 12.47
CA LEU A 448 -3.50 -14.33 11.61
C LEU A 448 -2.99 -15.74 11.84
N LYS A 449 -2.45 -16.37 10.81
CA LYS A 449 -2.00 -17.76 10.95
C LYS A 449 -0.69 -18.01 10.21
N THR A 450 0.17 -18.86 10.74
CA THR A 450 1.26 -19.34 9.89
C THR A 450 1.40 -20.81 10.02
N PHE A 451 1.43 -21.43 8.86
CA PHE A 451 1.34 -22.87 8.76
C PHE A 451 2.56 -23.44 8.07
N ARG A 452 2.93 -24.64 8.54
CA ARG A 452 4.04 -25.41 7.99
C ARG A 452 3.73 -26.07 6.66
N ILE A 453 2.56 -26.71 6.61
CA ILE A 453 2.14 -27.54 5.50
C ILE A 453 0.74 -27.12 5.10
N ILE A 454 0.41 -27.21 3.81
CA ILE A 454 -0.81 -26.56 3.33
C ILE A 454 -2.00 -27.15 4.07
N TYR A 455 -1.96 -28.42 4.38
CA TYR A 455 -3.07 -29.06 5.05
C TYR A 455 -3.28 -28.45 6.39
N ASP A 456 -2.19 -28.32 7.06
CA ASP A 456 -2.26 -27.85 8.41
C ASP A 456 -2.64 -26.38 8.35
N LEU A 457 -2.86 -25.93 7.14
CA LEU A 457 -3.48 -24.67 6.83
C LEU A 457 -4.96 -24.97 6.79
N VAL A 458 -5.28 -26.08 6.13
CA VAL A 458 -6.62 -26.54 5.81
C VAL A 458 -7.48 -27.14 6.93
N ASP A 459 -6.88 -28.04 7.69
CA ASP A 459 -7.58 -28.70 8.77
C ASP A 459 -8.03 -27.55 9.62
N GLU A 460 -7.19 -26.54 9.73
CA GLU A 460 -7.50 -25.39 10.57
C GLU A 460 -8.78 -24.79 10.07
N VAL A 461 -8.91 -24.78 8.74
CA VAL A 461 -10.06 -24.17 8.06
C VAL A 461 -11.27 -24.87 8.62
N ARG A 462 -11.15 -26.18 8.82
CA ARG A 462 -12.26 -26.88 9.43
C ARG A 462 -12.71 -26.26 10.76
N ASN A 463 -11.82 -25.66 11.54
CA ASN A 463 -12.20 -25.07 12.83
C ASN A 463 -13.21 -23.97 12.59
N MET A 464 -13.20 -23.48 11.37
CA MET A 464 -13.82 -22.25 11.00
C MET A 464 -15.21 -22.45 10.47
N VAL A 465 -15.59 -23.70 10.46
CA VAL A 465 -16.96 -24.10 10.29
C VAL A 465 -17.74 -23.80 11.55
N LYS A 466 -17.12 -24.05 12.69
CA LYS A 466 -17.78 -23.77 13.93
C LYS A 466 -17.56 -22.31 14.17
N GLY A 467 -17.76 -21.57 13.10
CA GLY A 467 -18.28 -20.24 13.05
C GLY A 467 -17.34 -19.37 13.78
N GLN A 468 -16.17 -19.91 14.07
CA GLN A 468 -15.32 -19.23 15.01
C GLN A 468 -16.21 -18.73 16.13
N ARG A 469 -17.23 -19.51 16.47
CA ARG A 469 -18.11 -19.09 17.51
C ARG A 469 -18.67 -17.70 17.19
N VAL B 3 28.47 42.38 65.06
CA VAL B 3 28.60 41.36 64.05
C VAL B 3 29.48 41.90 63.01
N ARG B 4 30.25 41.01 62.42
CA ARG B 4 31.20 41.48 61.41
C ARG B 4 30.81 41.14 59.96
N ILE B 5 31.10 42.06 59.06
CA ILE B 5 30.60 42.01 57.71
C ILE B 5 31.01 40.82 56.89
N TYR B 6 32.18 40.26 57.13
CA TYR B 6 32.59 39.13 56.31
C TYR B 6 31.98 37.82 56.77
N GLN B 7 31.20 37.85 57.81
CA GLN B 7 30.46 36.65 58.05
C GLN B 7 29.10 36.86 57.40
N LEU B 8 28.48 38.02 57.62
CA LEU B 8 27.21 38.29 56.93
C LEU B 8 27.26 37.78 55.47
N ALA B 9 28.32 38.15 54.73
CA ALA B 9 28.51 37.69 53.35
C ALA B 9 28.84 36.20 53.26
N LYS B 10 29.46 35.61 54.27
CA LYS B 10 29.70 34.18 54.12
C LYS B 10 28.33 33.58 54.03
N GLU B 11 27.50 33.97 54.97
CA GLU B 11 26.20 33.40 55.17
C GLU B 11 25.25 33.55 53.98
N LEU B 12 25.17 34.74 53.43
CA LEU B 12 24.27 35.01 52.33
C LEU B 12 24.73 34.30 51.11
N GLY B 13 26.00 33.94 51.11
CA GLY B 13 26.65 33.35 49.99
C GLY B 13 27.33 34.37 49.10
N MET B 14 27.10 35.63 49.39
CA MET B 14 27.63 36.71 48.57
C MET B 14 29.13 36.64 48.59
N GLU B 15 29.76 37.49 47.77
CA GLU B 15 31.21 37.52 47.79
C GLU B 15 31.56 38.75 48.46
N CYS B 16 32.85 38.89 48.67
CA CYS B 16 33.29 40.15 49.18
C CYS B 16 33.07 41.45 48.37
N GLN B 17 33.29 41.52 47.10
CA GLN B 17 33.10 42.81 46.51
C GLN B 17 31.68 43.36 46.56
N GLU B 18 30.76 42.50 46.27
CA GLU B 18 29.32 42.67 46.01
C GLU B 18 28.65 43.12 47.28
N LEU B 19 29.19 42.61 48.37
CA LEU B 19 28.65 42.92 49.67
C LEU B 19 28.98 44.35 50.06
N LEU B 20 30.22 44.78 49.86
CA LEU B 20 30.62 46.05 50.43
C LEU B 20 29.85 47.22 49.82
N GLU B 21 29.87 47.26 48.49
CA GLU B 21 29.37 48.42 47.81
C GLU B 21 27.90 48.65 48.15
N LEU B 22 27.10 47.59 48.18
CA LEU B 22 25.67 47.76 48.43
C LEU B 22 25.51 48.40 49.78
N LEU B 23 26.25 47.92 50.76
CA LEU B 23 26.16 48.64 52.02
C LEU B 23 26.31 50.16 51.84
N ASP B 24 27.17 50.61 50.93
CA ASP B 24 27.35 52.05 50.70
C ASP B 24 26.03 52.78 50.37
N GLN B 25 25.05 52.01 49.90
CA GLN B 25 23.92 52.49 49.11
C GLN B 25 23.10 53.67 49.63
N MET B 26 22.67 53.71 50.88
CA MET B 26 22.02 54.96 51.26
C MET B 26 22.80 55.50 52.36
N GLY B 27 23.01 54.61 53.32
CA GLY B 27 23.39 54.99 54.67
C GLY B 27 24.53 54.21 55.21
N VAL B 28 25.53 54.01 54.37
CA VAL B 28 26.57 53.11 54.78
C VAL B 28 27.90 53.83 54.78
N ALA B 29 28.49 53.91 55.97
CA ALA B 29 29.92 54.14 55.97
C ALA B 29 30.57 53.01 56.77
N TYR B 30 31.52 52.31 56.14
CA TYR B 30 32.26 51.24 56.80
C TYR B 30 33.74 51.39 56.43
N LYS B 31 34.63 51.36 57.42
CA LYS B 31 36.07 51.46 57.19
C LYS B 31 36.62 50.32 56.35
N SER B 32 36.07 49.14 56.55
CA SER B 32 36.46 47.96 55.76
C SER B 32 35.57 46.74 55.99
N HIS B 33 35.88 45.65 55.28
CA HIS B 33 35.15 44.40 55.36
C HIS B 33 35.22 43.68 56.70
N ALA B 34 35.73 44.37 57.74
CA ALA B 34 35.67 43.77 59.06
C ALA B 34 34.86 44.60 60.06
N SER B 35 34.28 45.69 59.58
CA SER B 35 33.47 46.58 60.42
C SER B 35 32.12 46.00 60.80
N THR B 36 31.83 46.02 62.08
CA THR B 36 30.62 45.40 62.63
C THR B 36 29.30 46.11 62.26
N LEU B 37 28.28 45.28 62.03
CA LEU B 37 26.96 45.73 61.60
C LEU B 37 25.92 45.75 62.70
N GLU B 38 25.23 46.88 62.83
CA GLU B 38 24.05 46.97 63.69
C GLU B 38 23.07 45.87 63.25
N GLU B 39 22.41 45.22 64.22
CA GLU B 39 21.53 44.12 63.86
C GLU B 39 20.55 44.54 62.79
N LYS B 40 19.92 45.70 62.97
CA LYS B 40 18.91 46.13 62.02
C LYS B 40 19.56 46.23 60.65
N ASP B 41 20.72 46.88 60.57
CA ASP B 41 21.35 47.05 59.28
C ASP B 41 21.68 45.71 58.63
N ALA B 42 22.12 44.76 59.45
CA ALA B 42 22.34 43.39 58.99
C ALA B 42 21.06 42.69 58.54
N GLU B 43 19.99 42.72 59.35
CA GLU B 43 18.71 42.18 58.89
C GLU B 43 18.07 43.01 57.78
N ALA B 44 18.06 44.34 57.93
CA ALA B 44 17.60 45.22 56.85
C ALA B 44 18.40 45.00 55.55
N VAL B 45 19.63 44.50 55.70
CA VAL B 45 20.40 44.01 54.55
C VAL B 45 19.82 42.68 54.04
N ARG B 46 19.76 41.68 54.93
CA ARG B 46 19.18 40.36 54.60
C ARG B 46 17.90 40.47 53.80
N GLU B 47 17.12 41.51 54.11
CA GLU B 47 15.94 41.84 53.33
C GLU B 47 16.18 42.57 52.01
N LEU B 48 17.10 43.51 51.97
CA LEU B 48 17.33 44.24 50.73
C LEU B 48 18.25 43.42 49.82
N VAL B 49 18.53 42.20 50.28
CA VAL B 49 19.26 41.18 49.54
C VAL B 49 18.31 40.21 48.86
N LYS B 50 17.29 39.74 49.57
CA LYS B 50 16.27 38.88 48.94
C LYS B 50 15.42 39.66 47.94
N GLU B 51 14.92 40.83 48.34
CA GLU B 51 14.11 41.59 47.38
C GLU B 51 14.84 41.63 46.02
N GLN B 52 16.02 42.25 46.00
CA GLN B 52 16.81 42.38 44.78
C GLN B 52 17.47 41.07 44.31
N ARG B 53 17.28 39.98 45.08
CA ARG B 53 17.58 38.62 44.63
C ARG B 53 16.37 37.98 43.92
N GLY B 54 15.21 37.98 44.58
CA GLY B 54 13.95 37.48 43.98
C GLY B 54 13.77 38.04 42.56
N LEU B 55 14.10 39.32 42.40
CA LEU B 55 14.03 40.00 41.13
C LEU B 55 15.03 39.46 40.09
N GLN B 56 16.05 38.75 40.56
CA GLN B 56 16.97 38.05 39.68
C GLN B 56 16.33 36.82 39.11
N GLU B 57 15.48 36.17 39.89
CA GLU B 57 14.79 35.00 39.39
C GLU B 57 13.99 35.40 38.18
N LYS B 58 13.34 36.56 38.28
CA LYS B 58 12.59 37.08 37.15
C LYS B 58 13.52 37.21 35.96
N LEU B 59 14.63 37.94 36.14
CA LEU B 59 15.65 38.12 35.09
C LEU B 59 16.29 36.80 34.60
N ALA B 60 16.19 35.73 35.41
CA ALA B 60 16.55 34.39 34.96
C ALA B 60 15.40 33.75 34.13
N GLU B 61 14.18 33.87 34.62
CA GLU B 61 13.06 33.34 33.90
C GLU B 61 12.86 34.18 32.66
N GLU B 62 12.87 35.49 32.85
CA GLU B 62 12.43 36.48 31.85
C GLU B 62 13.22 36.06 30.67
N GLU B 63 14.36 35.48 31.00
CA GLU B 63 15.44 35.16 30.07
C GLU B 63 15.45 33.72 29.62
N ARG B 64 14.76 32.86 30.37
CA ARG B 64 14.43 31.54 29.91
C ARG B 64 13.37 31.60 28.80
N ARG B 65 12.28 32.28 29.02
CA ARG B 65 11.27 32.11 28.02
C ARG B 65 11.94 32.46 26.68
N LYS B 66 12.77 33.49 26.66
CA LYS B 66 13.39 33.96 25.44
C LYS B 66 14.31 32.93 24.83
N SER B 67 14.69 31.94 25.64
CA SER B 67 15.68 30.88 25.30
C SER B 67 15.41 29.71 24.31
N LEU B 68 14.19 29.18 24.35
CA LEU B 68 13.87 27.78 23.97
C LEU B 68 13.91 27.35 22.52
N PRO B 69 13.98 26.03 22.32
CA PRO B 69 14.07 25.43 21.00
C PRO B 69 12.90 25.87 20.11
N ARG B 70 13.09 25.82 18.80
CA ARG B 70 12.05 26.17 17.87
C ARG B 70 10.94 25.14 17.91
N ARG B 71 9.66 25.54 17.97
CA ARG B 71 8.63 24.58 17.70
C ARG B 71 8.37 24.84 16.20
N PRO B 72 7.73 23.90 15.46
CA PRO B 72 7.60 24.05 14.00
C PRO B 72 6.18 24.65 13.72
N PRO B 73 5.99 25.41 12.60
CA PRO B 73 4.77 26.22 12.45
C PRO B 73 3.54 25.39 12.18
N VAL B 74 2.37 25.79 12.72
CA VAL B 74 1.18 24.98 12.45
C VAL B 74 0.44 25.68 11.36
N VAL B 75 -0.26 24.92 10.53
CA VAL B 75 -0.80 25.57 9.32
C VAL B 75 -2.08 24.85 9.07
N VAL B 76 -2.91 25.45 8.27
CA VAL B 76 -4.08 24.79 7.90
C VAL B 76 -4.30 25.31 6.49
N ILE B 77 -4.94 24.51 5.66
CA ILE B 77 -5.19 24.82 4.28
C ILE B 77 -6.69 24.95 4.13
N MET B 78 -7.17 26.10 3.74
CA MET B 78 -8.56 26.46 3.82
C MET B 78 -9.12 26.98 2.50
N GLY B 79 -10.41 27.14 2.36
CA GLY B 79 -10.86 27.70 1.12
C GLY B 79 -12.19 27.09 0.67
N HIS B 80 -12.72 27.57 -0.49
CA HIS B 80 -13.88 26.99 -1.16
C HIS B 80 -13.61 25.55 -1.44
N VAL B 81 -14.61 24.74 -1.08
CA VAL B 81 -14.56 23.30 -1.06
C VAL B 81 -14.00 22.71 -2.37
N ASP B 82 -14.05 23.48 -3.45
CA ASP B 82 -13.62 22.94 -4.71
C ASP B 82 -12.48 23.63 -5.42
N HIS B 83 -11.88 24.62 -4.77
CA HIS B 83 -10.82 25.37 -5.45
C HIS B 83 -9.52 24.64 -5.48
N GLY B 84 -9.34 23.69 -4.57
CA GLY B 84 -8.09 22.90 -4.57
C GLY B 84 -7.41 22.65 -3.23
N LYS B 85 -7.96 23.13 -2.12
CA LYS B 85 -7.23 22.99 -0.86
C LYS B 85 -7.12 21.53 -0.69
N THR B 86 -8.23 20.86 -0.85
CA THR B 86 -8.11 19.42 -0.70
C THR B 86 -6.98 18.92 -1.57
N THR B 87 -6.97 19.36 -2.83
CA THR B 87 -5.92 18.95 -3.73
C THR B 87 -4.53 19.47 -3.34
N LEU B 88 -4.40 20.65 -2.71
CA LEU B 88 -3.04 21.16 -2.37
C LEU B 88 -2.47 20.34 -1.24
N LEU B 89 -3.37 19.87 -0.38
CA LEU B 89 -3.03 19.16 0.86
C LEU B 89 -2.54 17.75 0.58
N ASP B 90 -3.39 16.93 -0.02
CA ASP B 90 -3.11 15.50 -0.21
C ASP B 90 -1.78 15.33 -0.95
N TYR B 91 -1.56 16.27 -1.89
CA TYR B 91 -0.27 16.55 -2.52
C TYR B 91 0.87 16.70 -1.50
N LEU B 92 0.62 17.31 -0.35
CA LEU B 92 1.69 17.54 0.64
C LEU B 92 1.88 16.32 1.58
N ARG B 93 1.00 15.32 1.44
CA ARG B 93 0.96 14.12 2.31
C ARG B 93 1.66 12.93 1.66
N LYS B 94 1.55 12.87 0.34
CA LYS B 94 2.30 11.93 -0.48
C LYS B 94 3.52 12.69 -0.96
N SER B 95 3.83 13.77 -0.26
CA SER B 95 5.06 14.50 -0.49
C SER B 95 6.05 14.28 0.65
N ARG B 96 5.52 13.89 1.82
CA ARG B 96 6.26 13.75 3.11
C ARG B 96 7.15 12.54 3.51
N ILE B 97 6.74 11.29 3.31
CA ILE B 97 7.66 10.25 3.74
C ILE B 97 8.30 9.55 2.56
N ALA B 98 8.95 8.42 2.83
CA ALA B 98 9.63 7.63 1.82
C ALA B 98 8.75 7.31 0.61
N THR B 106 -2.03 6.59 4.92
CA THR B 106 -1.81 5.44 5.79
C THR B 106 -2.62 5.56 7.08
N GLN B 107 -2.37 6.62 7.82
CA GLN B 107 -2.92 6.78 9.15
C GLN B 107 -3.49 8.19 9.38
N HIS B 108 -4.31 8.34 10.40
CA HIS B 108 -4.78 9.65 10.75
C HIS B 108 -4.48 9.97 12.19
N VAL B 109 -3.66 10.98 12.39
CA VAL B 109 -3.45 11.58 13.69
C VAL B 109 -4.11 12.94 13.65
N GLY B 110 -4.82 13.19 12.55
CA GLY B 110 -5.32 14.52 12.24
C GLY B 110 -4.33 15.54 11.72
N ALA B 111 -3.02 15.32 11.88
CA ALA B 111 -1.97 16.30 11.41
C ALA B 111 -0.62 15.75 10.91
N PHE B 112 -0.35 15.89 9.62
CA PHE B 112 0.89 15.41 9.03
C PHE B 112 2.03 16.39 8.89
N GLU B 113 3.19 15.87 9.11
CA GLU B 113 4.39 16.60 9.12
C GLU B 113 5.01 16.53 7.79
N VAL B 114 5.55 17.64 7.36
CA VAL B 114 6.44 17.66 6.23
C VAL B 114 7.71 18.33 6.57
N LYS B 115 8.82 17.62 6.51
CA LYS B 115 10.08 18.19 6.84
C LYS B 115 10.92 18.37 5.64
N THR B 116 11.45 19.58 5.56
CA THR B 116 12.30 20.03 4.52
C THR B 116 13.43 20.50 5.32
N PRO B 117 14.57 20.53 4.72
CA PRO B 117 15.76 20.92 5.41
C PRO B 117 15.66 22.35 5.91
N GLN B 118 14.90 23.13 5.20
CA GLN B 118 14.65 24.48 5.55
C GLN B 118 13.97 24.56 6.89
N GLY B 119 13.14 23.59 7.17
CA GLY B 119 12.53 23.51 8.45
C GLY B 119 11.42 22.56 8.37
N THR B 120 10.61 22.47 9.41
CA THR B 120 9.45 21.60 9.47
C THR B 120 8.19 22.37 9.68
N VAL B 121 7.21 22.03 8.89
CA VAL B 121 5.86 22.46 9.02
C VAL B 121 4.88 21.31 9.19
N VAL B 122 4.18 21.31 10.28
CA VAL B 122 3.00 20.50 10.40
C VAL B 122 1.74 21.15 9.85
N PHE B 123 1.11 20.33 9.00
CA PHE B 123 -0.04 20.68 8.20
C PHE B 123 -1.15 19.70 8.52
N ILE B 124 -2.22 20.28 9.04
CA ILE B 124 -3.36 19.61 9.56
C ILE B 124 -4.10 18.91 8.44
N ASP B 125 -4.17 17.59 8.49
CA ASP B 125 -4.94 16.79 7.53
C ASP B 125 -6.47 16.77 7.63
N THR B 126 -7.03 16.69 8.85
CA THR B 126 -8.46 16.38 9.04
C THR B 126 -9.44 17.55 8.97
N PRO B 127 -10.67 17.23 8.61
CA PRO B 127 -11.79 18.19 8.68
C PRO B 127 -13.18 17.57 8.88
N THR B 133 -14.66 25.58 12.94
CA THR B 133 -15.98 25.92 12.38
C THR B 133 -17.00 26.32 13.46
N THR B 134 -16.85 25.69 14.62
CA THR B 134 -17.57 26.00 15.80
C THR B 134 -16.81 27.15 16.47
N ILE B 135 -17.49 27.93 17.28
CA ILE B 135 -16.82 28.92 18.06
C ILE B 135 -15.77 28.26 18.93
N ARG B 136 -16.09 27.08 19.46
CA ARG B 136 -15.23 26.50 20.48
C ARG B 136 -13.82 26.13 19.98
N GLN B 137 -13.72 25.55 18.78
CA GLN B 137 -12.38 25.28 18.27
C GLN B 137 -11.57 26.53 18.03
N ARG B 138 -12.22 27.51 17.41
CA ARG B 138 -11.60 28.76 17.00
C ARG B 138 -11.09 29.54 18.21
N GLY B 139 -11.61 29.16 19.37
CA GLY B 139 -11.08 29.57 20.65
C GLY B 139 -9.74 28.98 21.05
N ALA B 140 -9.40 27.76 20.65
CA ALA B 140 -8.11 27.15 21.00
C ALA B 140 -7.17 27.25 19.84
N LYS B 141 -6.00 27.85 20.05
CA LYS B 141 -5.18 28.36 18.98
C LYS B 141 -4.30 27.34 18.33
N VAL B 142 -4.90 26.41 17.61
CA VAL B 142 -4.12 25.36 17.03
C VAL B 142 -3.12 25.78 16.01
N ALA B 143 -3.52 26.52 14.99
CA ALA B 143 -2.49 26.85 13.99
C ALA B 143 -1.97 28.25 14.16
N ASP B 144 -0.98 28.47 13.32
CA ASP B 144 0.03 29.53 13.32
C ASP B 144 -0.10 30.31 12.04
N ILE B 145 -0.41 29.53 11.02
CA ILE B 145 -0.74 30.02 9.64
C ILE B 145 -1.99 29.41 8.93
N ALA B 146 -2.63 30.22 8.11
CA ALA B 146 -3.76 29.79 7.25
C ALA B 146 -3.44 29.99 5.77
N VAL B 147 -3.55 28.93 4.99
CA VAL B 147 -3.43 29.06 3.54
C VAL B 147 -4.87 29.18 2.99
N ILE B 148 -5.18 30.32 2.37
CA ILE B 148 -6.49 30.45 1.74
C ILE B 148 -6.21 30.09 0.31
N VAL B 149 -6.65 28.89 -0.10
CA VAL B 149 -6.37 28.45 -1.46
C VAL B 149 -7.57 28.83 -2.26
N ILE B 150 -7.38 29.93 -3.01
CA ILE B 150 -8.40 30.56 -3.90
C ILE B 150 -8.25 30.10 -5.36
N ALA B 151 -9.30 29.68 -6.06
CA ALA B 151 -9.22 29.47 -7.53
C ALA B 151 -9.10 30.81 -8.31
N ALA B 152 -8.33 30.75 -9.39
CA ALA B 152 -8.14 31.96 -10.19
C ALA B 152 -9.18 32.00 -11.32
N ASP B 153 -9.77 30.85 -11.56
CA ASP B 153 -10.95 30.54 -12.38
C ASP B 153 -12.32 31.08 -11.94
N ASP B 154 -12.56 31.01 -10.65
CA ASP B 154 -13.81 31.44 -10.04
C ASP B 154 -13.61 32.65 -9.14
N GLY B 155 -12.44 32.79 -8.55
CA GLY B 155 -12.15 33.88 -7.57
C GLY B 155 -12.80 33.84 -6.17
N ILE B 156 -13.06 35.02 -5.64
CA ILE B 156 -13.65 35.14 -4.33
C ILE B 156 -15.16 34.89 -4.31
N MET B 157 -15.52 33.84 -3.53
CA MET B 157 -16.87 33.31 -3.35
C MET B 157 -17.01 33.20 -1.85
N PRO B 158 -18.23 32.84 -1.34
CA PRO B 158 -18.44 32.74 0.12
C PRO B 158 -17.76 31.58 0.81
N GLN B 159 -17.25 30.60 0.09
CA GLN B 159 -16.41 29.63 0.80
C GLN B 159 -15.01 30.18 1.10
N THR B 160 -14.48 30.98 0.20
CA THR B 160 -13.37 31.85 0.55
C THR B 160 -13.61 32.79 1.75
N GLU B 161 -14.68 33.56 1.65
CA GLU B 161 -14.94 34.66 2.57
C GLU B 161 -15.00 34.05 3.94
N GLU B 162 -15.53 32.84 4.02
CA GLU B 162 -15.66 32.14 5.30
C GLU B 162 -14.32 31.77 5.90
N ALA B 163 -13.42 31.27 5.12
CA ALA B 163 -12.15 30.81 5.60
C ALA B 163 -11.26 31.84 6.20
N ILE B 164 -11.23 32.99 5.57
CA ILE B 164 -10.49 34.14 5.99
C ILE B 164 -10.95 34.75 7.27
N ALA B 165 -12.22 34.86 7.42
CA ALA B 165 -12.81 35.31 8.64
C ALA B 165 -12.60 34.47 9.85
N HIS B 166 -12.74 33.21 9.64
CA HIS B 166 -12.51 32.19 10.55
C HIS B 166 -11.08 32.00 10.93
N ALA B 167 -10.24 32.10 9.97
CA ALA B 167 -8.85 32.28 10.24
C ALA B 167 -8.38 33.52 10.96
N LYS B 168 -8.87 34.69 10.63
CA LYS B 168 -8.68 35.90 11.38
C LYS B 168 -9.23 35.84 12.77
N ALA B 169 -10.31 35.15 12.98
CA ALA B 169 -10.86 35.07 14.28
C ALA B 169 -9.97 34.48 15.30
N ALA B 170 -9.35 33.39 14.91
CA ALA B 170 -8.56 32.54 15.71
C ALA B 170 -7.11 32.77 15.57
N GLY B 171 -6.75 33.93 15.08
CA GLY B 171 -5.39 34.40 14.94
C GLY B 171 -4.28 33.73 14.20
N ALA B 172 -4.53 33.40 12.96
CA ALA B 172 -3.53 32.86 12.10
C ALA B 172 -3.02 33.92 11.25
N LYS B 173 -1.79 33.74 10.83
CA LYS B 173 -1.12 34.40 9.76
C LYS B 173 -1.71 34.04 8.41
N LEU B 174 -1.93 34.98 7.54
CA LEU B 174 -2.52 34.64 6.29
C LEU B 174 -1.63 34.62 5.03
N ILE B 175 -1.77 33.56 4.28
CA ILE B 175 -1.28 33.48 2.92
C ILE B 175 -2.37 33.10 2.00
N PHE B 176 -2.39 33.74 0.87
CA PHE B 176 -3.17 33.41 -0.25
C PHE B 176 -2.25 32.90 -1.29
N ALA B 177 -2.48 31.68 -1.71
CA ALA B 177 -1.83 31.08 -2.86
C ALA B 177 -2.88 31.04 -3.92
N ILE B 178 -2.68 31.70 -5.06
CA ILE B 178 -3.71 31.76 -6.07
C ILE B 178 -3.66 30.51 -6.87
N ASN B 179 -4.78 29.81 -6.99
CA ASN B 179 -4.63 28.56 -7.70
C ASN B 179 -5.35 28.53 -9.00
N LYS B 180 -5.08 27.44 -9.72
CA LYS B 180 -5.49 27.27 -11.11
C LYS B 180 -4.99 28.51 -11.85
N ILE B 181 -3.69 28.77 -11.71
CA ILE B 181 -2.94 29.69 -12.56
C ILE B 181 -2.82 29.08 -13.95
N ASP B 182 -2.58 27.77 -13.96
CA ASP B 182 -2.30 27.02 -15.18
C ASP B 182 -3.45 27.07 -16.16
N LEU B 183 -4.67 27.08 -15.62
CA LEU B 183 -5.85 27.03 -16.48
C LEU B 183 -5.87 28.25 -17.39
N PRO B 184 -6.20 28.00 -18.64
CA PRO B 184 -6.25 29.05 -19.67
C PRO B 184 -6.92 30.35 -19.23
N GLN B 185 -8.03 30.24 -18.50
CA GLN B 185 -8.92 31.36 -18.22
C GLN B 185 -8.72 32.15 -16.92
N ALA B 186 -7.70 31.80 -16.14
CA ALA B 186 -7.52 32.41 -14.82
C ALA B 186 -7.25 33.92 -14.86
N ASP B 187 -7.84 34.64 -13.92
CA ASP B 187 -7.64 36.10 -13.79
C ASP B 187 -7.00 36.50 -12.45
N PRO B 188 -5.74 36.08 -12.22
CA PRO B 188 -5.17 36.39 -10.90
C PRO B 188 -5.37 37.87 -10.51
N GLU B 189 -5.37 38.73 -11.51
CA GLU B 189 -5.51 40.15 -11.29
C GLU B 189 -6.85 40.52 -10.70
N LYS B 190 -7.91 39.79 -11.06
CA LYS B 190 -9.21 39.97 -10.45
C LYS B 190 -9.03 39.63 -9.00
N VAL B 191 -8.82 38.33 -8.74
CA VAL B 191 -8.64 37.82 -7.38
C VAL B 191 -7.92 38.86 -6.53
N LYS B 192 -6.75 39.28 -6.99
CA LYS B 192 -5.99 40.31 -6.29
C LYS B 192 -6.84 41.54 -6.03
N ARG B 193 -7.62 41.94 -6.99
CA ARG B 193 -8.36 43.16 -6.88
C ARG B 193 -9.38 43.06 -5.83
N GLN B 194 -9.98 41.89 -5.76
CA GLN B 194 -11.01 41.45 -4.84
C GLN B 194 -10.58 41.43 -3.41
N LEU B 195 -9.38 40.98 -3.20
CA LEU B 195 -8.58 41.06 -1.96
C LEU B 195 -8.40 42.52 -1.47
N MET B 196 -7.84 43.38 -2.31
CA MET B 196 -7.71 44.76 -1.92
C MET B 196 -9.07 45.38 -1.62
N GLU B 197 -10.07 45.01 -2.39
CA GLU B 197 -11.40 45.54 -2.14
C GLU B 197 -11.76 45.14 -0.72
N ARG B 198 -11.33 43.95 -0.31
CA ARG B 198 -11.74 43.42 0.98
C ARG B 198 -10.77 43.55 2.13
N GLY B 199 -9.77 44.44 2.08
CA GLY B 199 -9.00 44.72 3.32
C GLY B 199 -7.53 44.33 3.29
N PHE B 200 -7.19 43.49 2.32
CA PHE B 200 -5.84 42.97 2.08
C PHE B 200 -5.13 43.40 0.84
N VAL B 201 -4.17 44.27 1.00
CA VAL B 201 -3.42 44.82 -0.11
C VAL B 201 -2.16 43.98 -0.21
N PRO B 202 -1.88 43.42 -1.41
CA PRO B 202 -0.72 42.59 -1.61
C PRO B 202 0.60 43.34 -1.39
N GLU B 203 1.67 42.61 -1.13
CA GLU B 203 2.94 43.22 -0.92
C GLU B 203 3.31 44.05 -2.16
N GLU B 204 2.99 43.57 -3.32
CA GLU B 204 3.61 44.15 -4.45
C GLU B 204 2.86 45.32 -4.94
N TYR B 205 1.86 45.72 -4.25
CA TYR B 205 1.24 46.95 -4.63
C TYR B 205 1.47 47.94 -3.52
N GLY B 206 2.26 47.48 -2.55
CA GLY B 206 2.82 48.16 -1.41
C GLY B 206 2.08 47.78 -0.18
N GLY B 207 1.70 46.50 -0.07
CA GLY B 207 0.71 46.05 0.94
C GLY B 207 1.27 45.15 2.02
N ASP B 208 0.44 44.74 3.00
CA ASP B 208 0.81 43.66 3.95
C ASP B 208 0.39 42.24 3.49
N ALA B 209 -0.34 42.14 2.39
CA ALA B 209 -0.96 40.83 2.06
C ALA B 209 -0.12 39.91 1.13
N ILE B 210 0.53 38.94 1.75
CA ILE B 210 1.20 37.84 1.06
C ILE B 210 0.37 37.19 -0.05
N VAL B 211 0.83 37.19 -1.28
CA VAL B 211 0.16 36.49 -2.36
C VAL B 211 1.00 35.43 -3.04
N ILE B 212 0.57 34.17 -2.94
CA ILE B 212 1.24 33.08 -3.61
C ILE B 212 0.27 32.39 -4.57
N PRO B 213 0.67 32.23 -5.82
CA PRO B 213 -0.16 31.54 -6.80
C PRO B 213 0.44 30.17 -7.08
N ILE B 214 -0.35 29.13 -6.85
CA ILE B 214 0.15 27.77 -7.02
C ILE B 214 -0.84 26.86 -7.74
N SER B 215 -0.29 25.92 -8.49
CA SER B 215 -1.06 24.87 -9.12
C SER B 215 -0.81 23.66 -8.24
N ALA B 216 -1.88 23.09 -7.69
CA ALA B 216 -1.74 21.94 -6.83
C ALA B 216 -1.92 20.59 -7.58
N LYS B 217 -2.43 20.67 -8.80
CA LYS B 217 -2.43 19.54 -9.70
C LYS B 217 -1.04 19.12 -10.18
N THR B 218 -0.24 20.11 -10.56
CA THR B 218 1.14 19.95 -10.98
C THR B 218 2.11 20.26 -9.85
N GLY B 219 1.72 21.15 -8.95
CA GLY B 219 2.56 21.50 -7.81
C GLY B 219 3.45 22.74 -7.89
N GLN B 220 3.33 23.51 -8.98
CA GLN B 220 4.08 24.80 -9.15
C GLN B 220 3.78 25.70 -7.95
N GLY B 221 4.77 26.50 -7.53
CA GLY B 221 4.61 27.43 -6.38
C GLY B 221 4.37 26.87 -4.98
N VAL B 222 4.22 25.54 -4.89
CA VAL B 222 4.29 24.77 -3.63
C VAL B 222 5.66 24.92 -2.96
N GLN B 223 6.70 24.98 -3.74
CA GLN B 223 8.01 25.21 -3.20
C GLN B 223 8.25 26.55 -2.53
N ASP B 224 7.85 27.64 -3.14
CA ASP B 224 7.78 28.96 -2.46
C ASP B 224 6.87 28.96 -1.24
N LEU B 225 5.73 28.30 -1.37
CA LEU B 225 4.70 28.29 -0.33
C LEU B 225 5.20 27.82 1.04
N LEU B 226 5.80 26.64 1.06
CA LEU B 226 6.55 26.16 2.22
C LEU B 226 7.71 27.09 2.64
N GLU B 227 8.59 27.46 1.71
CA GLU B 227 9.69 28.40 2.02
C GLU B 227 9.27 29.73 2.71
N MET B 228 8.13 30.27 2.23
CA MET B 228 7.44 31.42 2.83
C MET B 228 6.87 31.08 4.21
N ILE B 229 6.39 29.85 4.31
CA ILE B 229 5.82 29.43 5.56
C ILE B 229 6.95 29.53 6.56
N LEU B 230 7.97 28.70 6.35
CA LEU B 230 9.08 28.62 7.32
C LEU B 230 9.76 29.98 7.69
N LEU B 231 10.03 30.85 6.69
CA LEU B 231 10.34 32.27 6.99
C LEU B 231 9.36 32.94 7.99
N LEU B 232 8.05 32.83 7.77
CA LEU B 232 7.10 33.44 8.71
C LEU B 232 7.39 33.04 10.15
N ALA B 233 7.70 31.75 10.34
CA ALA B 233 7.94 31.21 11.69
C ALA B 233 9.20 31.89 12.15
N GLU B 234 10.12 32.13 11.23
CA GLU B 234 11.47 32.46 11.66
C GLU B 234 11.61 33.82 12.25
N LEU B 235 11.08 34.83 11.56
CA LEU B 235 10.91 36.16 12.13
C LEU B 235 9.85 36.19 13.23
N GLU B 236 8.75 35.49 12.98
CA GLU B 236 7.71 35.28 13.96
C GLU B 236 8.24 34.57 15.19
N ASP B 237 9.37 33.86 15.05
CA ASP B 237 10.07 33.21 16.17
C ASP B 237 9.31 32.26 17.11
N TYR B 238 8.60 31.26 16.57
CA TYR B 238 7.71 30.46 17.37
C TYR B 238 8.59 29.51 18.20
N ARG B 239 8.51 29.62 19.52
CA ARG B 239 9.32 28.78 20.41
C ARG B 239 8.50 28.17 21.54
N ALA B 240 8.76 26.91 21.85
CA ALA B 240 8.07 26.23 22.94
C ALA B 240 9.05 25.57 23.89
N ASP B 241 8.77 25.64 25.20
CA ASP B 241 9.55 24.94 26.18
C ASP B 241 9.00 23.52 26.34
N PRO B 242 9.69 22.54 25.74
CA PRO B 242 9.34 21.12 25.88
C PRO B 242 9.54 20.51 27.29
N ASN B 243 9.75 21.37 28.26
CA ASN B 243 9.79 21.01 29.64
C ASN B 243 8.91 21.85 30.53
N ALA B 244 7.90 22.50 29.98
CA ALA B 244 6.88 23.19 30.74
C ALA B 244 5.83 22.11 31.04
N GLU B 245 4.90 22.40 31.92
CA GLU B 245 3.79 21.49 32.21
C GLU B 245 3.19 20.99 30.90
N PRO B 246 2.81 19.72 30.83
CA PRO B 246 2.27 19.20 29.57
C PRO B 246 0.91 19.85 29.23
N ARG B 247 0.78 20.23 27.97
CA ARG B 247 -0.42 20.91 27.45
C ARG B 247 -0.86 20.67 25.96
N GLY B 248 -2.14 20.35 25.70
CA GLY B 248 -2.49 20.01 24.32
C GLY B 248 -3.73 20.63 23.78
N VAL B 249 -4.02 20.47 22.50
CA VAL B 249 -5.38 20.86 21.99
C VAL B 249 -6.10 19.77 21.25
N ILE B 250 -7.26 19.38 21.77
CA ILE B 250 -8.10 18.33 21.20
C ILE B 250 -8.61 18.77 19.81
N LEU B 251 -7.85 18.40 18.77
CA LEU B 251 -8.24 18.58 17.39
C LEU B 251 -9.43 17.75 16.96
N GLU B 252 -9.45 16.44 17.28
CA GLU B 252 -10.58 15.52 16.98
C GLU B 252 -10.79 14.43 18.01
N SER B 253 -12.01 13.87 18.07
CA SER B 253 -12.32 12.67 18.89
C SER B 253 -13.46 11.89 18.26
N LYS B 254 -13.27 10.59 18.19
CA LYS B 254 -14.10 9.65 17.52
C LYS B 254 -14.13 8.42 18.40
N LEU B 255 -15.05 7.52 18.20
CA LEU B 255 -14.93 6.19 18.78
C LEU B 255 -14.87 5.05 17.80
N ASP B 256 -13.98 4.13 18.04
CA ASP B 256 -13.92 2.88 17.32
C ASP B 256 -14.52 1.84 18.28
N LYS B 257 -15.50 1.08 17.82
CA LYS B 257 -16.20 0.11 18.68
C LYS B 257 -15.23 -0.86 19.33
N GLN B 258 -14.23 -1.26 18.57
CA GLN B 258 -13.24 -2.23 19.06
C GLN B 258 -12.40 -1.67 20.21
N ALA B 259 -12.01 -0.40 20.12
CA ALA B 259 -11.06 0.14 21.09
C ALA B 259 -11.64 1.10 22.15
N GLY B 260 -12.73 1.79 21.81
CA GLY B 260 -13.40 2.70 22.77
C GLY B 260 -13.38 4.17 22.37
N ILE B 261 -13.02 5.04 23.31
CA ILE B 261 -12.90 6.49 22.97
C ILE B 261 -11.51 6.92 22.49
N ILE B 262 -11.44 7.37 21.23
CA ILE B 262 -10.19 7.87 20.65
C ILE B 262 -10.25 9.38 20.38
N ALA B 263 -9.14 10.08 20.64
CA ALA B 263 -9.05 11.53 20.43
C ALA B 263 -7.77 12.06 19.79
N ASN B 264 -7.89 12.66 18.61
CA ASN B 264 -6.79 13.43 18.04
C ASN B 264 -6.38 14.79 18.76
N MET B 265 -5.11 14.89 19.18
CA MET B 265 -4.59 16.17 19.74
C MET B 265 -3.19 16.59 19.25
N LEU B 266 -2.98 17.90 19.18
CA LEU B 266 -1.67 18.50 18.92
C LEU B 266 -1.16 19.08 20.21
N VAL B 267 0.14 18.98 20.41
CA VAL B 267 0.78 19.25 21.69
C VAL B 267 1.35 20.66 21.54
N GLN B 268 1.19 21.53 22.53
CA GLN B 268 1.58 22.96 22.40
C GLN B 268 2.68 23.53 23.33
N GLU B 269 2.91 22.86 24.45
CA GLU B 269 3.73 23.30 25.55
C GLU B 269 4.00 21.93 26.04
N GLY B 270 5.16 21.66 26.58
CA GLY B 270 5.36 20.43 27.29
C GLY B 270 6.03 19.23 26.75
N THR B 271 6.04 18.22 27.58
CA THR B 271 6.01 16.89 26.98
C THR B 271 4.91 16.06 27.68
N PHE B 272 3.91 15.62 26.90
CA PHE B 272 2.97 14.61 27.41
C PHE B 272 3.66 13.29 27.34
N ARG B 273 3.26 12.39 28.19
CA ARG B 273 3.89 11.14 28.33
C ARG B 273 2.89 10.10 28.67
N VAL B 274 3.18 8.86 28.44
CA VAL B 274 2.25 7.86 28.88
C VAL B 274 2.26 7.71 30.41
N GLY B 275 1.08 7.48 30.95
CA GLY B 275 0.82 7.52 32.35
C GLY B 275 0.32 8.82 32.87
N ASP B 276 0.18 9.74 31.96
CA ASP B 276 -0.15 11.08 32.31
C ASP B 276 -1.62 11.27 32.41
N TYR B 277 -2.06 11.72 33.55
CA TYR B 277 -3.46 11.94 33.73
C TYR B 277 -3.82 13.28 33.17
N VAL B 278 -4.87 13.28 32.40
CA VAL B 278 -5.24 14.45 31.62
C VAL B 278 -6.67 14.91 31.94
N VAL B 279 -6.95 16.19 31.69
CA VAL B 279 -8.36 16.72 31.62
C VAL B 279 -8.54 17.58 30.39
N ALA B 280 -9.57 17.31 29.60
CA ALA B 280 -9.93 18.14 28.43
C ALA B 280 -11.44 18.48 28.41
N GLY B 281 -11.81 19.66 28.91
CA GLY B 281 -13.21 20.11 28.92
C GLY B 281 -14.03 19.31 29.90
N GLU B 282 -15.13 18.72 29.49
CA GLU B 282 -15.77 17.82 30.42
C GLU B 282 -14.93 16.57 30.63
N ALA B 283 -14.14 16.06 29.69
CA ALA B 283 -13.43 14.75 29.82
C ALA B 283 -12.27 14.68 30.84
N TYR B 284 -11.91 13.47 31.26
CA TYR B 284 -10.82 13.18 32.18
C TYR B 284 -10.29 11.87 31.50
N GLY B 285 -9.02 11.57 31.67
CA GLY B 285 -8.40 10.39 31.11
C GLY B 285 -6.99 10.16 31.73
N ARG B 286 -6.37 8.99 31.59
CA ARG B 286 -4.93 8.81 31.58
C ARG B 286 -4.48 8.24 30.24
N ILE B 287 -3.52 8.91 29.61
CA ILE B 287 -2.91 8.40 28.38
C ILE B 287 -2.37 6.97 28.49
N ARG B 288 -3.00 6.04 27.78
CA ARG B 288 -2.61 4.64 27.92
C ARG B 288 -1.72 4.08 26.80
N ALA B 289 -2.15 4.25 25.55
CA ALA B 289 -1.36 3.89 24.38
C ALA B 289 -1.39 5.14 23.51
N MET B 290 -0.27 5.49 22.89
CA MET B 290 -0.22 6.65 21.98
C MET B 290 0.24 6.29 20.55
N MET B 291 -0.44 6.86 19.54
CA MET B 291 -0.10 6.56 18.13
C MET B 291 0.42 7.73 17.26
N ASP B 292 1.43 7.40 16.45
CA ASP B 292 2.07 8.29 15.49
C ASP B 292 1.29 8.48 14.18
N ALA B 293 1.62 9.56 13.46
CA ALA B 293 1.13 9.83 12.12
C ALA B 293 1.69 8.94 11.00
N ASP B 294 2.92 8.55 11.20
CA ASP B 294 3.54 7.54 10.38
C ASP B 294 3.18 6.13 10.90
N GLY B 295 2.22 6.07 11.82
CA GLY B 295 1.80 4.75 12.31
C GLY B 295 2.46 4.32 13.62
N ASN B 296 3.65 4.85 13.88
CA ASN B 296 4.41 4.54 15.10
C ASN B 296 3.78 4.88 16.47
N GLN B 297 4.10 4.02 17.43
CA GLN B 297 3.58 3.90 18.75
C GLN B 297 4.69 4.60 19.49
N ARG B 298 4.36 5.60 20.28
CA ARG B 298 5.42 6.35 20.91
C ARG B 298 5.06 6.54 22.33
N LYS B 299 6.03 7.04 23.07
CA LYS B 299 5.85 7.27 24.49
C LYS B 299 5.98 8.72 24.94
N GLU B 300 6.49 9.61 24.06
CA GLU B 300 6.62 11.04 24.35
C GLU B 300 5.99 11.87 23.24
N ALA B 301 5.18 12.88 23.57
CA ALA B 301 4.68 13.81 22.54
C ALA B 301 5.01 15.24 22.90
N GLY B 302 6.10 15.65 22.30
CA GLY B 302 6.69 16.94 22.46
C GLY B 302 6.06 17.97 21.57
N PRO B 303 6.47 19.19 21.78
CA PRO B 303 5.83 20.29 21.14
C PRO B 303 5.84 20.03 19.69
N GLY B 304 4.74 20.36 19.05
CA GLY B 304 4.58 20.14 17.64
C GLY B 304 4.16 18.74 17.28
N SER B 305 3.88 17.90 18.25
CA SER B 305 3.61 16.51 17.93
C SER B 305 2.14 16.33 17.96
N ALA B 306 1.55 15.86 16.85
CA ALA B 306 0.15 15.48 16.77
C ALA B 306 0.02 13.97 16.98
N VAL B 307 -0.56 13.59 18.13
CA VAL B 307 -0.84 12.15 18.40
C VAL B 307 -2.29 11.81 18.64
N GLN B 308 -2.64 10.57 18.37
CA GLN B 308 -3.98 10.01 18.63
C GLN B 308 -4.03 9.41 20.02
N VAL B 309 -5.08 9.61 20.79
CA VAL B 309 -4.99 9.12 22.15
C VAL B 309 -6.11 8.19 22.67
N LEU B 310 -5.69 6.97 23.01
CA LEU B 310 -6.44 6.02 23.81
C LEU B 310 -6.41 6.53 25.25
N GLY B 311 -7.41 6.21 26.06
CA GLY B 311 -7.30 6.45 27.47
C GLY B 311 -8.29 7.43 28.05
N PHE B 312 -9.05 8.06 27.20
CA PHE B 312 -9.97 9.07 27.70
C PHE B 312 -11.18 8.34 28.19
N GLN B 313 -11.84 8.84 29.22
CA GLN B 313 -13.05 8.16 29.58
C GLN B 313 -14.32 8.65 28.89
N GLU B 314 -14.46 9.95 28.62
CA GLU B 314 -15.62 10.47 27.89
C GLU B 314 -15.11 11.14 26.62
N LEU B 315 -15.96 11.41 25.66
CA LEU B 315 -15.47 12.10 24.48
C LEU B 315 -15.27 13.57 24.68
N PRO B 316 -14.10 14.05 24.32
CA PRO B 316 -13.64 15.42 24.55
C PRO B 316 -13.86 16.17 23.30
N HIS B 317 -14.37 17.37 23.40
CA HIS B 317 -14.75 18.08 22.22
C HIS B 317 -13.59 18.52 21.50
N PRO B 318 -13.78 18.73 20.22
CA PRO B 318 -12.68 19.31 19.44
C PRO B 318 -12.72 20.72 19.85
N GLY B 319 -11.49 21.22 19.96
CA GLY B 319 -11.10 22.53 20.44
C GLY B 319 -10.65 22.46 21.86
N ASP B 320 -10.92 21.34 22.51
CA ASP B 320 -10.83 21.24 23.98
C ASP B 320 -9.44 21.61 24.45
N VAL B 321 -9.27 22.43 25.48
CA VAL B 321 -7.91 22.54 25.87
C VAL B 321 -7.60 21.41 26.79
N VAL B 322 -6.49 20.73 26.50
CA VAL B 322 -5.98 19.51 27.13
C VAL B 322 -4.76 19.66 28.01
N GLU B 323 -4.94 19.32 29.25
CA GLU B 323 -4.19 19.80 30.31
C GLU B 323 -3.71 18.64 31.03
N TRP B 324 -2.65 18.87 31.71
CA TRP B 324 -1.93 17.92 32.49
C TRP B 324 -2.63 17.80 33.80
N VAL B 325 -2.53 16.62 34.39
CA VAL B 325 -2.97 16.38 35.74
C VAL B 325 -2.01 15.38 36.33
N PRO B 326 -1.72 15.54 37.61
CA PRO B 326 -1.00 14.51 38.35
C PRO B 326 -1.64 13.15 38.64
N ASP B 327 -2.85 13.17 39.09
CA ASP B 327 -3.62 12.05 39.57
C ASP B 327 -5.04 12.21 39.07
N LEU B 328 -5.77 11.11 39.06
CA LEU B 328 -7.08 11.11 38.46
C LEU B 328 -8.14 11.49 39.45
N GLU B 329 -7.77 11.82 40.65
CA GLU B 329 -8.65 12.47 41.55
C GLU B 329 -8.92 13.86 41.11
N ALA B 330 -7.85 14.48 40.71
CA ALA B 330 -7.78 15.72 39.95
C ALA B 330 -8.36 15.72 38.50
N ALA B 331 -8.18 14.64 37.78
CA ALA B 331 -8.71 14.59 36.45
C ALA B 331 -10.21 14.57 36.57
N LYS B 332 -10.73 13.71 37.44
CA LYS B 332 -12.16 13.58 37.65
C LYS B 332 -12.82 14.82 38.28
N GLU B 333 -12.15 15.43 39.23
CA GLU B 333 -12.73 16.52 40.01
C GLU B 333 -12.94 17.84 39.25
N ILE B 334 -11.92 18.30 38.55
CA ILE B 334 -12.07 19.41 37.57
C ILE B 334 -13.14 19.05 36.55
N ALA B 335 -12.98 17.91 35.90
CA ALA B 335 -14.01 17.31 35.04
C ALA B 335 -15.39 17.47 35.66
N GLU B 336 -15.68 16.78 36.76
CA GLU B 336 -17.04 16.81 37.29
C GLU B 336 -17.52 18.24 37.56
N GLU B 337 -16.64 19.14 38.00
CA GLU B 337 -17.04 20.50 38.34
C GLU B 337 -17.53 21.27 37.12
N ARG B 338 -16.68 21.28 36.09
CA ARG B 338 -17.03 21.85 34.78
C ARG B 338 -18.30 21.27 34.21
N LYS B 339 -18.41 19.96 34.27
CA LYS B 339 -19.51 19.17 33.76
C LYS B 339 -20.80 19.49 34.38
N GLU B 340 -20.80 19.70 35.69
CA GLU B 340 -21.98 20.12 36.44
C GLU B 340 -22.44 21.52 36.10
N GLU B 341 -21.49 22.44 35.96
CA GLU B 341 -21.78 23.82 35.61
C GLU B 341 -22.55 23.87 34.31
N ARG B 342 -21.97 23.10 33.40
CA ARG B 342 -22.32 23.10 32.03
C ARG B 342 -23.71 22.63 32.14
N LYS B 343 -23.90 21.66 33.00
CA LYS B 343 -25.17 20.95 33.08
C LYS B 343 -26.20 21.95 33.54
N ALA B 344 -25.78 22.84 34.43
CA ALA B 344 -26.72 23.68 35.08
C ALA B 344 -27.19 24.81 34.22
N ARG B 345 -26.28 25.64 33.77
CA ARG B 345 -26.66 26.75 32.98
C ARG B 345 -27.53 26.08 31.96
N GLU B 346 -26.99 25.02 31.37
CA GLU B 346 -27.79 24.17 30.53
C GLU B 346 -28.90 23.71 31.45
N GLU B 347 -28.67 23.73 32.76
CA GLU B 347 -29.71 23.22 33.66
C GLU B 347 -30.90 24.16 33.79
N GLU B 348 -30.66 25.47 33.94
CA GLU B 348 -31.75 26.45 34.05
C GLU B 348 -32.52 26.76 32.76
N GLU B 349 -31.83 26.75 31.65
CA GLU B 349 -32.35 27.25 30.39
C GLU B 349 -33.65 26.60 29.90
N LYS B 350 -33.96 25.38 30.31
CA LYS B 350 -35.18 24.81 29.90
C LYS B 350 -36.27 25.80 29.95
N ALA B 351 -36.37 26.55 31.04
CA ALA B 351 -37.42 27.48 31.40
C ALA B 351 -37.37 28.75 30.57
N ARG B 352 -36.16 29.11 30.11
CA ARG B 352 -35.84 30.36 29.42
C ARG B 352 -36.60 30.55 28.09
N ARG B 353 -37.30 31.68 28.03
CA ARG B 353 -38.06 32.20 26.93
C ARG B 353 -39.11 31.29 26.44
N PRO B 354 -39.69 30.56 27.36
CA PRO B 354 -40.66 29.56 26.92
C PRO B 354 -41.64 30.18 25.93
N ARG B 355 -42.02 29.39 24.95
CA ARG B 355 -42.85 29.76 23.79
C ARG B 355 -42.27 30.91 23.07
N THR B 356 -41.04 30.87 22.65
CA THR B 356 -40.61 32.06 22.04
C THR B 356 -41.51 32.30 20.86
N MET B 357 -42.04 31.24 20.28
CA MET B 357 -42.95 31.27 19.14
C MET B 357 -42.42 32.30 18.15
N ALA B 358 -43.29 33.22 17.73
CA ALA B 358 -42.95 34.30 16.80
C ALA B 358 -41.74 35.16 17.18
N GLU B 359 -41.43 35.28 18.48
CA GLU B 359 -40.21 36.01 18.90
C GLU B 359 -38.96 35.63 18.09
N LEU B 360 -38.94 34.41 17.57
CA LEU B 360 -37.79 33.90 16.84
C LEU B 360 -37.41 34.54 15.55
N LEU B 361 -38.39 34.80 14.70
CA LEU B 361 -38.25 35.64 13.54
C LEU B 361 -38.04 37.07 13.98
N ARG B 362 -38.72 37.47 15.05
CA ARG B 362 -38.76 38.90 15.42
C ARG B 362 -37.45 39.47 15.96
N ALA B 363 -36.84 38.82 16.94
CA ALA B 363 -35.55 39.30 17.47
C ALA B 363 -34.37 39.20 16.47
N MET B 364 -34.44 38.21 15.59
CA MET B 364 -33.51 38.05 14.46
C MET B 364 -33.37 39.33 13.63
N GLN B 365 -34.44 40.14 13.61
CA GLN B 365 -34.60 41.29 12.72
C GLN B 365 -33.85 42.50 13.20
N GLU B 366 -33.66 42.59 14.50
CA GLU B 366 -33.32 43.88 15.15
C GLU B 366 -32.04 44.34 14.51
N GLU B 367 -31.57 43.49 13.63
CA GLU B 367 -30.19 43.36 13.31
C GLU B 367 -30.18 43.30 11.80
N GLY B 368 -29.04 43.54 11.20
CA GLY B 368 -28.92 43.41 9.77
C GLY B 368 -29.46 44.58 9.04
N ARG B 369 -30.06 45.48 9.80
CA ARG B 369 -30.66 46.69 9.27
C ARG B 369 -29.90 47.88 9.82
N LYS B 370 -29.38 48.68 8.90
CA LYS B 370 -28.73 49.93 9.19
C LYS B 370 -29.70 51.08 9.15
N GLU B 371 -29.28 52.16 9.79
CA GLU B 371 -29.97 53.43 9.75
C GLU B 371 -28.97 54.58 9.73
N LEU B 372 -29.42 55.77 10.10
CA LEU B 372 -28.45 56.83 10.17
C LEU B 372 -28.10 57.19 11.55
N ASN B 373 -26.80 57.49 11.70
CA ASN B 373 -26.14 57.85 12.96
C ASN B 373 -26.02 59.35 13.22
N LEU B 374 -26.54 59.94 14.28
CA LEU B 374 -26.20 61.33 14.34
C LEU B 374 -26.04 61.82 15.72
N ILE B 375 -25.75 63.10 15.93
CA ILE B 375 -25.48 63.58 17.30
C ILE B 375 -26.33 64.79 17.69
N LEU B 376 -26.59 64.99 18.95
CA LEU B 376 -27.46 66.04 19.33
C LEU B 376 -26.85 66.99 20.29
N ARG B 377 -26.97 68.28 20.03
CA ARG B 377 -26.67 69.29 21.07
C ARG B 377 -27.88 70.20 21.22
N ALA B 378 -28.39 70.31 22.45
CA ALA B 378 -29.69 70.96 22.69
C ALA B 378 -29.74 71.82 23.95
N ASP B 379 -30.74 72.69 23.97
CA ASP B 379 -30.93 73.65 25.05
C ASP B 379 -31.13 72.97 26.37
N THR B 380 -32.02 71.97 26.39
CA THR B 380 -32.35 71.25 27.60
C THR B 380 -32.20 69.75 27.40
N GLN B 381 -31.74 69.05 28.45
CA GLN B 381 -31.59 67.61 28.34
C GLN B 381 -32.98 67.05 28.01
N GLY B 382 -33.98 67.90 28.24
CA GLY B 382 -35.34 67.74 27.77
C GLY B 382 -35.59 67.99 26.29
N SER B 383 -34.90 68.94 25.69
CA SER B 383 -34.99 69.10 24.25
C SER B 383 -34.39 67.86 23.60
N LEU B 384 -33.39 67.26 24.23
CA LEU B 384 -32.91 65.99 23.70
C LEU B 384 -34.01 64.93 23.77
N GLU B 385 -34.74 64.88 24.88
CA GLU B 385 -35.78 63.87 25.09
C GLU B 385 -37.02 63.90 24.18
N ALA B 386 -37.59 65.08 23.96
CA ALA B 386 -38.80 65.20 23.15
C ALA B 386 -38.53 64.79 21.71
N ILE B 387 -37.38 65.25 21.23
CA ILE B 387 -36.83 64.92 19.92
C ILE B 387 -36.51 63.45 19.79
N GLN B 388 -35.78 62.96 20.78
CA GLN B 388 -35.36 61.55 20.82
C GLN B 388 -36.57 60.61 20.84
N HIS B 389 -37.53 60.85 21.75
CA HIS B 389 -38.70 60.00 21.85
C HIS B 389 -39.48 59.93 20.56
N ILE B 390 -39.55 61.05 19.83
CA ILE B 390 -40.16 61.14 18.49
C ILE B 390 -39.36 60.36 17.44
N LEU B 391 -38.06 60.36 17.66
CA LEU B 391 -37.09 59.77 16.75
C LEU B 391 -37.03 58.26 16.91
N ALA B 392 -37.14 57.82 18.15
CA ALA B 392 -37.15 56.42 18.48
C ALA B 392 -38.30 55.72 17.76
N LYS B 400 -32.64 51.04 18.94
CA LYS B 400 -31.53 50.63 18.10
C LYS B 400 -30.09 50.93 18.65
N ILE B 401 -29.91 51.83 19.64
CA ILE B 401 -28.66 52.24 20.45
C ILE B 401 -27.19 52.55 20.03
N ASN B 402 -27.12 53.37 19.03
CA ASN B 402 -25.99 53.92 18.38
C ASN B 402 -26.80 55.01 17.63
N ILE B 403 -26.21 55.74 16.67
CA ILE B 403 -26.84 56.92 15.96
C ILE B 403 -26.97 58.29 16.71
N LEU B 404 -26.52 58.38 17.95
CA LEU B 404 -26.71 59.54 18.79
C LEU B 404 -25.52 59.80 19.77
N LEU B 405 -25.15 61.05 20.04
CA LEU B 405 -24.44 61.43 21.24
C LEU B 405 -25.33 62.49 21.77
N ALA B 406 -25.90 62.40 22.91
CA ALA B 406 -26.70 63.55 23.19
C ALA B 406 -26.04 64.29 24.23
N GLN B 407 -25.98 65.58 24.10
CA GLN B 407 -25.38 66.33 25.12
C GLN B 407 -25.97 67.63 24.95
N VAL B 408 -25.79 68.47 25.93
CA VAL B 408 -26.49 69.71 25.95
C VAL B 408 -25.59 70.88 25.85
N GLY B 409 -25.78 71.72 24.84
CA GLY B 409 -24.93 72.90 24.61
C GLY B 409 -24.86 73.28 23.14
N ALA B 410 -23.96 74.18 22.80
CA ALA B 410 -23.67 74.48 21.39
C ALA B 410 -22.78 73.36 20.83
N PRO B 411 -22.67 73.25 19.51
CA PRO B 411 -21.91 72.12 18.98
C PRO B 411 -20.41 72.34 19.13
N THR B 412 -19.81 71.50 19.97
CA THR B 412 -18.38 71.58 20.27
C THR B 412 -17.58 71.17 19.04
N GLU B 413 -16.31 71.59 18.97
CA GLU B 413 -15.49 71.09 17.86
C GLU B 413 -15.29 69.60 18.00
N SER B 414 -15.40 69.12 19.24
CA SER B 414 -15.35 67.67 19.48
C SER B 414 -16.40 66.90 18.67
N ASP B 415 -17.54 67.51 18.41
CA ASP B 415 -18.54 66.89 17.54
C ASP B 415 -18.12 66.88 16.09
N VAL B 416 -17.66 68.03 15.62
CA VAL B 416 -17.21 68.16 14.25
C VAL B 416 -16.19 67.08 13.93
N LEU B 417 -15.24 66.85 14.84
CA LEU B 417 -14.22 65.85 14.57
C LEU B 417 -14.92 64.51 14.35
N LEU B 418 -15.86 64.19 15.24
CA LEU B 418 -16.57 62.91 15.24
C LEU B 418 -17.49 62.75 14.02
N ALA B 419 -17.82 63.86 13.35
CA ALA B 419 -18.56 63.84 12.07
C ALA B 419 -17.67 63.42 10.90
N GLN B 420 -16.37 63.30 11.17
CA GLN B 420 -15.41 62.75 10.22
C GLN B 420 -15.10 61.30 10.56
N THR B 421 -15.57 60.85 11.73
CA THR B 421 -15.29 59.48 12.24
C THR B 421 -16.41 58.46 12.04
N ALA B 422 -17.66 58.92 12.10
CA ALA B 422 -18.82 58.03 11.90
C ALA B 422 -19.82 58.52 10.83
N ASN B 423 -19.41 59.42 9.94
CA ASN B 423 -20.35 59.89 8.90
C ASN B 423 -21.59 60.39 9.60
N ALA B 424 -21.27 61.24 10.58
CA ALA B 424 -22.07 61.52 11.76
C ALA B 424 -22.47 62.90 11.54
N ALA B 425 -23.47 63.34 12.26
CA ALA B 425 -24.06 64.60 11.90
C ALA B 425 -24.46 65.46 13.00
N ILE B 426 -24.19 66.72 12.74
CA ILE B 426 -24.32 67.69 13.75
C ILE B 426 -25.47 68.48 13.40
N LEU B 427 -26.44 68.57 14.30
CA LEU B 427 -27.52 69.53 14.15
C LEU B 427 -27.83 70.16 15.50
N ALA B 428 -28.26 71.41 15.51
CA ALA B 428 -28.56 72.08 16.75
C ALA B 428 -29.98 72.43 17.00
N PHE B 429 -30.68 71.98 18.08
CA PHE B 429 -31.95 72.49 18.44
C PHE B 429 -31.78 73.48 19.57
N GLY B 430 -32.41 74.63 19.41
CA GLY B 430 -32.57 75.59 20.48
C GLY B 430 -31.29 76.34 20.70
N VAL B 431 -30.30 75.94 19.90
CA VAL B 431 -28.91 76.39 19.99
C VAL B 431 -28.33 76.67 18.62
N ASN B 432 -27.20 77.39 18.59
CA ASN B 432 -26.60 77.83 17.33
C ASN B 432 -25.14 77.42 17.23
N PRO B 433 -24.78 76.82 16.08
CA PRO B 433 -23.42 76.40 15.79
C PRO B 433 -22.46 77.57 15.71
N PRO B 434 -21.21 77.37 16.14
CA PRO B 434 -20.15 78.39 16.08
C PRO B 434 -19.66 78.64 14.66
N GLY B 435 -19.21 79.87 14.39
CA GLY B 435 -18.68 80.23 13.10
C GLY B 435 -17.42 79.43 12.77
N SER B 436 -16.57 79.26 13.77
CA SER B 436 -15.33 78.48 13.64
C SER B 436 -15.66 77.04 13.28
N VAL B 437 -16.77 76.55 13.84
CA VAL B 437 -17.21 75.18 13.62
C VAL B 437 -17.60 74.93 12.16
N LYS B 438 -18.14 75.96 11.50
CA LYS B 438 -18.63 75.86 10.13
C LYS B 438 -17.58 75.40 9.11
N LYS B 439 -16.37 75.97 9.18
CA LYS B 439 -15.30 75.45 8.34
C LYS B 439 -14.83 74.10 8.82
N LYS B 440 -14.69 73.92 10.13
CA LYS B 440 -14.33 72.58 10.59
C LYS B 440 -15.45 71.74 10.00
N ALA B 441 -16.65 72.31 9.97
CA ALA B 441 -17.77 71.67 9.30
C ALA B 441 -17.53 71.48 7.79
N GLU B 442 -16.94 72.48 7.13
CA GLU B 442 -16.50 72.28 5.75
C GLU B 442 -15.52 71.11 5.78
N GLU B 443 -14.80 71.00 6.90
CA GLU B 443 -13.58 70.20 7.05
C GLU B 443 -13.70 68.71 6.71
N LYS B 444 -14.75 68.00 7.19
CA LYS B 444 -15.00 66.62 6.66
C LYS B 444 -16.17 66.42 5.72
N GLY B 445 -17.31 66.87 6.15
CA GLY B 445 -18.47 67.01 5.30
C GLY B 445 -19.45 67.79 6.14
N VAL B 446 -20.20 68.70 5.53
CA VAL B 446 -21.15 69.49 6.30
C VAL B 446 -22.61 69.17 6.02
N LEU B 447 -23.26 68.73 7.10
CA LEU B 447 -24.64 68.97 7.42
C LEU B 447 -24.88 69.31 8.91
N LEU B 448 -24.39 70.44 9.43
CA LEU B 448 -24.88 70.93 10.72
C LEU B 448 -25.87 72.08 10.53
N LYS B 449 -27.15 71.78 10.71
CA LYS B 449 -28.26 72.73 10.57
C LYS B 449 -28.80 73.16 11.93
N THR B 450 -29.27 74.41 12.03
CA THR B 450 -30.02 74.85 13.22
C THR B 450 -31.50 74.52 13.07
N PHE B 451 -32.21 74.55 14.21
CA PHE B 451 -33.66 74.32 14.28
C PHE B 451 -34.25 74.96 15.53
N ARG B 452 -35.52 75.34 15.45
CA ARG B 452 -36.17 75.93 16.63
C ARG B 452 -37.50 75.23 17.04
N ILE B 453 -38.12 74.54 16.09
CA ILE B 453 -39.36 73.81 16.35
C ILE B 453 -39.18 72.33 15.94
N ILE B 454 -39.40 71.39 16.86
CA ILE B 454 -39.03 69.97 16.65
C ILE B 454 -39.54 69.41 15.31
N TYR B 455 -40.79 69.72 14.99
CA TYR B 455 -41.45 69.18 13.79
C TYR B 455 -40.60 69.48 12.57
N ASP B 456 -40.00 70.67 12.55
CA ASP B 456 -39.10 71.05 11.47
C ASP B 456 -37.82 70.22 11.47
N LEU B 457 -37.13 70.11 12.61
CA LEU B 457 -35.80 69.44 12.64
C LEU B 457 -35.84 67.92 12.48
N VAL B 458 -36.72 67.28 13.24
CA VAL B 458 -36.85 65.83 13.21
C VAL B 458 -37.32 65.39 11.83
N ASP B 459 -38.25 66.16 11.27
CA ASP B 459 -38.81 65.87 9.95
C ASP B 459 -37.69 65.91 8.91
N GLU B 460 -36.65 66.71 9.06
CA GLU B 460 -35.80 66.75 7.87
C GLU B 460 -35.19 65.40 7.55
N VAL B 461 -34.71 64.70 8.56
CA VAL B 461 -33.96 63.50 8.29
C VAL B 461 -34.84 62.57 7.45
N ARG B 462 -36.15 62.61 7.66
CA ARG B 462 -36.91 61.58 7.19
C ARG B 462 -36.34 61.80 5.85
N ASN B 463 -36.15 63.03 5.50
CA ASN B 463 -35.84 63.38 4.17
C ASN B 463 -34.76 62.53 3.56
N MET B 464 -33.89 62.01 4.36
CA MET B 464 -32.63 61.64 3.83
C MET B 464 -32.63 60.87 2.54
N VAL B 465 -33.39 59.80 2.51
CA VAL B 465 -33.47 58.87 1.36
C VAL B 465 -34.88 58.83 0.75
N LYS B 466 -34.97 58.92 -0.58
CA LYS B 466 -36.27 58.94 -1.25
C LYS B 466 -36.89 57.55 -1.46
N GLY B 467 -36.09 56.63 -1.99
CA GLY B 467 -36.54 55.28 -2.25
C GLY B 467 -35.66 54.46 -1.40
N GLN B 468 -35.92 53.17 -1.25
CA GLN B 468 -35.01 52.51 -0.34
C GLN B 468 -34.24 53.60 0.42
N LYS C 2 53.54 11.92 -61.13
CA LYS C 2 53.10 12.28 -59.82
C LYS C 2 52.73 13.73 -59.85
N VAL C 3 52.51 14.27 -58.68
CA VAL C 3 52.35 15.68 -58.53
C VAL C 3 53.24 15.88 -57.39
N ARG C 4 53.12 17.08 -56.86
CA ARG C 4 53.93 17.69 -55.83
C ARG C 4 53.46 17.50 -54.40
N ILE C 5 54.36 17.44 -53.43
CA ILE C 5 53.94 16.98 -52.11
C ILE C 5 52.68 17.68 -51.61
N TYR C 6 52.47 18.96 -51.94
CA TYR C 6 51.45 19.73 -51.24
C TYR C 6 50.12 19.33 -51.79
N GLN C 7 50.06 19.14 -53.10
CA GLN C 7 48.82 18.80 -53.80
C GLN C 7 48.25 17.47 -53.37
N LEU C 8 49.16 16.53 -53.17
CA LEU C 8 48.80 15.25 -52.60
C LEU C 8 48.32 15.41 -51.15
N ALA C 9 49.05 16.18 -50.37
CA ALA C 9 48.67 16.52 -49.00
C ALA C 9 47.23 16.99 -48.91
N LYS C 10 46.85 17.86 -49.84
CA LYS C 10 45.47 18.24 -49.98
C LYS C 10 44.57 17.00 -50.16
N GLU C 11 44.90 16.07 -51.03
CA GLU C 11 43.96 15.04 -51.38
C GLU C 11 43.62 14.09 -50.29
N LEU C 12 44.61 13.70 -49.56
CA LEU C 12 44.48 12.61 -48.59
C LEU C 12 44.25 13.11 -47.21
N GLY C 13 43.79 14.35 -47.11
CA GLY C 13 43.51 14.95 -45.83
C GLY C 13 44.69 14.89 -44.89
N MET C 14 45.80 15.42 -45.33
CA MET C 14 46.92 15.56 -44.47
C MET C 14 47.45 16.97 -44.57
N GLU C 15 48.19 17.34 -43.56
CA GLU C 15 49.01 18.53 -43.50
C GLU C 15 50.31 18.39 -44.29
N CYS C 16 50.72 19.37 -45.05
CA CYS C 16 51.99 19.10 -45.70
C CYS C 16 53.07 18.75 -44.64
N GLN C 17 53.16 19.45 -43.55
CA GLN C 17 54.23 19.12 -42.68
C GLN C 17 54.07 17.67 -42.29
N GLU C 18 52.86 17.25 -42.03
CA GLU C 18 52.62 15.89 -41.59
C GLU C 18 53.06 14.83 -42.61
N LEU C 19 52.90 15.06 -43.89
CA LEU C 19 53.37 14.06 -44.80
C LEU C 19 54.85 13.96 -44.85
N LEU C 20 55.53 15.07 -44.89
CA LEU C 20 56.94 14.89 -45.11
C LEU C 20 57.45 13.90 -44.07
N GLU C 21 56.95 14.01 -42.85
CA GLU C 21 57.41 13.11 -41.80
C GLU C 21 57.32 11.68 -42.35
N LEU C 22 56.24 11.36 -43.05
CA LEU C 22 56.07 10.01 -43.64
C LEU C 22 57.02 9.63 -44.79
N LEU C 23 57.19 10.54 -45.75
CA LEU C 23 58.12 10.30 -46.87
C LEU C 23 59.59 10.15 -46.43
N ASP C 24 59.97 10.86 -45.37
CA ASP C 24 61.30 10.70 -44.81
C ASP C 24 61.51 9.29 -44.24
N GLN C 25 60.50 8.79 -43.52
CA GLN C 25 60.52 7.43 -42.99
C GLN C 25 60.40 6.39 -44.09
N MET C 26 59.53 6.68 -45.06
CA MET C 26 59.31 5.80 -46.18
C MET C 26 60.63 5.67 -46.91
N GLY C 27 61.48 6.69 -46.77
CA GLY C 27 62.87 6.56 -47.14
C GLY C 27 63.25 6.95 -48.56
N VAL C 28 62.30 7.50 -49.30
CA VAL C 28 62.59 8.13 -50.58
C VAL C 28 62.92 9.62 -50.30
N ALA C 29 63.20 10.41 -51.33
CA ALA C 29 63.76 11.77 -51.16
C ALA C 29 63.02 12.92 -51.88
N TYR C 30 63.34 14.17 -51.49
CA TYR C 30 62.64 15.39 -51.98
C TYR C 30 63.35 16.75 -51.70
N LYS C 31 63.12 17.81 -52.48
CA LYS C 31 63.74 19.10 -52.06
C LYS C 31 62.92 19.80 -50.96
N SER C 32 61.68 20.07 -51.38
CA SER C 32 60.60 20.59 -50.56
C SER C 32 59.33 19.98 -51.11
N HIS C 33 58.28 20.10 -50.32
CA HIS C 33 57.17 19.20 -50.38
C HIS C 33 56.77 19.26 -51.80
N ALA C 34 57.04 20.40 -52.44
CA ALA C 34 56.68 20.52 -53.76
C ALA C 34 57.53 19.63 -54.52
N SER C 35 58.38 18.83 -53.87
CA SER C 35 59.18 17.84 -54.58
C SER C 35 58.18 16.82 -55.05
N THR C 36 58.36 16.30 -56.25
CA THR C 36 57.37 15.41 -56.77
C THR C 36 57.98 14.10 -56.93
N LEU C 37 57.16 13.08 -57.22
CA LEU C 37 57.58 11.72 -57.56
C LEU C 37 56.74 10.98 -58.56
N GLU C 38 57.38 9.95 -59.14
CA GLU C 38 56.81 9.17 -60.23
C GLU C 38 55.46 8.61 -59.81
N GLU C 39 54.63 8.27 -60.79
CA GLU C 39 53.27 7.84 -60.51
C GLU C 39 53.23 6.69 -59.51
N LYS C 40 54.18 5.77 -59.60
CA LYS C 40 54.13 4.62 -58.73
C LYS C 40 53.97 5.04 -57.26
N ASP C 41 54.78 5.98 -56.78
CA ASP C 41 54.70 6.19 -55.33
C ASP C 41 53.34 6.76 -54.91
N ALA C 42 52.70 7.60 -55.75
CA ALA C 42 51.39 8.09 -55.37
C ALA C 42 50.53 6.98 -54.80
N GLU C 43 50.56 5.81 -55.42
CA GLU C 43 49.86 4.64 -54.89
C GLU C 43 50.43 4.21 -53.54
N ALA C 44 51.75 4.25 -53.40
CA ALA C 44 52.45 3.79 -52.20
C ALA C 44 52.09 4.57 -50.94
N VAL C 45 52.01 5.90 -51.05
CA VAL C 45 51.71 6.74 -49.89
C VAL C 45 50.21 6.74 -49.56
N ARG C 46 49.37 6.72 -50.59
CA ARG C 46 47.93 6.62 -50.40
C ARG C 46 47.53 5.34 -49.69
N GLU C 47 48.18 4.23 -50.05
CA GLU C 47 47.87 2.91 -49.50
C GLU C 47 48.21 2.79 -48.01
N LEU C 48 49.38 3.31 -47.63
CA LEU C 48 49.82 3.29 -46.25
C LEU C 48 49.03 4.30 -45.43
N VAL C 49 48.67 5.39 -46.10
CA VAL C 49 47.80 6.38 -45.52
C VAL C 49 46.51 5.66 -45.20
N LYS C 50 46.10 4.71 -46.04
CA LYS C 50 44.88 3.91 -45.77
C LYS C 50 44.96 2.87 -44.64
N GLU C 51 46.13 2.25 -44.58
CA GLU C 51 46.48 1.30 -43.56
C GLU C 51 46.50 1.82 -42.15
N GLN C 52 47.30 2.74 -41.72
CA GLN C 52 47.14 2.90 -40.32
C GLN C 52 45.74 3.29 -40.27
N ARG C 53 45.46 4.18 -41.19
CA ARG C 53 44.43 5.10 -40.86
C ARG C 53 43.43 4.35 -39.99
N GLY C 54 43.00 3.27 -40.58
CA GLY C 54 42.16 2.24 -40.01
C GLY C 54 43.13 1.29 -39.39
N LEU C 55 44.16 1.90 -38.86
CA LEU C 55 44.67 1.47 -37.59
C LEU C 55 44.35 2.55 -36.56
N GLN C 56 44.43 3.82 -36.95
CA GLN C 56 44.10 4.87 -36.00
C GLN C 56 42.67 4.67 -35.48
N GLU C 57 41.81 4.21 -36.38
CA GLU C 57 40.38 4.05 -36.14
C GLU C 57 40.06 3.07 -35.01
N LYS C 58 40.61 1.88 -34.92
CA LYS C 58 40.26 1.25 -33.67
C LYS C 58 40.91 2.03 -32.61
N LEU C 59 42.22 2.11 -32.72
CA LEU C 59 43.06 2.21 -31.56
C LEU C 59 42.36 3.25 -30.73
N ALA C 60 41.67 4.10 -31.45
CA ALA C 60 40.80 5.12 -30.87
C ALA C 60 39.42 4.59 -30.32
N GLU C 61 38.87 3.56 -30.96
CA GLU C 61 37.62 2.96 -30.50
C GLU C 61 37.69 2.25 -29.22
N GLU C 62 38.73 1.44 -29.07
CA GLU C 62 38.92 0.68 -27.89
C GLU C 62 39.12 1.57 -26.71
N GLU C 63 39.89 2.58 -26.95
CA GLU C 63 40.21 3.53 -25.98
C GLU C 63 38.88 4.06 -25.62
N ARG C 64 38.01 4.15 -26.59
CA ARG C 64 36.65 4.55 -26.42
C ARG C 64 35.90 3.57 -25.57
N ARG C 65 36.13 2.33 -25.87
CA ARG C 65 35.48 1.28 -25.11
C ARG C 65 35.82 1.48 -23.64
N LYS C 66 37.02 1.99 -23.39
CA LYS C 66 37.49 2.16 -22.04
C LYS C 66 36.69 3.26 -21.36
N SER C 67 36.51 4.35 -22.09
CA SER C 67 35.96 5.62 -21.62
C SER C 67 34.45 5.57 -21.36
N LEU C 68 33.94 4.35 -21.42
CA LEU C 68 32.57 4.03 -21.27
C LEU C 68 32.01 4.33 -19.92
N PRO C 69 30.69 4.59 -19.89
CA PRO C 69 29.98 4.80 -18.65
C PRO C 69 29.94 3.52 -17.87
N ARG C 70 29.80 3.69 -16.57
CA ARG C 70 29.51 2.63 -15.66
C ARG C 70 28.08 2.19 -15.75
N ARG C 71 27.94 0.91 -15.44
CA ARG C 71 26.75 0.17 -15.44
C ARG C 71 26.84 -0.35 -14.06
N PRO C 72 25.73 -0.61 -13.43
CA PRO C 72 25.73 -1.07 -12.07
C PRO C 72 26.20 -2.48 -11.95
N PRO C 73 26.64 -2.85 -10.77
CA PRO C 73 26.94 -4.29 -10.66
C PRO C 73 25.61 -4.93 -10.45
N VAL C 74 25.48 -6.19 -10.85
CA VAL C 74 24.21 -6.88 -10.72
C VAL C 74 24.37 -7.78 -9.53
N VAL C 75 23.54 -7.62 -8.51
CA VAL C 75 23.68 -8.49 -7.35
C VAL C 75 22.64 -9.56 -7.23
N VAL C 76 23.12 -10.79 -7.04
CA VAL C 76 22.24 -11.94 -6.95
C VAL C 76 22.48 -12.55 -5.59
N ILE C 77 21.42 -12.81 -4.85
CA ILE C 77 21.59 -13.24 -3.50
C ILE C 77 21.06 -14.58 -3.34
N MET C 78 21.91 -15.55 -3.00
CA MET C 78 21.45 -16.94 -2.95
C MET C 78 22.03 -17.77 -1.79
N GLY C 79 21.31 -18.82 -1.41
CA GLY C 79 21.79 -19.74 -0.40
C GLY C 79 20.85 -20.80 -0.02
N HIS C 80 21.02 -21.41 1.14
CA HIS C 80 19.93 -22.07 1.84
C HIS C 80 18.68 -21.23 2.04
N VAL C 81 17.52 -21.84 1.85
CA VAL C 81 16.26 -21.11 1.87
C VAL C 81 15.99 -20.41 3.20
N ASP C 82 16.29 -21.08 4.32
CA ASP C 82 16.04 -20.52 5.66
C ASP C 82 17.18 -19.69 6.33
N HIS C 83 18.29 -19.48 5.62
CA HIS C 83 19.45 -18.84 6.19
C HIS C 83 19.33 -17.32 6.16
N GLY C 84 18.34 -16.81 5.44
CA GLY C 84 18.08 -15.39 5.49
C GLY C 84 18.26 -14.57 4.21
N LYS C 85 18.56 -15.21 3.08
CA LYS C 85 18.58 -14.46 1.83
C LYS C 85 17.22 -13.83 1.56
N THR C 86 16.16 -14.45 2.10
CA THR C 86 14.81 -13.92 1.92
C THR C 86 14.62 -12.71 2.83
N THR C 87 15.11 -12.83 4.07
CA THR C 87 15.03 -11.71 5.03
C THR C 87 15.83 -10.51 4.49
N LEU C 88 17.03 -10.84 4.02
CA LEU C 88 17.99 -9.91 3.43
C LEU C 88 17.44 -9.12 2.26
N LEU C 89 16.79 -9.86 1.37
CA LEU C 89 16.01 -9.27 0.29
C LEU C 89 14.82 -8.48 0.80
N ASP C 90 14.09 -9.03 1.79
CA ASP C 90 12.96 -8.30 2.37
C ASP C 90 13.46 -6.93 2.85
N TYR C 91 14.55 -6.94 3.62
CA TYR C 91 15.17 -5.73 4.15
C TYR C 91 15.64 -4.75 3.10
N LEU C 92 16.12 -5.25 1.95
CA LEU C 92 16.79 -4.40 0.96
C LEU C 92 15.81 -3.92 -0.10
N ARG C 93 14.78 -4.75 -0.34
CA ARG C 93 13.59 -4.32 -1.09
C ARG C 93 12.85 -3.25 -0.27
N LYS C 94 12.84 -3.41 1.06
CA LYS C 94 12.20 -2.45 1.96
C LYS C 94 13.11 -1.27 2.27
N SER C 95 14.40 -1.45 2.07
CA SER C 95 15.36 -0.39 2.33
C SER C 95 15.10 0.81 1.42
N ARG C 96 14.75 0.55 0.15
CA ARG C 96 14.51 1.61 -0.83
C ARG C 96 13.15 2.26 -0.62
N ILE C 97 12.09 1.46 -0.76
CA ILE C 97 10.73 1.95 -0.55
C ILE C 97 10.48 2.37 0.86
N ALA C 98 9.75 3.47 0.98
CA ALA C 98 9.48 4.10 2.25
C ALA C 98 10.77 4.24 3.04
N THR C 106 5.15 -1.49 -6.62
CA THR C 106 5.19 -2.82 -5.95
C THR C 106 5.37 -4.04 -6.86
N GLN C 107 5.46 -3.73 -8.15
CA GLN C 107 5.43 -4.69 -9.22
C GLN C 107 6.74 -5.44 -9.30
N HIS C 108 6.62 -6.72 -9.63
CA HIS C 108 7.78 -7.58 -9.76
C HIS C 108 8.27 -7.76 -11.13
N VAL C 109 9.20 -6.88 -11.45
CA VAL C 109 9.90 -6.79 -12.73
C VAL C 109 11.09 -7.76 -12.81
N GLY C 110 11.74 -7.98 -11.65
CA GLY C 110 12.79 -8.99 -11.57
C GLY C 110 14.06 -8.45 -10.97
N ALA C 111 14.06 -7.15 -10.72
CA ALA C 111 15.16 -6.50 -10.06
C ALA C 111 14.68 -5.17 -9.48
N PHE C 112 15.38 -4.75 -8.43
CA PHE C 112 15.18 -3.45 -7.88
C PHE C 112 16.51 -2.79 -7.79
N GLU C 113 16.52 -1.49 -7.83
CA GLU C 113 17.73 -0.74 -7.67
C GLU C 113 17.77 -0.16 -6.28
N VAL C 114 18.89 -0.36 -5.63
CA VAL C 114 19.17 0.29 -4.39
C VAL C 114 20.20 1.36 -4.71
N LYS C 115 19.89 2.61 -4.39
CA LYS C 115 20.94 3.56 -4.43
C LYS C 115 21.46 3.68 -3.04
N THR C 116 22.71 4.14 -3.03
CA THR C 116 23.43 4.73 -1.92
C THR C 116 23.99 6.00 -2.56
N PRO C 117 24.15 7.06 -1.78
CA PRO C 117 24.33 8.36 -2.34
C PRO C 117 25.34 8.07 -3.35
N GLN C 118 26.15 7.11 -2.98
CA GLN C 118 27.42 6.86 -3.54
C GLN C 118 27.31 5.95 -4.70
N GLY C 119 26.10 5.70 -5.15
CA GLY C 119 25.98 4.88 -6.30
C GLY C 119 24.83 3.95 -6.29
N THR C 120 24.72 3.14 -7.35
CA THR C 120 23.58 2.25 -7.54
C THR C 120 23.93 0.75 -7.64
N VAL C 121 23.03 -0.08 -7.11
CA VAL C 121 23.18 -1.52 -7.05
C VAL C 121 21.79 -2.16 -7.24
N VAL C 122 21.80 -3.01 -8.25
CA VAL C 122 20.65 -3.70 -8.78
C VAL C 122 20.60 -5.08 -8.20
N PHE C 123 19.56 -5.44 -7.47
CA PHE C 123 19.54 -6.80 -7.01
C PHE C 123 18.43 -7.57 -7.73
N ILE C 124 18.81 -8.73 -8.31
CA ILE C 124 17.98 -9.70 -8.96
C ILE C 124 17.14 -10.31 -7.88
N ASP C 125 15.86 -10.45 -8.15
CA ASP C 125 14.98 -11.25 -7.33
C ASP C 125 14.32 -12.22 -8.25
N THR C 126 14.50 -13.50 -7.95
CA THR C 126 13.81 -14.54 -8.66
C THR C 126 12.71 -15.07 -7.73
N PRO C 127 11.50 -14.58 -7.99
CA PRO C 127 10.34 -14.97 -7.29
C PRO C 127 10.04 -16.41 -7.62
N GLY C 128 9.80 -16.70 -8.90
CA GLY C 128 9.87 -18.09 -9.32
C GLY C 128 11.28 -18.41 -8.86
N HIS C 129 11.43 -19.48 -8.07
CA HIS C 129 12.74 -19.94 -7.59
C HIS C 129 13.49 -20.90 -8.54
N GLU C 130 14.00 -20.35 -9.63
CA GLU C 130 14.91 -21.01 -10.51
C GLU C 130 16.26 -21.27 -9.81
N ALA C 131 16.73 -20.26 -9.10
CA ALA C 131 17.93 -20.41 -8.26
C ALA C 131 19.16 -20.98 -8.98
N PHE C 132 19.44 -20.49 -10.19
CA PHE C 132 20.56 -20.95 -11.03
C PHE C 132 20.47 -22.45 -11.35
N THR C 133 19.22 -22.87 -11.48
CA THR C 133 18.71 -24.19 -11.43
C THR C 133 18.99 -24.94 -12.62
N THR C 134 19.01 -24.26 -13.75
CA THR C 134 19.08 -24.82 -15.10
C THR C 134 20.35 -24.48 -15.85
N ILE C 135 20.59 -25.17 -16.94
CA ILE C 135 21.80 -24.99 -17.71
C ILE C 135 21.80 -23.62 -18.32
N ARG C 136 20.64 -23.16 -18.71
CA ARG C 136 20.44 -21.83 -19.27
C ARG C 136 20.54 -20.60 -18.42
N GLN C 137 19.98 -20.65 -17.25
CA GLN C 137 20.01 -19.50 -16.32
C GLN C 137 21.42 -19.27 -15.88
N ARG C 138 22.10 -20.38 -15.61
CA ARG C 138 23.57 -20.45 -15.43
C ARG C 138 24.40 -19.95 -16.63
N GLY C 139 24.02 -20.25 -17.85
CA GLY C 139 24.77 -19.70 -18.95
C GLY C 139 24.80 -18.28 -19.40
N ALA C 140 23.70 -17.63 -19.60
CA ALA C 140 23.85 -16.26 -19.84
C ALA C 140 24.15 -15.43 -18.59
N LYS C 141 25.33 -14.83 -18.57
CA LYS C 141 25.83 -14.15 -17.44
C LYS C 141 24.68 -13.23 -17.24
N VAL C 142 24.46 -12.90 -16.00
CA VAL C 142 23.48 -11.93 -15.63
C VAL C 142 24.08 -11.17 -14.53
N ALA C 143 24.23 -11.80 -13.41
CA ALA C 143 24.84 -11.16 -12.22
C ALA C 143 26.35 -10.87 -12.16
N ASP C 144 26.77 -9.96 -11.32
CA ASP C 144 28.17 -9.53 -11.21
C ASP C 144 28.91 -10.01 -9.98
N ILE C 145 28.17 -10.25 -8.94
CA ILE C 145 28.65 -10.79 -7.73
C ILE C 145 27.58 -11.83 -7.37
N ALA C 146 27.90 -12.84 -6.55
CA ALA C 146 26.91 -13.87 -6.11
C ALA C 146 26.67 -14.05 -4.58
N VAL C 147 26.23 -12.99 -3.91
CA VAL C 147 26.32 -12.83 -2.53
C VAL C 147 25.82 -14.06 -1.90
N ILE C 148 26.48 -14.54 -0.87
CA ILE C 148 26.02 -15.84 -0.40
C ILE C 148 25.69 -15.65 1.04
N VAL C 149 24.48 -16.01 1.45
CA VAL C 149 24.09 -15.91 2.81
C VAL C 149 24.07 -17.25 3.55
N ILE C 150 24.89 -17.36 4.59
CA ILE C 150 25.07 -18.58 5.36
C ILE C 150 24.81 -18.14 6.79
N ALA C 151 23.97 -18.90 7.50
CA ALA C 151 23.59 -18.52 8.82
C ALA C 151 24.70 -19.06 9.74
N ALA C 152 24.83 -18.48 10.94
CA ALA C 152 25.98 -18.78 11.76
C ALA C 152 25.71 -20.00 12.64
N ASP C 153 24.53 -20.61 12.46
CA ASP C 153 24.13 -21.76 13.28
C ASP C 153 24.13 -23.05 12.45
N ASP C 154 23.40 -23.12 11.36
CA ASP C 154 23.52 -24.30 10.50
C ASP C 154 24.94 -24.41 9.86
N GLY C 155 25.44 -23.27 9.38
CA GLY C 155 26.75 -23.26 8.74
C GLY C 155 26.50 -23.74 7.32
N ILE C 156 27.50 -24.30 6.66
CA ILE C 156 27.33 -24.71 5.29
C ILE C 156 26.64 -26.09 5.20
N MET C 157 25.80 -26.27 4.18
CA MET C 157 25.09 -27.53 3.97
C MET C 157 24.95 -27.85 2.49
N PRO C 158 24.22 -28.91 2.19
CA PRO C 158 24.01 -29.33 0.80
C PRO C 158 23.43 -28.20 -0.05
N GLN C 159 22.59 -27.37 0.55
CA GLN C 159 21.97 -26.26 -0.16
C GLN C 159 22.98 -25.13 -0.40
N THR C 160 23.47 -24.54 0.68
CA THR C 160 24.44 -23.46 0.59
C THR C 160 25.52 -23.80 -0.35
N GLU C 161 25.90 -25.07 -0.41
CA GLU C 161 27.05 -25.59 -1.19
C GLU C 161 26.79 -25.88 -2.68
N GLU C 162 25.51 -25.69 -3.10
CA GLU C 162 25.13 -25.50 -4.48
C GLU C 162 25.01 -24.03 -4.83
N ALA C 163 24.31 -23.27 -4.02
CA ALA C 163 24.41 -21.86 -4.17
C ALA C 163 25.87 -21.46 -4.56
N ILE C 164 26.84 -22.00 -3.82
CA ILE C 164 28.26 -21.67 -4.02
C ILE C 164 28.75 -22.08 -5.40
N ALA C 165 28.39 -23.30 -5.80
CA ALA C 165 28.73 -23.72 -7.17
C ALA C 165 28.08 -22.89 -8.23
N HIS C 166 26.73 -22.88 -8.34
CA HIS C 166 25.99 -22.03 -9.36
C HIS C 166 26.61 -20.66 -9.50
N ALA C 167 27.17 -20.18 -8.41
CA ALA C 167 27.41 -18.77 -8.26
C ALA C 167 28.72 -18.71 -8.94
N LYS C 168 29.60 -19.60 -8.56
CA LYS C 168 30.94 -19.88 -9.07
C LYS C 168 31.04 -20.31 -10.49
N ALA C 169 30.13 -21.14 -10.84
CA ALA C 169 29.75 -21.54 -12.21
C ALA C 169 29.44 -20.52 -13.33
N ALA C 170 28.66 -19.47 -12.95
CA ALA C 170 28.07 -18.46 -13.82
C ALA C 170 29.04 -17.24 -13.83
N GLY C 171 30.11 -17.28 -13.05
CA GLY C 171 31.11 -16.20 -13.16
C GLY C 171 31.17 -15.12 -12.09
N ALA C 172 30.33 -15.20 -11.09
CA ALA C 172 30.10 -14.09 -10.14
C ALA C 172 31.07 -13.90 -8.97
N LYS C 173 31.25 -12.68 -8.54
CA LYS C 173 32.13 -12.56 -7.45
C LYS C 173 31.39 -13.03 -6.27
N LEU C 174 31.96 -13.27 -5.16
CA LEU C 174 31.13 -13.70 -4.13
C LEU C 174 31.29 -12.89 -2.95
N ILE C 175 30.23 -12.84 -2.24
CA ILE C 175 30.33 -12.31 -0.98
C ILE C 175 29.71 -13.23 -0.04
N PHE C 176 30.54 -13.69 0.87
CA PHE C 176 30.11 -14.56 1.90
C PHE C 176 29.65 -13.80 3.04
N ALA C 177 28.36 -13.93 3.20
CA ALA C 177 27.70 -13.24 4.29
C ALA C 177 27.30 -14.19 5.44
N ILE C 178 27.92 -14.08 6.61
CA ILE C 178 27.54 -14.97 7.72
C ILE C 178 26.34 -14.29 8.40
N ASN C 179 25.28 -15.07 8.69
CA ASN C 179 24.08 -14.48 9.21
C ASN C 179 23.63 -15.12 10.49
N LYS C 180 22.79 -14.35 11.21
CA LYS C 180 22.29 -14.70 12.51
C LYS C 180 23.42 -14.59 13.52
N ILE C 181 24.18 -13.56 13.34
CA ILE C 181 25.29 -13.28 14.18
C ILE C 181 24.94 -12.92 15.62
N ASP C 182 23.76 -12.42 15.85
CA ASP C 182 23.28 -12.19 17.19
C ASP C 182 22.97 -13.40 18.12
N LEU C 183 22.74 -14.50 17.46
CA LEU C 183 22.51 -15.68 18.13
C LEU C 183 23.87 -15.80 18.69
N PRO C 184 23.82 -15.89 20.08
CA PRO C 184 25.14 -15.86 20.71
C PRO C 184 25.98 -17.08 20.43
N GLN C 185 25.31 -18.21 20.34
CA GLN C 185 25.98 -19.48 20.25
C GLN C 185 26.79 -19.54 19.00
N ALA C 186 26.41 -18.71 18.06
CA ALA C 186 26.62 -18.87 16.68
C ALA C 186 28.08 -18.86 16.56
N ASP C 187 28.58 -19.45 15.50
CA ASP C 187 29.97 -19.66 15.35
C ASP C 187 30.40 -19.20 14.00
N PRO C 188 30.49 -17.91 13.81
CA PRO C 188 31.18 -17.43 12.61
C PRO C 188 32.47 -18.21 12.33
N GLU C 189 33.27 -18.48 13.35
CA GLU C 189 34.55 -19.16 13.13
C GLU C 189 34.37 -20.51 12.48
N LYS C 190 33.24 -21.11 12.81
CA LYS C 190 32.78 -22.40 12.34
C LYS C 190 32.58 -22.44 10.88
N VAL C 191 31.95 -21.39 10.40
CA VAL C 191 31.57 -21.17 8.99
C VAL C 191 32.76 -20.73 8.15
N LYS C 192 33.41 -19.60 8.53
CA LYS C 192 34.77 -19.24 8.05
C LYS C 192 35.68 -20.47 7.93
N ARG C 193 35.78 -21.24 8.97
CA ARG C 193 36.51 -22.46 8.98
C ARG C 193 36.04 -23.44 7.97
N GLN C 194 34.76 -23.47 7.67
CA GLN C 194 34.21 -24.42 6.68
C GLN C 194 34.42 -23.82 5.29
N LEU C 195 34.54 -22.50 5.22
CA LEU C 195 34.89 -21.86 3.92
C LEU C 195 36.28 -22.27 3.47
N MET C 196 37.20 -22.35 4.44
CA MET C 196 38.55 -22.85 4.22
C MET C 196 38.63 -24.33 3.86
N GLU C 197 37.89 -25.19 4.53
CA GLU C 197 37.90 -26.59 4.08
C GLU C 197 37.41 -26.71 2.62
N ARG C 198 36.74 -25.76 2.07
CA ARG C 198 36.36 -25.88 0.68
C ARG C 198 37.23 -25.18 -0.36
N GLY C 199 38.23 -24.42 0.06
CA GLY C 199 39.02 -23.57 -0.86
C GLY C 199 38.86 -22.04 -0.76
N PHE C 200 38.06 -21.62 0.18
CA PHE C 200 37.85 -20.25 0.31
C PHE C 200 38.53 -19.92 1.58
N VAL C 201 39.69 -19.33 1.50
CA VAL C 201 40.35 -19.01 2.70
C VAL C 201 39.95 -17.60 2.81
N PRO C 202 39.49 -17.22 3.96
CA PRO C 202 39.05 -15.86 4.11
C PRO C 202 40.25 -14.99 4.06
N GLU C 203 40.02 -13.71 3.82
CA GLU C 203 41.08 -12.77 3.80
C GLU C 203 41.70 -12.74 5.16
N GLU C 204 40.92 -12.91 6.20
CA GLU C 204 41.49 -12.74 7.53
C GLU C 204 42.63 -13.68 7.71
N TYR C 205 42.68 -14.73 6.97
CA TYR C 205 43.91 -15.42 7.07
C TYR C 205 44.84 -15.20 5.85
N GLY C 206 44.70 -14.13 5.09
CA GLY C 206 45.35 -14.08 3.79
C GLY C 206 44.51 -14.64 2.64
N GLY C 207 43.23 -14.89 2.93
CA GLY C 207 42.30 -15.30 1.91
C GLY C 207 41.99 -14.18 0.92
N ASP C 208 41.73 -14.58 -0.32
CA ASP C 208 41.05 -13.82 -1.32
C ASP C 208 39.62 -14.27 -1.31
N ALA C 209 39.08 -14.56 -0.14
CA ALA C 209 37.67 -14.80 -0.01
C ALA C 209 37.07 -13.79 0.95
N ILE C 210 36.14 -13.00 0.41
CA ILE C 210 35.30 -12.02 1.16
C ILE C 210 34.20 -12.54 2.08
N VAL C 211 34.37 -12.20 3.36
CA VAL C 211 33.44 -12.61 4.43
C VAL C 211 33.04 -11.38 5.28
N ILE C 212 31.77 -11.03 5.29
CA ILE C 212 31.31 -9.93 6.15
C ILE C 212 30.13 -10.43 6.95
N PRO C 213 30.10 -10.21 8.25
CA PRO C 213 29.00 -10.74 9.01
C PRO C 213 27.91 -9.73 8.84
N ILE C 214 26.66 -10.15 8.88
CA ILE C 214 25.51 -9.29 8.72
C ILE C 214 24.27 -9.73 9.51
N SER C 215 23.36 -8.81 9.75
CA SER C 215 22.07 -9.17 10.30
C SER C 215 20.97 -8.83 9.37
N ALA C 216 20.17 -9.79 9.02
CA ALA C 216 18.99 -9.53 8.22
C ALA C 216 17.92 -8.75 8.97
N LYS C 217 17.78 -9.04 10.26
CA LYS C 217 16.68 -8.52 11.06
C LYS C 217 16.89 -7.07 11.52
N THR C 218 18.12 -6.73 11.89
CA THR C 218 18.41 -5.36 12.35
C THR C 218 19.13 -4.59 11.25
N GLY C 219 19.57 -5.32 10.22
CA GLY C 219 20.31 -4.74 9.11
C GLY C 219 21.78 -4.49 9.34
N GLN C 220 22.31 -4.96 10.48
CA GLN C 220 23.73 -4.78 10.83
C GLN C 220 24.65 -5.12 9.66
N GLY C 221 25.58 -4.21 9.38
CA GLY C 221 26.57 -4.39 8.34
C GLY C 221 26.02 -4.56 6.94
N VAL C 222 24.70 -4.44 6.78
CA VAL C 222 24.11 -4.51 5.42
C VAL C 222 24.59 -3.32 4.61
N GLN C 223 24.70 -2.15 5.22
CA GLN C 223 25.34 -1.09 4.49
C GLN C 223 26.76 -1.51 4.14
N ASP C 224 27.52 -2.02 5.12
CA ASP C 224 28.91 -2.44 4.84
C ASP C 224 28.89 -3.39 3.65
N LEU C 225 27.86 -4.19 3.54
CA LEU C 225 27.79 -5.04 2.36
C LEU C 225 27.49 -4.29 1.06
N LEU C 226 26.58 -3.36 1.05
CA LEU C 226 26.45 -2.59 -0.15
C LEU C 226 27.75 -1.87 -0.46
N GLU C 227 28.33 -1.24 0.56
CA GLU C 227 29.58 -0.57 0.39
C GLU C 227 30.63 -1.52 -0.16
N MET C 228 30.61 -2.77 0.29
CA MET C 228 31.51 -3.78 -0.29
C MET C 228 31.19 -4.15 -1.73
N ILE C 229 29.91 -4.14 -2.07
CA ILE C 229 29.51 -4.35 -3.46
C ILE C 229 29.69 -3.12 -4.36
N LEU C 230 29.61 -1.91 -3.88
CA LEU C 230 30.16 -0.96 -4.81
C LEU C 230 31.67 -1.11 -4.79
N LEU C 231 32.31 -1.17 -3.66
CA LEU C 231 33.73 -1.15 -3.83
C LEU C 231 34.13 -2.11 -4.97
N LEU C 232 33.63 -3.33 -4.98
CA LEU C 232 34.04 -4.29 -6.06
C LEU C 232 33.78 -3.83 -7.50
N ALA C 233 32.60 -3.30 -7.78
CA ALA C 233 32.31 -2.75 -9.09
C ALA C 233 33.34 -1.69 -9.37
N GLU C 234 33.50 -0.75 -8.41
CA GLU C 234 34.41 0.42 -8.61
C GLU C 234 35.73 -0.11 -9.10
N LEU C 235 36.34 -1.03 -8.37
CA LEU C 235 37.62 -1.66 -8.73
C LEU C 235 37.66 -2.53 -9.95
N GLU C 236 36.68 -3.38 -10.03
CA GLU C 236 36.48 -4.25 -11.12
C GLU C 236 36.22 -3.55 -12.37
N ASP C 237 36.00 -2.23 -12.27
CA ASP C 237 35.78 -1.33 -13.42
C ASP C 237 34.63 -1.60 -14.41
N TYR C 238 33.42 -1.87 -13.94
CA TYR C 238 32.33 -2.18 -14.83
C TYR C 238 31.71 -1.04 -15.62
N ARG C 239 31.52 -1.22 -16.89
CA ARG C 239 31.03 -0.13 -17.81
C ARG C 239 30.13 -0.68 -18.90
N ALA C 240 29.27 0.15 -19.51
CA ALA C 240 28.36 -0.29 -20.65
C ALA C 240 27.89 0.84 -21.54
N ASP C 241 28.08 0.65 -22.84
CA ASP C 241 27.85 1.72 -23.75
C ASP C 241 26.38 1.75 -23.95
N PRO C 242 25.69 2.82 -23.45
CA PRO C 242 24.25 2.91 -23.63
C PRO C 242 23.94 3.12 -25.10
N ASN C 243 24.98 3.23 -25.93
CA ASN C 243 24.80 3.53 -27.37
C ASN C 243 25.23 2.50 -28.41
N ALA C 244 24.94 1.22 -28.16
CA ALA C 244 25.26 0.14 -29.09
C ALA C 244 23.96 -0.68 -29.39
N GLU C 245 24.15 -1.83 -30.03
CA GLU C 245 23.04 -2.66 -30.38
C GLU C 245 22.45 -3.25 -29.12
N PRO C 246 21.23 -2.86 -28.71
CA PRO C 246 20.85 -3.40 -27.42
C PRO C 246 21.07 -4.89 -27.41
N ARG C 247 21.42 -5.39 -26.22
CA ARG C 247 21.45 -6.80 -25.87
C ARG C 247 21.10 -6.85 -24.39
N GLY C 248 20.39 -7.84 -23.94
CA GLY C 248 19.86 -7.78 -22.60
C GLY C 248 19.57 -9.20 -22.37
N VAL C 249 19.19 -9.63 -21.20
CA VAL C 249 18.93 -11.04 -20.99
C VAL C 249 17.62 -11.34 -20.35
N ILE C 250 17.15 -12.55 -20.58
CA ILE C 250 15.84 -13.03 -20.08
C ILE C 250 15.91 -13.71 -18.76
N LEU C 251 15.49 -12.96 -17.78
CA LEU C 251 15.31 -13.37 -16.44
C LEU C 251 14.21 -14.25 -16.18
N GLU C 252 13.08 -13.90 -16.74
CA GLU C 252 11.85 -14.66 -16.55
C GLU C 252 10.85 -14.30 -17.62
N SER C 253 9.81 -15.12 -17.77
CA SER C 253 8.76 -14.94 -18.80
C SER C 253 7.51 -15.77 -18.48
N LYS C 254 6.35 -15.12 -18.42
CA LYS C 254 5.11 -15.77 -17.97
C LYS C 254 3.83 -15.35 -18.74
N LEU C 255 2.79 -16.11 -18.54
CA LEU C 255 1.54 -15.94 -19.22
C LEU C 255 0.51 -15.04 -18.56
N ASP C 256 0.16 -13.93 -19.21
CA ASP C 256 -0.78 -12.99 -18.58
C ASP C 256 -1.99 -12.85 -19.50
N LYS C 257 -3.09 -13.38 -19.00
CA LYS C 257 -4.31 -13.64 -19.76
C LYS C 257 -4.82 -12.35 -20.36
N GLN C 258 -4.64 -11.26 -19.64
CA GLN C 258 -5.28 -10.00 -19.91
C GLN C 258 -4.57 -8.81 -20.55
N ALA C 259 -3.27 -8.88 -20.68
CA ALA C 259 -2.48 -8.13 -21.65
C ALA C 259 -1.56 -9.05 -22.43
N GLY C 260 -1.76 -10.36 -22.26
CA GLY C 260 -0.88 -11.34 -22.87
C GLY C 260 0.31 -11.60 -21.98
N ILE C 261 1.22 -12.43 -22.47
CA ILE C 261 2.44 -12.79 -21.73
C ILE C 261 3.36 -11.59 -21.44
N ILE C 262 3.87 -11.54 -20.21
CA ILE C 262 4.83 -10.51 -19.81
C ILE C 262 6.16 -11.13 -19.44
N ALA C 263 7.25 -10.57 -19.98
CA ALA C 263 8.60 -11.07 -19.68
C ALA C 263 9.37 -10.02 -18.97
N ASN C 264 10.26 -10.45 -18.09
CA ASN C 264 11.21 -9.53 -17.49
C ASN C 264 12.59 -9.82 -18.04
N MET C 265 13.13 -8.89 -18.83
CA MET C 265 14.57 -8.92 -19.12
C MET C 265 15.28 -7.80 -18.37
N LEU C 266 16.57 -7.98 -18.13
CA LEU C 266 17.51 -6.91 -17.77
C LEU C 266 18.33 -6.48 -19.01
N VAL C 267 18.70 -5.19 -19.09
CA VAL C 267 19.48 -4.72 -20.21
C VAL C 267 20.96 -4.64 -19.89
N GLN C 268 21.74 -5.11 -20.85
CA GLN C 268 23.14 -5.24 -20.64
C GLN C 268 23.89 -4.30 -21.56
N GLU C 269 23.62 -4.34 -22.86
CA GLU C 269 24.15 -3.29 -23.72
C GLU C 269 23.16 -2.38 -24.52
N GLY C 270 23.58 -1.13 -24.69
CA GLY C 270 22.83 -0.18 -25.45
C GLY C 270 21.40 -0.04 -25.02
N THR C 271 20.61 0.69 -25.78
CA THR C 271 19.30 0.84 -25.28
C THR C 271 18.27 0.19 -26.12
N PHE C 272 17.30 -0.33 -25.38
CA PHE C 272 16.00 -0.85 -25.91
C PHE C 272 14.92 0.21 -25.82
N ARG C 273 14.12 0.28 -26.89
CA ARG C 273 13.09 1.30 -27.03
C ARG C 273 11.78 0.67 -27.52
N VAL C 274 10.64 1.22 -27.17
CA VAL C 274 9.51 0.50 -27.66
C VAL C 274 9.52 0.69 -29.15
N GLY C 275 8.75 -0.13 -29.82
CA GLY C 275 8.80 -0.25 -31.26
C GLY C 275 9.95 -1.11 -31.82
N ASP C 276 10.95 -1.42 -30.97
CA ASP C 276 12.09 -2.24 -31.38
C ASP C 276 11.65 -3.68 -31.62
N TYR C 277 11.88 -4.18 -32.82
CA TYR C 277 11.74 -5.62 -33.04
C TYR C 277 12.90 -6.38 -32.29
N VAL C 278 12.57 -7.50 -31.65
CA VAL C 278 13.58 -8.27 -30.90
C VAL C 278 13.54 -9.76 -31.15
N VAL C 279 14.63 -10.48 -31.05
CA VAL C 279 14.49 -11.94 -30.92
C VAL C 279 15.29 -12.48 -29.76
N ALA C 280 14.76 -13.50 -29.12
CA ALA C 280 15.42 -14.10 -27.95
C ALA C 280 15.14 -15.53 -28.01
N GLY C 281 16.12 -16.32 -28.44
CA GLY C 281 16.00 -17.78 -28.53
C GLY C 281 15.14 -18.02 -29.74
N GLU C 282 14.16 -18.91 -29.58
CA GLU C 282 12.99 -19.14 -30.44
C GLU C 282 11.90 -18.09 -30.33
N ALA C 283 11.85 -17.34 -29.23
CA ALA C 283 10.86 -16.32 -29.06
C ALA C 283 11.26 -15.19 -29.98
N TYR C 284 10.24 -14.44 -30.41
CA TYR C 284 10.34 -13.28 -31.30
C TYR C 284 9.17 -12.29 -31.11
N GLY C 285 9.32 -11.02 -31.49
CA GLY C 285 8.21 -10.10 -31.38
C GLY C 285 8.66 -8.68 -31.50
N ARG C 286 7.93 -7.81 -30.81
CA ARG C 286 8.16 -6.38 -30.89
C ARG C 286 7.90 -5.80 -29.53
N ILE C 287 8.73 -4.90 -29.08
CA ILE C 287 8.39 -4.29 -27.83
C ILE C 287 7.14 -3.52 -28.10
N ARG C 288 6.32 -3.50 -27.04
CA ARG C 288 5.14 -2.74 -26.88
C ARG C 288 4.91 -1.95 -25.63
N ALA C 289 5.04 -2.62 -24.50
CA ALA C 289 4.88 -2.10 -23.13
C ALA C 289 6.30 -2.26 -22.49
N MET C 290 6.91 -1.30 -21.81
CA MET C 290 8.05 -1.59 -20.93
C MET C 290 7.78 -0.94 -19.58
N MET C 291 7.68 -1.68 -18.46
CA MET C 291 7.40 -1.20 -17.11
C MET C 291 8.64 -1.41 -16.30
N ASP C 292 8.93 -0.51 -15.37
CA ASP C 292 10.07 -0.65 -14.47
C ASP C 292 9.75 -1.33 -13.13
N ALA C 293 10.73 -1.34 -12.24
CA ALA C 293 10.59 -1.91 -10.89
C ALA C 293 9.63 -1.15 -9.97
N ASP C 294 9.64 0.16 -10.07
CA ASP C 294 8.71 1.00 -9.35
C ASP C 294 7.45 1.28 -10.18
N GLY C 295 7.40 0.79 -11.40
CA GLY C 295 6.19 0.84 -12.19
C GLY C 295 6.01 1.97 -13.18
N ASN C 296 6.66 3.12 -13.02
CA ASN C 296 6.62 4.08 -14.12
C ASN C 296 6.83 3.43 -15.49
N GLN C 297 5.98 3.71 -16.47
CA GLN C 297 6.22 3.16 -17.81
C GLN C 297 7.39 3.86 -18.46
N ARG C 298 8.19 3.12 -19.20
CA ARG C 298 9.54 3.53 -19.61
C ARG C 298 9.76 3.58 -21.11
N LYS C 299 10.32 4.67 -21.61
CA LYS C 299 10.67 4.72 -23.02
C LYS C 299 11.93 3.95 -23.43
N GLU C 300 12.98 4.01 -22.65
CA GLU C 300 14.15 3.23 -22.98
C GLU C 300 14.51 2.47 -21.79
N ALA C 301 15.12 1.33 -22.04
CA ALA C 301 15.90 0.64 -21.10
C ALA C 301 17.35 0.81 -21.45
N GLY C 302 18.12 1.27 -20.50
CA GLY C 302 19.55 1.27 -20.52
C GLY C 302 20.12 0.02 -19.99
N PRO C 303 21.41 -0.19 -20.22
CA PRO C 303 22.14 -1.29 -19.65
C PRO C 303 22.18 -1.29 -18.18
N GLY C 304 21.93 -2.45 -17.65
CA GLY C 304 21.68 -2.64 -16.24
C GLY C 304 20.25 -2.43 -15.85
N SER C 305 19.46 -2.08 -16.81
CA SER C 305 18.09 -1.79 -16.69
C SER C 305 17.29 -3.03 -16.68
N ALA C 306 16.38 -3.13 -15.75
CA ALA C 306 15.47 -4.23 -15.73
C ALA C 306 14.03 -3.82 -15.85
N VAL C 307 13.39 -4.35 -16.86
CA VAL C 307 12.04 -4.00 -17.25
C VAL C 307 11.23 -5.24 -17.50
N GLN C 308 9.93 -5.09 -17.44
CA GLN C 308 8.99 -6.10 -17.97
C GLN C 308 8.54 -5.74 -19.38
N VAL C 309 8.64 -6.71 -20.27
CA VAL C 309 8.38 -6.46 -21.69
C VAL C 309 7.04 -6.97 -22.19
N LEU C 310 6.36 -6.28 -23.09
CA LEU C 310 5.16 -6.95 -23.64
C LEU C 310 5.27 -7.17 -25.14
N GLY C 311 4.56 -8.23 -25.48
CA GLY C 311 4.22 -8.65 -26.80
C GLY C 311 4.99 -9.85 -27.27
N PHE C 312 5.74 -10.54 -26.43
CA PHE C 312 6.68 -11.35 -27.17
C PHE C 312 5.85 -12.20 -28.06
N GLN C 313 6.22 -12.47 -29.28
CA GLN C 313 5.23 -13.34 -29.90
C GLN C 313 5.11 -14.70 -29.21
N GLU C 314 6.19 -15.39 -28.94
CA GLU C 314 6.02 -16.62 -28.21
C GLU C 314 6.99 -16.61 -27.06
N LEU C 315 6.51 -17.11 -25.92
CA LEU C 315 7.22 -17.06 -24.65
C LEU C 315 8.69 -17.53 -24.73
N PRO C 316 9.59 -16.72 -24.18
CA PRO C 316 11.00 -17.02 -24.20
C PRO C 316 11.34 -17.79 -22.90
N HIS C 317 12.57 -18.36 -22.82
CA HIS C 317 12.97 -19.12 -21.65
C HIS C 317 13.95 -18.27 -20.99
N PRO C 318 13.88 -18.22 -19.66
CA PRO C 318 14.95 -17.69 -18.81
C PRO C 318 16.28 -18.17 -19.26
N GLY C 319 17.21 -17.25 -19.12
CA GLY C 319 18.52 -17.22 -19.64
C GLY C 319 18.62 -16.46 -20.91
N ASP C 320 17.56 -16.29 -21.60
CA ASP C 320 17.50 -15.91 -23.01
C ASP C 320 18.13 -14.58 -23.35
N VAL C 321 18.89 -14.63 -24.44
CA VAL C 321 19.68 -13.55 -24.95
C VAL C 321 18.73 -13.03 -25.96
N VAL C 322 18.31 -11.83 -25.70
CA VAL C 322 17.58 -10.92 -26.52
C VAL C 322 18.46 -10.20 -27.50
N GLU C 323 18.08 -10.03 -28.74
CA GLU C 323 18.86 -9.19 -29.60
C GLU C 323 18.04 -8.26 -30.47
N TRP C 324 18.45 -7.02 -30.61
CA TRP C 324 17.72 -6.11 -31.40
C TRP C 324 17.86 -6.52 -32.79
N VAL C 325 16.93 -6.13 -33.62
CA VAL C 325 16.82 -6.74 -34.94
C VAL C 325 16.10 -5.70 -35.74
N PRO C 326 16.34 -5.67 -37.06
CA PRO C 326 15.76 -4.63 -37.93
C PRO C 326 14.25 -4.63 -38.08
N ASP C 327 13.70 -5.78 -38.38
CA ASP C 327 12.34 -5.84 -38.89
C ASP C 327 11.62 -6.98 -38.25
N LEU C 328 10.30 -6.99 -38.29
CA LEU C 328 9.65 -8.20 -37.81
C LEU C 328 9.81 -9.41 -38.72
N GLU C 329 10.24 -9.28 -39.97
CA GLU C 329 10.57 -10.51 -40.70
C GLU C 329 11.88 -11.08 -40.14
N ALA C 330 12.67 -10.18 -39.57
CA ALA C 330 13.96 -10.59 -39.02
C ALA C 330 13.71 -11.49 -37.82
N ALA C 331 13.22 -10.88 -36.73
CA ALA C 331 12.93 -11.60 -35.52
C ALA C 331 12.20 -12.95 -35.78
N LYS C 332 11.30 -13.01 -36.76
CA LYS C 332 10.64 -14.26 -37.14
C LYS C 332 11.58 -15.26 -37.78
N GLU C 333 12.62 -14.77 -38.46
CA GLU C 333 13.46 -15.67 -39.28
C GLU C 333 14.75 -16.14 -38.61
N ILE C 334 15.27 -15.36 -37.66
CA ILE C 334 16.32 -15.76 -36.74
C ILE C 334 15.76 -16.80 -35.82
N ALA C 335 14.74 -16.43 -35.05
CA ALA C 335 14.01 -17.44 -34.27
C ALA C 335 13.78 -18.67 -35.14
N GLU C 336 13.17 -18.49 -36.31
CA GLU C 336 12.61 -19.65 -37.05
C GLU C 336 13.67 -20.61 -37.60
N GLU C 337 14.88 -20.12 -37.78
CA GLU C 337 15.99 -21.02 -38.00
C GLU C 337 16.03 -21.89 -36.74
N ARG C 338 16.09 -21.24 -35.58
CA ARG C 338 16.38 -21.91 -34.31
C ARG C 338 15.30 -22.90 -33.94
N LYS C 339 14.04 -22.64 -34.30
CA LYS C 339 12.98 -23.57 -33.90
C LYS C 339 13.13 -24.89 -34.60
N GLU C 340 13.43 -24.93 -35.86
CA GLU C 340 13.68 -26.21 -36.45
C GLU C 340 14.92 -26.83 -35.91
N GLU C 341 15.93 -26.06 -35.81
CA GLU C 341 17.14 -26.60 -35.21
C GLU C 341 16.80 -27.43 -33.98
N ARG C 342 16.33 -26.84 -32.89
CA ARG C 342 16.04 -27.70 -31.74
C ARG C 342 15.10 -28.79 -32.20
N LYS C 343 14.13 -28.47 -33.03
CA LYS C 343 13.26 -29.53 -33.41
C LYS C 343 14.20 -30.59 -33.90
N ALA C 344 15.18 -30.21 -34.71
CA ALA C 344 15.97 -31.19 -35.44
C ALA C 344 16.54 -32.15 -34.45
N ARG C 345 17.19 -31.64 -33.49
CA ARG C 345 17.76 -32.53 -32.61
C ARG C 345 16.58 -33.34 -32.06
N GLU C 346 15.47 -32.67 -31.79
CA GLU C 346 14.39 -33.22 -30.98
C GLU C 346 13.84 -34.56 -31.32
N GLU C 347 13.53 -34.84 -32.58
CA GLU C 347 13.38 -36.22 -32.97
C GLU C 347 14.72 -36.93 -32.88
N GLU C 348 15.79 -36.30 -33.37
CA GLU C 348 17.05 -37.04 -33.36
C GLU C 348 17.11 -37.98 -32.17
N GLU C 349 16.81 -37.48 -30.98
CA GLU C 349 16.91 -38.28 -29.75
C GLU C 349 15.68 -39.17 -29.48
N LYS C 350 14.89 -39.36 -30.50
CA LYS C 350 13.64 -40.06 -30.33
C LYS C 350 13.48 -41.32 -31.11
N ALA C 351 14.36 -41.62 -32.00
CA ALA C 351 14.25 -42.95 -32.57
C ALA C 351 14.61 -44.08 -31.60
N ARG C 352 15.84 -44.09 -31.06
CA ARG C 352 16.47 -45.30 -30.45
C ARG C 352 15.74 -45.92 -29.22
N ARG C 353 15.76 -47.22 -29.08
CA ARG C 353 14.76 -47.89 -28.32
C ARG C 353 15.17 -48.24 -26.93
N PRO C 354 16.27 -47.73 -26.47
CA PRO C 354 16.84 -48.46 -25.33
C PRO C 354 15.91 -48.37 -24.15
N ARG C 355 14.86 -49.18 -24.15
CA ARG C 355 13.94 -49.13 -23.05
C ARG C 355 14.43 -49.73 -21.71
N THR C 356 15.27 -50.74 -21.72
CA THR C 356 15.45 -51.47 -20.49
C THR C 356 15.84 -50.65 -19.21
N MET C 357 15.08 -50.73 -18.15
CA MET C 357 15.60 -50.01 -17.00
C MET C 357 16.96 -50.58 -16.69
N ALA C 358 17.03 -51.91 -16.78
CA ALA C 358 18.23 -52.60 -16.48
C ALA C 358 19.23 -52.01 -17.35
N GLU C 359 18.84 -51.75 -18.53
CA GLU C 359 19.84 -51.28 -19.37
C GLU C 359 20.37 -50.00 -18.76
N LEU C 360 19.50 -49.03 -18.49
CA LEU C 360 19.97 -47.65 -18.27
C LEU C 360 20.92 -47.33 -17.09
N LEU C 361 20.60 -47.86 -15.91
CA LEU C 361 21.37 -47.68 -14.71
C LEU C 361 22.79 -47.92 -15.08
N ARG C 362 23.00 -49.00 -15.80
CA ARG C 362 24.33 -49.33 -16.22
C ARG C 362 24.93 -48.11 -16.94
N ALA C 363 24.21 -47.57 -17.91
CA ALA C 363 24.71 -46.38 -18.63
C ALA C 363 24.54 -45.07 -17.82
N MET C 364 24.25 -45.21 -16.53
CA MET C 364 24.25 -44.09 -15.58
C MET C 364 25.27 -44.41 -14.48
N GLN C 365 25.52 -45.73 -14.36
CA GLN C 365 25.88 -46.43 -13.12
C GLN C 365 27.37 -46.34 -13.02
N GLU C 366 27.80 -45.25 -13.60
CA GLU C 366 29.06 -45.04 -14.26
C GLU C 366 30.13 -44.42 -13.39
N GLU C 367 29.76 -43.83 -12.25
CA GLU C 367 30.77 -43.18 -11.40
C GLU C 367 30.98 -43.77 -10.01
N GLY C 368 32.27 -43.95 -9.64
CA GLY C 368 32.67 -44.37 -8.29
C GLY C 368 33.96 -43.78 -7.70
N ARG C 369 33.88 -43.09 -6.58
CA ARG C 369 34.78 -42.04 -6.18
C ARG C 369 36.15 -42.62 -6.05
N LYS C 370 36.28 -43.87 -6.43
CA LYS C 370 37.54 -44.56 -6.31
C LYS C 370 38.17 -44.83 -7.68
N GLU C 371 39.42 -44.34 -7.81
CA GLU C 371 40.26 -44.18 -9.02
C GLU C 371 41.63 -44.76 -8.87
N LEU C 372 42.10 -45.48 -9.84
CA LEU C 372 43.41 -45.96 -9.65
C LEU C 372 44.31 -45.50 -10.76
N ASN C 373 45.09 -44.42 -10.60
CA ASN C 373 46.14 -44.08 -11.56
C ASN C 373 47.27 -45.10 -11.54
N LEU C 374 47.66 -45.59 -12.71
CA LEU C 374 48.85 -46.44 -12.85
C LEU C 374 49.67 -45.98 -14.03
N ILE C 375 50.97 -45.82 -13.78
CA ILE C 375 51.95 -45.78 -14.86
C ILE C 375 52.65 -47.14 -14.92
N LEU C 376 52.51 -47.77 -16.09
CA LEU C 376 53.18 -49.03 -16.50
C LEU C 376 54.04 -48.90 -17.76
N ARG C 377 55.18 -49.59 -17.82
CA ARG C 377 56.04 -49.76 -19.05
C ARG C 377 56.56 -51.18 -19.30
N ALA C 378 56.20 -51.77 -20.44
CA ALA C 378 56.71 -53.08 -20.84
C ALA C 378 58.05 -53.04 -21.59
N ASP C 379 58.23 -51.97 -22.38
CA ASP C 379 59.31 -51.89 -23.39
C ASP C 379 58.92 -52.56 -24.71
N THR C 380 57.69 -53.11 -24.75
CA THR C 380 57.11 -53.69 -25.94
C THR C 380 55.61 -53.39 -25.89
N GLN C 381 54.95 -53.31 -27.03
CA GLN C 381 53.53 -53.03 -27.03
C GLN C 381 52.62 -54.24 -26.73
N GLY C 382 53.08 -55.43 -27.05
CA GLY C 382 52.32 -56.63 -26.72
C GLY C 382 52.22 -56.99 -25.24
N SER C 383 53.30 -56.78 -24.50
CA SER C 383 53.27 -57.01 -23.07
C SER C 383 52.42 -55.93 -22.40
N LEU C 384 52.65 -54.74 -22.87
CA LEU C 384 51.95 -53.59 -22.49
C LEU C 384 50.46 -53.81 -22.82
N GLU C 385 50.18 -54.57 -23.88
CA GLU C 385 48.82 -54.96 -24.28
C GLU C 385 48.11 -56.09 -23.53
N ALA C 386 48.78 -57.20 -23.38
CA ALA C 386 48.31 -58.24 -22.58
C ALA C 386 48.00 -57.83 -21.21
N ILE C 387 48.75 -56.95 -20.61
CA ILE C 387 48.39 -56.48 -19.30
C ILE C 387 47.27 -55.52 -19.18
N GLN C 388 47.34 -54.42 -19.92
CA GLN C 388 46.29 -53.42 -19.77
C GLN C 388 45.07 -54.28 -19.97
N HIS C 389 45.32 -55.44 -20.57
CA HIS C 389 44.29 -56.39 -21.00
C HIS C 389 43.89 -57.30 -19.86
N ILE C 390 44.86 -57.70 -19.05
CA ILE C 390 44.57 -58.50 -17.86
C ILE C 390 43.64 -57.69 -16.95
N LEU C 391 43.87 -56.36 -16.93
CA LEU C 391 43.34 -55.52 -15.89
C LEU C 391 42.06 -54.99 -16.44
N ALA C 392 41.60 -55.53 -17.55
CA ALA C 392 40.19 -55.39 -17.86
C ALA C 392 39.69 -56.48 -16.99
N ARG C 393 38.65 -56.34 -16.23
CA ARG C 393 38.27 -57.55 -15.55
C ARG C 393 37.91 -58.24 -16.80
N GLU C 394 38.21 -59.52 -16.96
CA GLU C 394 38.77 -60.05 -18.19
C GLU C 394 37.77 -60.12 -19.29
N SER C 395 37.20 -58.95 -19.46
CA SER C 395 36.61 -58.39 -20.60
C SER C 395 37.55 -57.26 -20.80
N THR C 396 37.29 -56.41 -21.78
CA THR C 396 38.19 -55.30 -22.05
C THR C 396 38.35 -54.35 -20.92
N GLU C 397 39.59 -53.97 -20.73
CA GLU C 397 39.95 -53.00 -19.70
C GLU C 397 39.48 -51.65 -20.18
N ASP C 398 38.48 -51.09 -19.52
CA ASP C 398 37.76 -50.00 -20.16
C ASP C 398 37.58 -48.65 -19.45
N VAL C 399 37.00 -48.68 -18.25
CA VAL C 399 36.31 -47.50 -17.70
C VAL C 399 37.14 -46.23 -17.42
N LYS C 400 36.62 -45.10 -17.89
CA LYS C 400 37.11 -43.76 -17.51
C LYS C 400 38.62 -43.59 -17.70
N ILE C 401 39.14 -43.92 -18.86
CA ILE C 401 40.58 -44.02 -19.01
C ILE C 401 41.16 -42.65 -19.38
N ASN C 402 41.79 -41.95 -18.46
CA ASN C 402 42.12 -40.55 -18.76
C ASN C 402 43.55 -40.21 -18.98
N ILE C 403 43.99 -40.14 -20.22
CA ILE C 403 45.40 -40.15 -20.42
C ILE C 403 45.82 -39.61 -21.77
N LEU C 404 47.09 -39.22 -21.89
CA LEU C 404 47.68 -38.71 -23.11
C LEU C 404 48.91 -39.43 -23.55
N LEU C 405 49.45 -40.26 -22.68
CA LEU C 405 50.77 -40.78 -22.93
C LEU C 405 50.98 -42.13 -22.42
N ALA C 406 51.87 -42.81 -23.07
CA ALA C 406 52.38 -44.12 -22.73
C ALA C 406 53.87 -44.19 -23.05
N GLN C 407 54.66 -44.81 -22.20
CA GLN C 407 56.09 -44.93 -22.43
C GLN C 407 56.46 -46.38 -22.44
N VAL C 408 57.25 -46.80 -23.38
CA VAL C 408 57.79 -48.12 -23.34
C VAL C 408 59.26 -48.00 -23.31
N GLY C 409 59.88 -48.69 -22.37
CA GLY C 409 61.31 -48.68 -22.16
C GLY C 409 61.48 -48.65 -20.68
N ALA C 410 62.73 -48.47 -20.23
CA ALA C 410 63.01 -48.30 -18.82
C ALA C 410 62.28 -47.04 -18.40
N PRO C 411 61.85 -46.98 -17.15
CA PRO C 411 61.14 -45.80 -16.67
C PRO C 411 62.04 -44.59 -16.72
N THR C 412 61.44 -43.43 -16.99
CA THR C 412 62.15 -42.17 -17.07
C THR C 412 61.81 -41.37 -15.84
N GLU C 413 62.61 -40.34 -15.58
CA GLU C 413 62.32 -39.39 -14.52
C GLU C 413 61.02 -38.66 -14.79
N SER C 414 60.82 -38.31 -16.05
CA SER C 414 59.63 -37.57 -16.44
C SER C 414 58.44 -38.32 -15.93
N ASP C 415 58.49 -39.64 -16.09
CA ASP C 415 57.41 -40.51 -15.63
C ASP C 415 57.20 -40.13 -14.21
N VAL C 416 58.26 -39.88 -13.47
CA VAL C 416 58.04 -39.78 -12.04
C VAL C 416 57.35 -38.49 -11.69
N LEU C 417 57.87 -37.34 -12.11
CA LEU C 417 57.26 -36.12 -11.65
C LEU C 417 55.75 -36.27 -11.81
N LEU C 418 55.29 -36.85 -12.92
CA LEU C 418 53.88 -37.13 -13.02
C LEU C 418 53.54 -37.83 -11.71
N ALA C 419 54.35 -38.82 -11.34
CA ALA C 419 54.09 -39.67 -10.16
C ALA C 419 54.27 -38.94 -8.80
N GLN C 420 54.68 -37.67 -8.83
CA GLN C 420 54.62 -36.84 -7.64
C GLN C 420 53.45 -35.88 -7.66
N THR C 421 53.00 -35.64 -8.89
CA THR C 421 51.80 -34.90 -9.28
C THR C 421 50.48 -35.42 -8.73
N ALA C 422 50.27 -36.72 -8.86
CA ALA C 422 49.03 -37.38 -8.46
C ALA C 422 49.49 -38.70 -7.89
N ASN C 423 48.69 -39.39 -7.10
CA ASN C 423 49.20 -40.70 -6.74
C ASN C 423 49.15 -41.69 -7.91
N ALA C 424 50.29 -41.88 -8.59
CA ALA C 424 50.38 -42.91 -9.58
C ALA C 424 51.60 -43.67 -9.32
N ALA C 425 51.40 -44.95 -9.17
CA ALA C 425 52.45 -45.84 -8.98
C ALA C 425 52.69 -46.19 -10.41
N ILE C 426 53.93 -46.14 -10.85
CA ILE C 426 54.20 -46.69 -12.14
C ILE C 426 54.38 -48.11 -11.84
N LEU C 427 54.32 -48.99 -12.81
CA LEU C 427 54.67 -50.33 -12.48
C LEU C 427 55.47 -50.89 -13.57
N ALA C 428 56.69 -51.27 -13.24
CA ALA C 428 57.68 -51.59 -14.24
C ALA C 428 57.98 -53.04 -14.34
N PHE C 429 57.83 -53.46 -15.57
CA PHE C 429 57.77 -54.83 -16.03
C PHE C 429 58.84 -55.03 -17.13
N GLY C 430 59.80 -55.90 -16.89
CA GLY C 430 60.91 -56.11 -17.83
C GLY C 430 61.66 -54.82 -17.82
N VAL C 431 62.50 -54.60 -18.82
CA VAL C 431 63.08 -53.30 -19.12
C VAL C 431 63.74 -53.43 -20.47
N ASN C 432 64.14 -52.29 -21.02
CA ASN C 432 65.11 -52.28 -22.10
C ASN C 432 66.23 -51.43 -21.63
N PRO C 433 65.90 -50.23 -21.23
CA PRO C 433 66.91 -49.21 -20.89
C PRO C 433 67.60 -49.71 -19.67
N PRO C 434 68.37 -50.77 -19.87
CA PRO C 434 68.59 -51.66 -18.75
C PRO C 434 69.18 -50.81 -17.66
N GLY C 435 70.17 -50.02 -18.01
CA GLY C 435 70.81 -49.16 -17.06
C GLY C 435 69.94 -48.04 -16.57
N SER C 436 69.18 -47.44 -17.48
CA SER C 436 68.70 -46.08 -17.24
C SER C 436 68.28 -46.07 -15.83
N VAL C 437 67.56 -47.10 -15.46
CA VAL C 437 66.73 -47.03 -14.30
C VAL C 437 67.50 -46.64 -13.06
N LYS C 438 68.51 -47.39 -12.67
CA LYS C 438 68.93 -47.43 -11.28
C LYS C 438 69.33 -46.10 -10.72
N LYS C 439 69.64 -45.17 -11.60
CA LYS C 439 70.32 -43.93 -11.24
C LYS C 439 69.49 -42.98 -10.37
N LYS C 440 68.25 -42.79 -10.76
CA LYS C 440 67.26 -42.17 -9.92
C LYS C 440 66.04 -43.08 -9.99
N ALA C 441 65.79 -43.79 -8.89
CA ALA C 441 64.66 -44.73 -8.80
C ALA C 441 63.71 -44.52 -7.59
N GLU C 442 64.25 -44.55 -6.37
CA GLU C 442 63.57 -44.06 -5.16
C GLU C 442 63.41 -42.56 -5.09
N GLU C 443 64.51 -41.95 -5.47
CA GLU C 443 64.71 -40.52 -5.47
C GLU C 443 64.42 -40.10 -4.09
N LYS C 444 63.67 -39.04 -3.89
CA LYS C 444 63.14 -38.76 -2.59
C LYS C 444 61.83 -39.36 -2.79
N GLY C 445 61.01 -38.63 -3.50
CA GLY C 445 59.65 -39.01 -3.67
C GLY C 445 59.64 -39.62 -5.01
N VAL C 446 59.46 -40.92 -5.02
CA VAL C 446 60.08 -41.78 -5.97
C VAL C 446 59.42 -43.15 -6.06
N LEU C 447 58.24 -43.24 -6.65
CA LEU C 447 57.39 -44.38 -6.44
C LEU C 447 57.59 -45.57 -7.34
N LEU C 448 57.86 -46.73 -6.79
CA LEU C 448 57.94 -47.93 -7.58
C LEU C 448 57.81 -49.26 -6.87
N LYS C 449 57.54 -50.28 -7.65
CA LYS C 449 57.89 -51.66 -7.41
C LYS C 449 57.98 -52.18 -8.84
N THR C 450 58.86 -53.13 -9.14
CA THR C 450 59.26 -53.47 -10.51
C THR C 450 59.11 -54.95 -10.78
N PHE C 451 58.88 -55.38 -12.01
CA PHE C 451 58.57 -56.80 -12.23
C PHE C 451 59.24 -57.60 -13.32
N ARG C 452 59.35 -58.90 -13.09
CA ARG C 452 59.81 -59.88 -14.08
C ARG C 452 58.71 -60.87 -14.58
N ILE C 453 57.63 -61.01 -13.83
CA ILE C 453 56.54 -61.90 -14.22
C ILE C 453 55.16 -61.21 -14.13
N ILE C 454 54.33 -61.39 -15.16
CA ILE C 454 53.06 -60.67 -15.34
C ILE C 454 52.16 -60.85 -14.14
N TYR C 455 52.15 -62.11 -13.68
CA TYR C 455 51.29 -62.58 -12.62
C TYR C 455 51.68 -61.76 -11.31
N ASP C 456 52.98 -61.57 -10.98
CA ASP C 456 53.43 -60.80 -9.81
C ASP C 456 52.97 -59.34 -9.91
N LEU C 457 53.04 -58.79 -11.11
CA LEU C 457 52.77 -57.36 -11.34
C LEU C 457 51.38 -56.98 -10.92
N VAL C 458 50.41 -57.79 -11.33
CA VAL C 458 49.00 -57.53 -11.06
C VAL C 458 48.62 -57.79 -9.60
N ASP C 459 49.10 -58.85 -9.01
CA ASP C 459 48.81 -58.97 -7.62
C ASP C 459 49.80 -58.23 -6.77
N GLU C 460 49.96 -56.96 -7.06
CA GLU C 460 50.25 -55.86 -6.16
C GLU C 460 49.14 -54.84 -6.39
N VAL C 461 48.78 -54.57 -7.64
CA VAL C 461 47.68 -53.62 -7.84
C VAL C 461 46.61 -53.99 -6.83
N ARG C 462 46.27 -55.26 -6.82
CA ARG C 462 45.21 -55.82 -5.99
C ARG C 462 45.58 -55.91 -4.53
N ASN C 463 46.87 -55.85 -4.22
CA ASN C 463 47.30 -55.78 -2.81
C ASN C 463 46.52 -54.56 -2.38
N MET C 464 45.85 -53.96 -3.39
CA MET C 464 45.31 -52.60 -3.39
C MET C 464 44.28 -52.00 -2.43
N VAL C 465 43.20 -52.66 -2.07
CA VAL C 465 42.34 -52.15 -1.00
C VAL C 465 41.52 -50.90 -1.24
N LYS D 2 -4.70 43.88 -51.11
CA LYS D 2 -4.77 44.22 -49.72
C LYS D 2 -5.60 45.45 -49.42
N VAL D 3 -6.31 45.44 -48.30
CA VAL D 3 -6.87 46.67 -47.82
C VAL D 3 -6.14 47.04 -46.60
N ARG D 4 -5.80 48.28 -46.49
CA ARG D 4 -4.90 48.59 -45.43
C ARG D 4 -5.69 48.20 -44.25
N ILE D 5 -4.96 48.08 -43.17
CA ILE D 5 -5.43 47.54 -41.97
C ILE D 5 -6.53 48.32 -41.37
N TYR D 6 -6.38 49.60 -41.31
CA TYR D 6 -7.34 50.37 -40.59
C TYR D 6 -8.64 50.03 -41.19
N GLN D 7 -8.57 49.33 -42.32
CA GLN D 7 -9.74 48.91 -43.04
C GLN D 7 -10.48 47.79 -42.43
N LEU D 8 -9.78 46.70 -42.21
CA LEU D 8 -10.45 45.45 -41.89
C LEU D 8 -11.20 45.58 -40.61
N ALA D 9 -10.64 46.35 -39.71
CA ALA D 9 -11.14 46.50 -38.36
C ALA D 9 -12.48 47.13 -38.24
N LYS D 10 -12.73 48.07 -39.11
CA LYS D 10 -13.95 48.80 -39.08
C LYS D 10 -14.97 47.75 -39.33
N GLU D 11 -14.61 46.87 -40.23
CA GLU D 11 -15.46 45.79 -40.67
C GLU D 11 -15.80 44.84 -39.56
N LEU D 12 -14.84 44.57 -38.71
CA LEU D 12 -15.03 43.65 -37.64
C LEU D 12 -15.55 44.43 -36.49
N GLY D 13 -15.74 45.71 -36.71
CA GLY D 13 -16.27 46.56 -35.69
C GLY D 13 -15.24 46.78 -34.64
N MET D 14 -14.04 46.31 -34.93
CA MET D 14 -12.90 46.36 -34.03
C MET D 14 -12.27 47.74 -33.91
N GLU D 15 -11.59 47.99 -32.79
CA GLU D 15 -10.88 49.22 -32.59
C GLU D 15 -9.44 49.04 -33.01
N CYS D 16 -8.91 50.06 -33.65
CA CYS D 16 -7.63 50.00 -34.31
C CYS D 16 -6.57 49.73 -33.31
N GLN D 17 -6.72 50.28 -32.14
CA GLN D 17 -5.74 50.15 -31.14
C GLN D 17 -5.61 48.68 -30.79
N GLU D 18 -6.76 48.01 -30.72
CA GLU D 18 -6.81 46.59 -30.43
C GLU D 18 -6.14 45.78 -31.56
N LEU D 19 -6.40 46.21 -32.79
CA LEU D 19 -5.96 45.52 -33.96
C LEU D 19 -4.47 45.58 -34.11
N LEU D 20 -3.91 46.69 -33.71
CA LEU D 20 -2.45 46.84 -33.73
C LEU D 20 -1.76 45.82 -32.79
N GLU D 21 -2.35 45.63 -31.62
CA GLU D 21 -1.84 44.66 -30.64
C GLU D 21 -1.91 43.26 -31.22
N LEU D 22 -2.98 42.99 -31.96
CA LEU D 22 -3.20 41.67 -32.57
C LEU D 22 -2.10 41.23 -33.51
N LEU D 23 -1.72 42.09 -34.46
CA LEU D 23 -0.65 41.78 -35.41
C LEU D 23 0.75 42.00 -34.80
N ASP D 24 0.71 42.59 -33.61
CA ASP D 24 1.82 42.76 -32.67
C ASP D 24 2.38 41.40 -32.16
N GLN D 25 1.48 40.49 -31.75
CA GLN D 25 1.84 39.13 -31.32
C GLN D 25 1.36 38.00 -32.23
N MET D 26 0.93 38.39 -33.43
CA MET D 26 0.54 37.47 -34.48
C MET D 26 1.73 37.13 -35.38
N GLY D 27 2.91 37.56 -35.08
CA GLY D 27 3.97 37.17 -36.02
C GLY D 27 3.86 37.92 -37.34
N VAL D 28 3.53 39.20 -37.26
CA VAL D 28 3.47 39.94 -38.50
C VAL D 28 3.75 41.44 -38.57
N ALA D 29 4.09 41.85 -39.79
CA ALA D 29 4.78 43.08 -40.18
C ALA D 29 3.88 44.19 -40.70
N TYR D 30 4.06 45.42 -40.16
CA TYR D 30 3.23 46.59 -40.44
C TYR D 30 3.87 47.88 -39.85
N LYS D 31 3.82 48.97 -40.59
CA LYS D 31 4.37 50.25 -40.14
C LYS D 31 3.32 51.09 -39.44
N SER D 32 2.10 51.10 -39.97
CA SER D 32 0.94 51.73 -39.31
C SER D 32 -0.43 51.08 -39.69
N HIS D 33 -1.51 51.59 -39.12
CA HIS D 33 -2.81 51.05 -39.36
C HIS D 33 -3.19 51.23 -40.78
N ALA D 34 -2.54 52.17 -41.44
CA ALA D 34 -2.76 52.47 -42.84
C ALA D 34 -2.29 51.30 -43.68
N SER D 35 -1.32 50.57 -43.16
CA SER D 35 -0.58 49.56 -43.92
C SER D 35 -1.53 48.49 -44.43
N THR D 36 -1.17 47.92 -45.57
CA THR D 36 -2.04 47.13 -46.43
C THR D 36 -1.91 45.59 -46.37
N LEU D 37 -3.00 44.83 -46.46
CA LEU D 37 -2.95 43.35 -46.28
C LEU D 37 -3.43 42.41 -47.40
N GLU D 38 -2.56 41.43 -47.75
CA GLU D 38 -2.68 40.48 -48.91
C GLU D 38 -3.60 39.25 -48.65
N GLU D 39 -4.44 38.93 -49.62
CA GLU D 39 -5.63 38.08 -49.42
C GLU D 39 -5.34 36.73 -48.74
N LYS D 40 -4.19 36.16 -49.05
CA LYS D 40 -3.75 34.91 -48.47
C LYS D 40 -3.11 35.12 -47.10
N ASP D 41 -3.00 36.39 -46.72
CA ASP D 41 -2.61 36.81 -45.37
C ASP D 41 -3.86 37.34 -44.68
N ALA D 42 -4.74 37.95 -45.46
CA ALA D 42 -5.92 38.66 -44.97
C ALA D 42 -6.89 37.76 -44.19
N GLU D 43 -7.07 36.53 -44.66
CA GLU D 43 -8.01 35.57 -44.07
C GLU D 43 -7.71 35.19 -42.62
N ALA D 44 -6.42 35.02 -42.32
CA ALA D 44 -5.96 34.51 -41.03
C ALA D 44 -6.38 35.37 -39.85
N VAL D 45 -6.26 36.68 -40.00
CA VAL D 45 -6.66 37.61 -38.95
C VAL D 45 -8.16 37.53 -38.66
N ARG D 46 -8.95 37.38 -39.72
CA ARG D 46 -10.40 37.31 -39.60
C ARG D 46 -10.88 36.08 -38.81
N GLU D 47 -10.25 34.93 -39.06
CA GLU D 47 -10.70 33.66 -38.46
C GLU D 47 -10.65 33.64 -36.93
N LEU D 48 -9.62 34.26 -36.36
CA LEU D 48 -9.46 34.32 -34.93
C LEU D 48 -10.54 35.21 -34.32
N VAL D 49 -10.88 36.27 -35.05
CA VAL D 49 -11.90 37.22 -34.61
C VAL D 49 -13.21 36.47 -34.40
N LYS D 50 -13.34 35.39 -35.19
CA LYS D 50 -14.45 34.42 -35.17
C LYS D 50 -14.10 33.23 -34.32
N GLU D 51 -13.20 33.47 -33.43
CA GLU D 51 -12.84 32.50 -32.38
C GLU D 51 -12.65 33.04 -30.97
N GLN D 52 -11.70 33.93 -30.76
CA GLN D 52 -11.58 34.51 -29.41
C GLN D 52 -12.94 35.05 -29.02
N ARG D 53 -13.62 35.55 -30.02
CA ARG D 53 -14.78 36.29 -29.61
C ARG D 53 -15.76 35.40 -28.93
N GLY D 54 -16.05 34.31 -29.62
CA GLY D 54 -17.05 33.31 -29.22
C GLY D 54 -16.85 32.94 -27.77
N LEU D 55 -15.59 32.75 -27.39
CA LEU D 55 -15.23 32.52 -26.01
C LEU D 55 -15.43 33.78 -25.18
N GLN D 56 -15.17 34.94 -25.75
CA GLN D 56 -15.41 36.14 -25.00
C GLN D 56 -16.85 35.99 -24.61
N GLU D 57 -17.61 35.39 -25.52
CA GLU D 57 -19.02 35.15 -25.33
C GLU D 57 -19.16 34.35 -24.05
N LYS D 58 -18.42 33.23 -24.00
CA LYS D 58 -18.38 32.33 -22.85
C LYS D 58 -17.86 32.99 -21.59
N LEU D 59 -16.79 33.75 -21.67
CA LEU D 59 -16.32 34.31 -20.41
C LEU D 59 -17.54 34.95 -19.74
N ALA D 60 -18.29 35.81 -20.44
CA ALA D 60 -19.48 36.44 -19.84
C ALA D 60 -20.60 35.45 -19.93
N GLU D 61 -20.32 34.37 -20.65
CA GLU D 61 -21.21 33.24 -20.77
C GLU D 61 -21.41 32.75 -19.37
N GLU D 62 -20.35 32.77 -18.58
CA GLU D 62 -20.39 32.21 -17.24
C GLU D 62 -20.21 33.14 -16.04
N GLU D 63 -20.05 34.44 -16.23
CA GLU D 63 -19.96 35.40 -15.11
C GLU D 63 -21.35 36.03 -14.90
N ARG D 64 -22.21 35.84 -15.90
CA ARG D 64 -23.66 36.02 -15.78
C ARG D 64 -24.36 34.98 -14.88
N ARG D 65 -24.17 33.68 -15.16
CA ARG D 65 -24.63 32.63 -14.25
C ARG D 65 -24.22 32.92 -12.81
N LYS D 66 -22.94 33.26 -12.77
CA LYS D 66 -22.18 33.55 -11.58
C LYS D 66 -22.69 34.86 -11.07
N SER D 67 -23.03 35.77 -11.97
CA SER D 67 -23.62 37.00 -11.52
C SER D 67 -24.89 36.50 -10.87
N LEU D 68 -25.24 35.25 -11.22
CA LEU D 68 -26.63 34.81 -11.10
C LEU D 68 -27.25 35.12 -9.76
N PRO D 69 -28.53 35.49 -9.78
CA PRO D 69 -29.32 35.76 -8.58
C PRO D 69 -29.59 34.49 -7.78
N ARG D 70 -29.74 34.62 -6.46
CA ARG D 70 -29.88 33.48 -5.58
C ARG D 70 -31.33 33.29 -5.13
N ARG D 71 -31.83 32.09 -5.39
CA ARG D 71 -33.08 31.62 -4.84
C ARG D 71 -32.82 31.10 -3.43
N PRO D 72 -33.87 31.06 -2.58
CA PRO D 72 -33.74 30.50 -1.22
C PRO D 72 -33.62 28.97 -1.23
N PRO D 73 -32.80 28.43 -0.33
CA PRO D 73 -32.53 26.99 -0.24
C PRO D 73 -33.75 26.22 0.20
N VAL D 74 -33.90 24.99 -0.31
CA VAL D 74 -35.13 24.21 -0.03
C VAL D 74 -34.87 23.14 0.99
N VAL D 75 -35.67 23.17 2.04
CA VAL D 75 -35.51 22.25 3.18
C VAL D 75 -36.72 21.32 3.35
N VAL D 76 -36.39 20.02 3.44
CA VAL D 76 -37.36 18.96 3.66
C VAL D 76 -37.09 18.33 5.02
N ILE D 77 -38.13 17.91 5.67
CA ILE D 77 -38.05 17.18 6.87
C ILE D 77 -38.57 15.82 6.71
N MET D 78 -37.87 14.88 7.33
CA MET D 78 -38.39 13.53 7.40
C MET D 78 -37.91 12.96 8.70
N GLY D 79 -38.63 12.01 9.32
CA GLY D 79 -37.99 11.47 10.51
C GLY D 79 -38.80 10.28 10.95
N HIS D 80 -38.35 9.47 11.92
CA HIS D 80 -39.20 8.38 12.38
C HIS D 80 -40.50 8.91 12.96
N VAL D 81 -41.60 8.21 12.73
CA VAL D 81 -42.90 8.76 13.08
C VAL D 81 -42.92 9.05 14.58
N ASP D 82 -43.44 10.22 14.92
CA ASP D 82 -43.47 10.68 16.31
C ASP D 82 -42.13 11.30 16.71
N HIS D 83 -41.21 11.35 15.74
CA HIS D 83 -39.93 11.99 15.97
C HIS D 83 -40.17 13.44 16.22
N GLY D 84 -41.10 14.00 15.45
CA GLY D 84 -41.52 15.39 15.61
C GLY D 84 -41.35 16.28 14.41
N LYS D 85 -41.16 15.70 13.26
CA LYS D 85 -41.05 16.43 12.01
C LYS D 85 -42.27 17.17 11.65
N THR D 86 -43.37 16.55 11.98
CA THR D 86 -44.66 17.13 11.88
C THR D 86 -44.86 18.29 12.79
N THR D 87 -44.50 18.12 14.03
CA THR D 87 -44.76 19.09 15.02
C THR D 87 -44.03 20.36 14.68
N LEU D 88 -42.83 20.19 14.21
CA LEU D 88 -41.94 21.28 13.85
C LEU D 88 -42.46 21.96 12.61
N LEU D 89 -43.10 21.20 11.74
CA LEU D 89 -43.61 21.81 10.53
C LEU D 89 -44.83 22.68 10.78
N ASP D 90 -45.79 22.21 11.55
CA ASP D 90 -46.89 23.08 12.00
C ASP D 90 -46.36 24.27 12.77
N TYR D 91 -45.36 24.07 13.64
CA TYR D 91 -44.73 25.14 14.42
C TYR D 91 -44.05 26.18 13.58
N LEU D 92 -43.34 25.72 12.55
CA LEU D 92 -42.50 26.62 11.74
C LEU D 92 -43.44 27.60 11.10
N ARG D 93 -44.52 27.03 10.65
CA ARG D 93 -45.46 27.62 9.78
C ARG D 93 -46.13 28.80 10.32
N LYS D 94 -46.34 28.83 11.60
CA LYS D 94 -47.23 29.75 12.15
C LYS D 94 -46.39 30.93 12.20
N SER D 95 -45.57 30.96 11.19
CA SER D 95 -45.01 32.09 10.54
C SER D 95 -46.09 32.92 9.92
N ARG D 96 -47.05 32.24 9.31
CA ARG D 96 -48.14 32.88 8.60
C ARG D 96 -49.33 33.01 9.53
N ILE D 97 -49.16 32.56 10.77
CA ILE D 97 -50.25 32.55 11.72
C ILE D 97 -50.73 33.96 12.00
N ALA D 98 -52.05 34.10 12.05
CA ALA D 98 -52.70 35.38 12.37
C ALA D 98 -52.04 36.62 11.80
N GLU D 99 -51.55 36.45 10.61
CA GLU D 99 -51.28 37.48 9.59
C GLU D 99 -51.72 37.20 8.14
N LYS D 100 -51.55 35.97 7.67
CA LYS D 100 -51.71 35.74 6.25
C LYS D 100 -53.09 36.26 5.93
N GLU D 101 -53.18 37.04 4.86
CA GLU D 101 -54.42 37.70 4.51
C GLU D 101 -55.41 36.61 4.19
N ALA D 102 -56.63 37.09 4.23
CA ALA D 102 -57.82 36.43 4.59
C ALA D 102 -58.13 35.37 3.65
N GLY D 103 -57.48 35.35 2.51
CA GLY D 103 -57.28 34.09 1.89
C GLY D 103 -56.40 33.25 2.82
N GLY D 104 -55.62 33.94 3.64
CA GLY D 104 -54.22 34.18 3.59
C GLY D 104 -53.14 33.14 3.70
N ILE D 105 -53.18 32.21 4.64
CA ILE D 105 -52.22 31.16 4.66
C ILE D 105 -52.88 29.87 4.99
N THR D 106 -53.70 29.31 4.11
CA THR D 106 -54.49 28.18 4.60
C THR D 106 -54.23 26.95 3.80
N GLN D 107 -54.17 27.24 2.51
CA GLN D 107 -53.89 26.29 1.44
C GLN D 107 -52.51 25.75 1.23
N HIS D 108 -52.52 24.55 0.76
CA HIS D 108 -51.33 23.92 0.55
C HIS D 108 -50.99 23.89 -0.87
N VAL D 109 -49.76 24.29 -1.08
CA VAL D 109 -49.14 24.43 -2.34
C VAL D 109 -47.91 23.52 -2.33
N GLY D 110 -47.76 22.81 -1.24
CA GLY D 110 -46.68 21.92 -0.99
C GLY D 110 -45.50 22.50 -0.28
N ALA D 111 -45.62 23.73 0.16
CA ALA D 111 -44.53 24.38 0.83
C ALA D 111 -45.03 25.58 1.59
N PHE D 112 -44.30 25.99 2.62
CA PHE D 112 -44.50 27.27 3.23
C PHE D 112 -43.19 27.98 3.33
N GLU D 113 -43.24 29.27 3.07
CA GLU D 113 -42.07 30.13 3.13
C GLU D 113 -41.90 30.64 4.54
N VAL D 114 -40.68 30.60 5.05
CA VAL D 114 -40.38 31.28 6.29
C VAL D 114 -39.51 32.46 5.93
N LYS D 115 -40.03 33.67 6.08
CA LYS D 115 -39.27 34.83 5.68
C LYS D 115 -38.77 35.37 6.97
N THR D 116 -37.45 35.32 7.09
CA THR D 116 -36.69 36.01 8.07
C THR D 116 -36.31 37.27 7.43
N PRO D 117 -35.65 38.09 8.20
CA PRO D 117 -34.96 39.24 7.72
C PRO D 117 -33.85 38.79 6.84
N GLN D 118 -33.16 37.77 7.27
CA GLN D 118 -32.03 37.34 6.55
C GLN D 118 -32.31 36.75 5.22
N GLY D 119 -33.19 35.81 5.16
CA GLY D 119 -33.56 35.26 3.90
C GLY D 119 -34.80 34.51 4.11
N THR D 120 -35.43 34.15 3.03
CA THR D 120 -36.46 33.16 2.95
C THR D 120 -36.05 31.72 2.78
N VAL D 121 -36.85 30.91 3.37
CA VAL D 121 -36.50 29.47 3.44
C VAL D 121 -37.78 28.89 2.89
N VAL D 122 -37.68 28.03 1.88
CA VAL D 122 -38.85 27.29 1.41
C VAL D 122 -38.81 25.92 2.09
N PHE D 123 -39.90 25.55 2.76
CA PHE D 123 -40.09 24.32 3.52
C PHE D 123 -41.25 23.53 2.91
N ILE D 124 -40.96 22.35 2.36
CA ILE D 124 -41.94 21.34 1.99
C ILE D 124 -42.96 21.09 3.12
N ASP D 125 -44.18 20.77 2.74
CA ASP D 125 -45.20 20.38 3.69
C ASP D 125 -45.76 19.09 3.18
N THR D 126 -45.19 18.68 2.06
CA THR D 126 -45.68 17.57 1.27
C THR D 126 -45.50 16.27 2.02
N PRO D 127 -46.60 15.63 2.39
CA PRO D 127 -46.54 14.57 3.40
C PRO D 127 -45.79 13.29 3.06
N GLY D 128 -45.49 12.64 4.19
CA GLY D 128 -44.28 11.92 4.53
C GLY D 128 -43.96 10.67 3.76
N HIS D 129 -42.66 10.38 3.65
CA HIS D 129 -42.22 9.42 2.73
C HIS D 129 -40.79 9.51 2.81
N ALA D 140 -36.47 14.12 -10.74
CA ALA D 140 -36.28 15.43 -10.13
C ALA D 140 -35.78 15.41 -8.69
N LYS D 141 -35.02 16.44 -8.32
CA LYS D 141 -34.67 16.69 -6.94
C LYS D 141 -35.38 17.95 -6.47
N VAL D 142 -36.17 17.83 -5.40
CA VAL D 142 -36.95 18.99 -4.91
C VAL D 142 -36.33 19.81 -3.78
N ALA D 143 -35.22 19.33 -3.21
CA ALA D 143 -34.68 20.00 -2.03
C ALA D 143 -33.16 20.20 -2.04
N ASP D 144 -32.72 21.20 -1.31
CA ASP D 144 -31.32 21.48 -1.14
C ASP D 144 -30.81 20.90 0.16
N ILE D 145 -31.70 20.85 1.11
CA ILE D 145 -31.44 20.53 2.53
C ILE D 145 -32.60 19.67 3.08
N ALA D 146 -32.27 18.94 4.15
CA ALA D 146 -33.05 17.82 4.65
C ALA D 146 -32.82 17.65 6.19
N VAL D 147 -33.81 17.97 7.02
CA VAL D 147 -33.56 18.15 8.48
C VAL D 147 -33.93 16.89 9.29
N ILE D 148 -32.99 15.96 9.33
CA ILE D 148 -33.26 14.64 9.87
C ILE D 148 -33.68 14.82 11.30
N VAL D 149 -34.83 14.25 11.68
CA VAL D 149 -35.28 14.35 13.06
C VAL D 149 -35.24 13.00 13.76
N ILE D 150 -34.50 12.93 14.85
CA ILE D 150 -34.44 11.74 15.69
C ILE D 150 -34.80 12.13 17.11
N ALA D 151 -35.70 11.38 17.72
CA ALA D 151 -36.11 11.70 19.08
C ALA D 151 -34.93 11.55 20.04
N ALA D 152 -34.77 12.51 20.92
CA ALA D 152 -33.71 12.46 21.93
C ALA D 152 -33.96 11.27 22.85
N ASP D 153 -35.22 11.06 23.18
CA ASP D 153 -35.63 9.99 24.12
C ASP D 153 -35.62 8.56 23.52
N ASP D 154 -35.85 8.50 22.21
CA ASP D 154 -36.08 7.23 21.57
C ASP D 154 -34.92 6.84 20.65
N GLY D 155 -34.08 7.81 20.31
CA GLY D 155 -32.94 7.54 19.50
C GLY D 155 -33.22 7.41 18.08
N ILE D 156 -32.37 6.67 17.42
CA ILE D 156 -32.41 6.41 16.02
C ILE D 156 -33.07 5.13 15.71
N MET D 157 -33.98 5.19 14.75
CA MET D 157 -35.01 4.19 14.57
C MET D 157 -34.88 3.79 13.11
N PRO D 158 -35.60 2.77 12.67
CA PRO D 158 -35.33 2.30 11.31
C PRO D 158 -35.64 3.40 10.29
N GLN D 159 -36.71 4.13 10.66
CA GLN D 159 -37.38 5.15 9.87
C GLN D 159 -36.42 6.32 9.71
N THR D 160 -35.38 6.32 10.53
CA THR D 160 -34.40 7.41 10.56
C THR D 160 -33.18 7.07 9.73
N GLU D 161 -32.77 5.81 9.76
CA GLU D 161 -31.78 5.33 8.79
C GLU D 161 -32.22 5.41 7.38
N GLU D 162 -33.47 5.08 7.06
CA GLU D 162 -33.91 5.27 5.70
C GLU D 162 -33.98 6.69 5.33
N ALA D 163 -34.38 7.59 6.22
CA ALA D 163 -34.43 9.01 5.82
C ALA D 163 -33.00 9.50 5.54
N ILE D 164 -32.06 8.94 6.31
CA ILE D 164 -30.65 9.27 6.12
C ILE D 164 -30.17 8.73 4.82
N ALA D 165 -30.47 7.48 4.45
CA ALA D 165 -29.96 7.03 3.10
C ALA D 165 -30.61 7.68 1.86
N HIS D 166 -31.94 7.92 1.83
CA HIS D 166 -32.56 8.74 0.72
C HIS D 166 -31.93 10.11 0.62
N ALA D 167 -31.82 10.84 1.72
CA ALA D 167 -31.27 12.25 1.67
C ALA D 167 -29.80 12.45 1.29
N LYS D 168 -28.95 11.55 1.79
CA LYS D 168 -27.55 11.44 1.41
C LYS D 168 -27.36 11.02 -0.05
N ALA D 169 -28.14 10.05 -0.51
CA ALA D 169 -28.07 9.66 -1.90
C ALA D 169 -28.57 10.78 -2.81
N ALA D 170 -29.77 11.31 -2.50
CA ALA D 170 -30.39 12.25 -3.42
C ALA D 170 -29.82 13.65 -3.26
N GLY D 171 -28.71 13.78 -2.55
CA GLY D 171 -27.94 15.03 -2.56
C GLY D 171 -28.30 16.10 -1.51
N ALA D 172 -29.22 15.76 -0.61
CA ALA D 172 -29.62 16.74 0.37
C ALA D 172 -28.41 17.06 1.19
N LYS D 173 -28.38 18.27 1.77
CA LYS D 173 -27.34 18.67 2.70
C LYS D 173 -27.97 18.51 4.06
N LEU D 174 -27.29 17.79 4.96
CA LEU D 174 -27.99 17.21 6.10
C LEU D 174 -27.85 18.12 7.27
N ILE D 175 -28.88 18.12 8.13
CA ILE D 175 -28.88 18.85 9.35
C ILE D 175 -29.53 17.95 10.42
N PHE D 176 -28.72 17.50 11.37
CA PHE D 176 -29.31 16.65 12.33
C PHE D 176 -29.88 17.48 13.42
N ALA D 177 -31.17 17.78 13.26
CA ALA D 177 -31.90 18.47 14.30
C ALA D 177 -32.58 17.45 15.14
N ILE D 178 -32.22 17.44 16.40
CA ILE D 178 -32.60 16.56 17.47
C ILE D 178 -33.71 17.05 18.38
N ASN D 179 -34.86 16.42 18.32
CA ASN D 179 -36.03 17.02 18.83
C ASN D 179 -36.36 17.19 20.25
N LYS D 180 -36.12 16.18 21.03
CA LYS D 180 -36.67 16.22 22.33
C LYS D 180 -35.77 16.86 23.35
N ILE D 181 -35.48 18.14 23.14
CA ILE D 181 -34.60 18.89 24.03
C ILE D 181 -35.12 19.06 25.46
N ASP D 182 -36.41 19.31 25.59
CA ASP D 182 -37.03 19.69 26.86
C ASP D 182 -37.10 18.65 27.91
N LEU D 183 -37.46 17.47 27.50
CA LEU D 183 -37.69 16.38 28.42
C LEU D 183 -36.43 16.01 29.15
N PRO D 184 -36.57 15.65 30.40
CA PRO D 184 -35.43 15.28 31.25
C PRO D 184 -34.74 14.01 30.80
N GLN D 185 -35.52 12.99 30.49
CA GLN D 185 -34.89 11.76 30.02
C GLN D 185 -34.53 12.02 28.57
N ALA D 186 -33.71 13.04 28.32
CA ALA D 186 -33.35 13.22 27.00
C ALA D 186 -31.92 13.01 26.92
N ASP D 187 -31.42 12.01 26.21
CA ASP D 187 -30.00 11.94 25.96
C ASP D 187 -29.52 12.58 24.68
N PRO D 188 -29.45 13.87 24.57
CA PRO D 188 -28.99 14.25 23.27
C PRO D 188 -27.70 13.56 23.01
N GLU D 189 -26.71 13.59 23.87
CA GLU D 189 -25.40 12.97 23.60
C GLU D 189 -25.52 11.57 23.06
N LYS D 190 -26.50 10.85 23.61
CA LYS D 190 -26.73 9.45 23.37
C LYS D 190 -26.94 9.20 21.90
N VAL D 191 -27.65 10.10 21.26
CA VAL D 191 -27.95 10.00 19.85
C VAL D 191 -26.70 10.38 19.08
N LYS D 192 -25.99 11.41 19.55
CA LYS D 192 -24.74 11.87 18.93
C LYS D 192 -23.84 10.72 18.79
N ARG D 193 -23.86 9.88 19.79
CA ARG D 193 -22.96 8.75 19.82
C ARG D 193 -23.20 7.70 18.72
N GLN D 194 -24.44 7.29 18.55
CA GLN D 194 -24.81 6.43 17.43
C GLN D 194 -24.67 7.09 16.08
N LEU D 195 -24.98 8.38 16.01
CA LEU D 195 -24.73 9.12 14.74
C LEU D 195 -23.33 8.75 14.25
N MET D 196 -22.34 9.02 15.13
CA MET D 196 -20.95 8.51 15.06
C MET D 196 -20.83 7.03 14.67
N GLU D 197 -21.51 6.15 15.37
CA GLU D 197 -21.39 4.74 15.06
C GLU D 197 -21.71 4.45 13.62
N ARG D 198 -22.43 5.36 12.98
CA ARG D 198 -22.85 5.12 11.62
C ARG D 198 -22.00 5.86 10.63
N GLY D 199 -21.25 6.84 11.10
CA GLY D 199 -20.46 7.73 10.20
C GLY D 199 -20.74 9.24 10.30
N PHE D 200 -21.70 9.62 11.08
CA PHE D 200 -21.93 11.03 11.30
C PHE D 200 -21.47 11.44 12.66
N VAL D 201 -20.60 12.39 12.60
CA VAL D 201 -19.92 12.83 13.69
C VAL D 201 -20.18 14.23 13.53
N PRO D 202 -20.55 14.79 14.68
CA PRO D 202 -20.71 16.22 14.90
C PRO D 202 -19.38 16.94 14.86
N GLU D 203 -19.46 18.13 14.32
CA GLU D 203 -18.39 19.06 14.16
C GLU D 203 -17.75 19.37 15.47
N GLU D 204 -18.55 19.26 16.52
CA GLU D 204 -18.06 19.51 17.86
C GLU D 204 -16.97 18.49 18.09
N TYR D 205 -17.22 17.29 17.57
CA TYR D 205 -16.36 16.18 17.81
C TYR D 205 -15.29 16.07 16.74
N GLY D 206 -15.09 17.14 16.01
CA GLY D 206 -14.13 17.15 14.96
C GLY D 206 -14.61 16.80 13.56
N GLY D 207 -15.90 16.45 13.37
CA GLY D 207 -16.37 15.94 12.07
C GLY D 207 -17.32 16.67 11.13
N ASP D 208 -17.58 15.97 9.98
CA ASP D 208 -18.50 16.43 8.86
C ASP D 208 -19.93 16.83 9.19
N ALA D 209 -20.60 16.13 10.09
CA ALA D 209 -22.04 16.31 10.38
C ALA D 209 -22.50 17.56 11.25
N ILE D 210 -23.59 18.21 10.87
CA ILE D 210 -24.22 19.33 11.56
C ILE D 210 -25.37 18.95 12.48
N VAL D 211 -25.26 19.29 13.76
CA VAL D 211 -26.21 18.83 14.81
C VAL D 211 -26.73 19.96 15.68
N ILE D 212 -28.03 20.27 15.52
CA ILE D 212 -28.68 21.43 16.18
C ILE D 212 -29.82 20.82 16.92
N PRO D 213 -29.79 20.94 18.28
CA PRO D 213 -30.74 20.40 19.27
C PRO D 213 -31.91 21.34 19.49
N ILE D 214 -33.11 20.91 19.12
CA ILE D 214 -34.30 21.78 19.21
C ILE D 214 -35.33 21.26 20.21
N SER D 215 -36.35 22.04 20.45
CA SER D 215 -37.60 21.52 20.95
C SER D 215 -38.66 22.05 20.00
N ALA D 216 -39.42 21.18 19.36
CA ALA D 216 -40.53 21.68 18.67
C ALA D 216 -41.50 22.28 19.67
N LYS D 217 -41.75 21.52 20.74
CA LYS D 217 -42.80 21.86 21.69
C LYS D 217 -42.54 23.21 22.35
N THR D 218 -41.26 23.51 22.65
CA THR D 218 -40.91 24.66 23.43
C THR D 218 -40.23 25.68 22.63
N GLY D 219 -39.78 25.28 21.48
CA GLY D 219 -39.15 26.18 20.57
C GLY D 219 -37.78 26.67 20.87
N GLN D 220 -37.06 25.91 21.62
CA GLN D 220 -35.76 26.24 22.10
C GLN D 220 -34.57 26.45 21.20
N GLY D 221 -34.34 25.63 20.22
CA GLY D 221 -33.20 25.91 19.42
C GLY D 221 -33.39 26.25 17.99
N VAL D 222 -34.61 26.38 17.58
CA VAL D 222 -34.94 26.50 16.21
C VAL D 222 -34.36 27.71 15.60
N GLN D 223 -34.48 28.80 16.26
CA GLN D 223 -33.81 29.97 15.75
C GLN D 223 -32.47 29.57 15.15
N ASP D 224 -31.72 28.72 15.87
CA ASP D 224 -30.33 28.39 15.45
C ASP D 224 -30.30 27.63 14.14
N LEU D 225 -31.13 26.60 14.11
CA LEU D 225 -31.41 25.78 12.97
C LEU D 225 -31.82 26.62 11.79
N LEU D 226 -32.64 27.62 11.95
CA LEU D 226 -32.97 28.55 10.88
C LEU D 226 -31.85 29.34 10.36
N GLU D 227 -31.07 29.76 11.36
CA GLU D 227 -29.85 30.56 11.31
C GLU D 227 -28.73 29.80 10.59
N MET D 228 -28.87 28.48 10.59
CA MET D 228 -28.08 27.57 9.83
C MET D 228 -28.58 27.39 8.43
N ILE D 229 -29.84 27.24 8.23
CA ILE D 229 -30.29 26.94 6.91
C ILE D 229 -29.88 28.02 5.99
N LEU D 230 -30.00 29.25 6.50
CA LEU D 230 -29.59 30.47 5.81
C LEU D 230 -28.09 30.59 5.52
N LEU D 231 -27.23 30.25 6.49
CA LEU D 231 -25.85 30.13 6.14
C LEU D 231 -25.57 29.13 5.09
N LEU D 232 -26.05 27.91 5.24
CA LEU D 232 -25.95 26.96 4.13
C LEU D 232 -26.48 27.49 2.80
N ALA D 233 -27.52 28.34 2.84
CA ALA D 233 -27.98 28.99 1.57
C ALA D 233 -26.91 29.94 1.01
N GLU D 234 -26.39 30.85 1.83
CA GLU D 234 -25.34 31.71 1.30
C GLU D 234 -24.04 31.03 0.96
N LEU D 235 -23.54 30.17 1.83
CA LEU D 235 -22.33 29.43 1.54
C LEU D 235 -22.45 28.55 0.32
N GLU D 236 -23.65 28.11 0.00
CA GLU D 236 -23.76 27.30 -1.19
C GLU D 236 -24.18 28.24 -2.29
N ASP D 237 -24.64 29.42 -1.90
CA ASP D 237 -24.81 30.41 -2.90
C ASP D 237 -25.80 29.82 -3.90
N TYR D 238 -27.02 29.72 -3.51
CA TYR D 238 -28.06 29.14 -4.30
C TYR D 238 -28.68 30.24 -5.17
N ARG D 239 -28.45 30.21 -6.45
CA ARG D 239 -28.91 31.23 -7.41
C ARG D 239 -29.71 30.62 -8.56
N ALA D 240 -30.49 31.46 -9.24
CA ALA D 240 -31.48 30.96 -10.17
C ALA D 240 -31.87 32.09 -11.07
N ASP D 241 -31.86 31.77 -12.35
CA ASP D 241 -32.21 32.71 -13.37
C ASP D 241 -33.71 32.67 -13.61
N PRO D 242 -34.40 33.75 -13.37
CA PRO D 242 -35.80 33.87 -13.65
C PRO D 242 -36.08 33.87 -15.12
N ASN D 243 -35.06 33.87 -15.94
CA ASN D 243 -35.18 34.18 -17.33
C ASN D 243 -34.71 33.13 -18.30
N ALA D 244 -34.77 31.88 -17.94
CA ALA D 244 -34.42 30.77 -18.78
C ALA D 244 -35.62 29.88 -18.88
N GLU D 245 -35.59 28.87 -19.71
CA GLU D 245 -36.82 28.10 -19.89
C GLU D 245 -37.36 27.79 -18.49
N PRO D 246 -38.64 28.00 -18.24
CA PRO D 246 -39.16 27.72 -16.93
C PRO D 246 -39.14 26.25 -16.73
N ARG D 247 -38.59 25.83 -15.60
CA ARG D 247 -38.56 24.47 -15.15
C ARG D 247 -39.08 24.29 -13.73
N GLY D 248 -39.88 23.29 -13.51
CA GLY D 248 -40.40 23.10 -12.15
C GLY D 248 -40.38 21.63 -11.81
N VAL D 249 -40.87 21.28 -10.64
CA VAL D 249 -40.98 19.88 -10.24
C VAL D 249 -42.31 19.60 -9.57
N ILE D 250 -42.93 18.48 -9.97
CA ILE D 250 -44.24 18.07 -9.38
C ILE D 250 -44.11 17.62 -7.93
N LEU D 251 -44.60 18.48 -7.02
CA LEU D 251 -44.71 18.17 -5.59
C LEU D 251 -45.89 17.22 -5.29
N GLU D 252 -47.09 17.59 -5.69
CA GLU D 252 -48.31 16.83 -5.46
C GLU D 252 -49.33 17.04 -6.52
N SER D 253 -50.32 16.17 -6.67
CA SER D 253 -51.44 16.38 -7.59
C SER D 253 -52.59 15.62 -6.98
N LYS D 254 -53.78 16.05 -7.28
CA LYS D 254 -54.96 15.56 -6.63
C LYS D 254 -56.17 15.80 -7.49
N LEU D 255 -57.30 15.26 -7.08
CA LEU D 255 -58.54 15.43 -7.74
C LEU D 255 -59.42 16.43 -7.06
N ASP D 256 -59.90 17.41 -7.77
CA ASP D 256 -60.74 18.43 -7.17
C ASP D 256 -62.22 18.27 -7.41
N LYS D 257 -62.97 18.20 -6.32
CA LYS D 257 -64.36 17.90 -6.43
C LYS D 257 -65.12 18.94 -7.18
N GLN D 258 -64.66 20.16 -7.25
CA GLN D 258 -65.25 21.01 -8.28
C GLN D 258 -64.43 21.57 -9.47
N ALA D 259 -63.11 21.64 -9.40
CA ALA D 259 -62.35 22.33 -10.43
C ALA D 259 -61.49 21.53 -11.43
N GLY D 260 -61.40 20.22 -11.27
CA GLY D 260 -60.75 19.39 -12.25
C GLY D 260 -59.44 19.21 -11.61
N ILE D 261 -58.38 18.96 -12.39
CA ILE D 261 -57.04 18.53 -11.99
C ILE D 261 -56.38 19.72 -11.46
N ILE D 262 -55.83 19.59 -10.25
CA ILE D 262 -55.00 20.59 -9.62
C ILE D 262 -53.68 19.98 -9.21
N ALA D 263 -52.58 20.63 -9.57
CA ALA D 263 -51.24 20.20 -9.21
C ALA D 263 -50.54 21.24 -8.31
N ASN D 264 -49.94 20.83 -7.22
CA ASN D 264 -48.98 21.57 -6.45
C ASN D 264 -47.61 21.42 -7.09
N MET D 265 -46.95 22.52 -7.42
CA MET D 265 -45.69 22.41 -8.15
C MET D 265 -44.58 23.28 -7.61
N LEU D 266 -43.32 22.86 -7.87
CA LEU D 266 -42.15 23.69 -7.51
C LEU D 266 -41.41 24.25 -8.71
N VAL D 267 -41.22 25.56 -8.72
CA VAL D 267 -40.51 26.22 -9.83
C VAL D 267 -39.00 26.30 -9.50
N GLN D 268 -38.21 25.85 -10.42
CA GLN D 268 -36.84 25.79 -10.13
C GLN D 268 -35.93 26.71 -10.88
N GLU D 269 -36.32 27.01 -12.08
CA GLU D 269 -35.55 27.68 -13.07
C GLU D 269 -36.73 28.39 -13.61
N GLY D 270 -36.55 29.58 -14.12
CA GLY D 270 -37.62 30.22 -14.79
C GLY D 270 -38.53 31.12 -14.13
N THR D 271 -39.53 31.41 -14.92
CA THR D 271 -40.69 31.97 -14.30
C THR D 271 -41.83 31.33 -15.05
N PHE D 272 -42.90 31.04 -14.32
CA PHE D 272 -44.11 30.42 -14.87
C PHE D 272 -45.20 31.43 -14.86
N ARG D 273 -45.69 31.62 -16.06
CA ARG D 273 -46.59 32.69 -16.43
C ARG D 273 -47.94 32.11 -16.83
N VAL D 274 -49.01 32.70 -16.33
CA VAL D 274 -50.28 32.13 -16.66
C VAL D 274 -50.34 32.09 -18.16
N GLY D 275 -50.90 31.03 -18.72
CA GLY D 275 -50.95 30.89 -20.13
C GLY D 275 -49.81 30.10 -20.71
N ASP D 276 -48.85 29.74 -19.88
CA ASP D 276 -47.74 28.91 -20.36
C ASP D 276 -48.31 27.53 -20.66
N TYR D 277 -47.77 26.87 -21.67
CA TYR D 277 -48.32 25.58 -22.02
C TYR D 277 -47.31 24.60 -21.58
N VAL D 278 -47.73 23.65 -20.76
CA VAL D 278 -46.75 22.94 -19.91
C VAL D 278 -46.91 21.41 -19.95
N VAL D 279 -45.84 20.66 -19.64
CA VAL D 279 -45.84 19.20 -19.80
C VAL D 279 -45.21 18.60 -18.53
N ALA D 280 -45.96 17.78 -17.82
CA ALA D 280 -45.45 17.19 -16.57
C ALA D 280 -45.25 15.68 -16.73
N GLY D 281 -44.12 15.24 -17.28
CA GLY D 281 -44.04 13.88 -17.81
C GLY D 281 -44.95 13.73 -19.02
N GLU D 282 -45.80 12.69 -19.03
CA GLU D 282 -46.84 12.45 -20.06
C GLU D 282 -48.00 13.45 -19.97
N ALA D 283 -48.27 14.01 -18.79
CA ALA D 283 -49.35 14.97 -18.67
C ALA D 283 -49.02 16.28 -19.38
N TYR D 284 -50.05 16.97 -19.85
CA TYR D 284 -49.92 18.26 -20.53
C TYR D 284 -51.18 19.10 -20.49
N GLY D 285 -50.99 20.42 -20.45
CA GLY D 285 -52.11 21.34 -20.58
C GLY D 285 -51.70 22.79 -20.63
N ARG D 286 -52.35 23.59 -19.82
CA ARG D 286 -52.10 25.01 -19.65
C ARG D 286 -52.31 25.57 -18.27
N ILE D 287 -51.38 26.35 -17.79
CA ILE D 287 -51.50 27.13 -16.55
C ILE D 287 -52.65 28.15 -16.58
N ARG D 288 -53.69 27.95 -15.76
CA ARG D 288 -54.94 28.75 -15.79
C ARG D 288 -55.13 29.67 -14.58
N ALA D 289 -54.49 29.31 -13.47
CA ALA D 289 -54.56 30.08 -12.24
C ALA D 289 -53.57 29.41 -11.31
N MET D 290 -53.01 30.18 -10.38
CA MET D 290 -51.89 29.72 -9.53
C MET D 290 -52.03 30.32 -8.15
N MET D 291 -51.99 29.59 -7.08
CA MET D 291 -52.08 30.26 -5.84
C MET D 291 -50.78 30.16 -5.11
N ASP D 292 -50.67 30.98 -4.06
CA ASP D 292 -49.49 31.08 -3.22
C ASP D 292 -49.91 30.79 -1.79
N ALA D 293 -49.08 30.05 -1.08
CA ALA D 293 -49.46 29.46 0.17
C ALA D 293 -50.46 30.37 0.81
N ASP D 294 -50.21 31.64 0.63
CA ASP D 294 -51.10 32.72 0.88
C ASP D 294 -52.04 32.63 -0.24
N GLY D 295 -53.23 33.15 -0.10
CA GLY D 295 -54.31 32.87 -1.03
C GLY D 295 -54.13 33.52 -2.34
N ASN D 296 -53.15 34.34 -2.37
CA ASN D 296 -53.07 35.24 -3.44
C ASN D 296 -52.70 34.52 -4.63
N GLN D 297 -53.47 34.96 -5.62
CA GLN D 297 -53.45 34.55 -6.99
C GLN D 297 -52.49 35.34 -7.73
N ARG D 298 -51.66 34.63 -8.47
CA ARG D 298 -50.51 35.20 -9.17
C ARG D 298 -50.46 34.86 -10.66
N LYS D 299 -50.10 35.89 -11.42
CA LYS D 299 -49.87 35.84 -12.86
C LYS D 299 -48.50 35.29 -13.28
N GLU D 300 -47.59 35.21 -12.32
CA GLU D 300 -46.17 34.95 -12.61
C GLU D 300 -45.49 34.14 -11.49
N ALA D 301 -44.94 32.95 -11.79
CA ALA D 301 -44.34 32.09 -10.74
C ALA D 301 -42.81 31.85 -10.85
N GLY D 302 -42.06 32.69 -10.14
CA GLY D 302 -40.61 32.62 -10.14
C GLY D 302 -40.18 31.31 -9.54
N PRO D 303 -38.98 30.84 -9.91
CA PRO D 303 -38.47 29.56 -9.39
C PRO D 303 -38.29 29.68 -7.88
N GLY D 304 -38.48 28.57 -7.16
CA GLY D 304 -38.43 28.55 -5.68
C GLY D 304 -39.81 28.87 -5.18
N SER D 305 -40.72 29.07 -6.13
CA SER D 305 -42.09 29.41 -5.76
C SER D 305 -42.98 28.23 -5.93
N ALA D 306 -43.74 27.95 -4.88
CA ALA D 306 -44.61 26.80 -4.88
C ALA D 306 -46.01 27.30 -5.12
N VAL D 307 -46.56 26.93 -6.29
CA VAL D 307 -47.88 27.43 -6.70
C VAL D 307 -48.85 26.32 -7.06
N GLN D 308 -50.13 26.53 -6.69
CA GLN D 308 -51.21 25.65 -7.16
C GLN D 308 -51.57 26.05 -8.58
N VAL D 309 -51.61 25.06 -9.48
CA VAL D 309 -51.77 25.29 -10.92
C VAL D 309 -53.05 24.61 -11.41
N LEU D 310 -53.81 25.33 -12.24
CA LEU D 310 -54.95 24.79 -12.97
C LEU D 310 -54.55 24.83 -14.41
N GLY D 311 -54.81 23.77 -15.16
CA GLY D 311 -54.37 23.68 -16.53
C GLY D 311 -53.83 22.34 -17.01
N PHE D 312 -53.87 21.33 -16.17
CA PHE D 312 -53.35 20.04 -16.64
C PHE D 312 -54.48 19.16 -17.22
N GLN D 313 -54.27 18.56 -18.38
CA GLN D 313 -55.29 17.68 -18.93
C GLN D 313 -55.48 16.36 -18.18
N GLU D 314 -54.39 15.61 -17.96
CA GLU D 314 -54.37 14.41 -17.11
C GLU D 314 -53.29 14.62 -16.05
N LEU D 315 -53.50 14.11 -14.83
CA LEU D 315 -52.63 14.52 -13.73
C LEU D 315 -51.23 14.00 -13.72
N PRO D 316 -50.33 14.85 -13.24
CA PRO D 316 -48.92 14.70 -13.34
C PRO D 316 -48.49 13.80 -12.25
N HIS D 317 -47.33 13.19 -12.40
CA HIS D 317 -46.81 12.34 -11.37
C HIS D 317 -45.99 13.13 -10.41
N PRO D 318 -46.16 12.91 -9.13
CA PRO D 318 -45.33 13.67 -8.24
C PRO D 318 -43.92 13.24 -8.50
N GLY D 319 -43.04 14.20 -8.35
CA GLY D 319 -41.68 14.16 -8.81
C GLY D 319 -41.41 14.83 -10.12
N ASP D 320 -42.22 14.54 -11.06
CA ASP D 320 -41.91 14.66 -12.41
C ASP D 320 -41.69 16.08 -12.55
N VAL D 321 -41.03 16.41 -13.63
CA VAL D 321 -40.67 17.76 -13.87
C VAL D 321 -41.58 18.42 -14.82
N VAL D 322 -41.92 19.64 -14.53
CA VAL D 322 -42.73 20.49 -15.42
C VAL D 322 -41.79 21.28 -16.31
N GLU D 323 -41.87 21.06 -17.61
CA GLU D 323 -41.18 21.92 -18.57
C GLU D 323 -42.15 22.83 -19.36
N TRP D 324 -41.74 24.10 -19.56
CA TRP D 324 -42.42 25.06 -20.45
C TRP D 324 -42.15 24.64 -21.87
N VAL D 325 -43.17 24.82 -22.71
CA VAL D 325 -43.20 24.32 -24.05
C VAL D 325 -43.94 25.38 -24.88
N PRO D 326 -43.59 25.52 -26.15
CA PRO D 326 -44.14 26.57 -27.00
C PRO D 326 -45.62 26.50 -27.27
N ASP D 327 -46.14 25.31 -27.41
CA ASP D 327 -47.52 25.13 -27.73
C ASP D 327 -48.05 23.82 -27.20
N LEU D 328 -49.34 23.67 -27.30
CA LEU D 328 -50.01 22.41 -27.05
C LEU D 328 -49.62 21.28 -28.02
N GLU D 329 -49.23 21.63 -29.22
CA GLU D 329 -48.90 20.61 -30.16
C GLU D 329 -47.72 19.88 -29.65
N ALA D 330 -46.68 20.62 -29.20
CA ALA D 330 -45.48 20.03 -28.62
C ALA D 330 -45.84 19.28 -27.34
N ALA D 331 -46.66 19.95 -26.51
CA ALA D 331 -47.11 19.41 -25.26
C ALA D 331 -47.62 17.99 -25.52
N LYS D 332 -48.45 17.80 -26.54
CA LYS D 332 -48.91 16.45 -26.91
C LYS D 332 -47.79 15.54 -27.45
N GLU D 333 -46.90 16.09 -28.25
CA GLU D 333 -45.91 15.28 -28.96
C GLU D 333 -44.99 14.60 -27.97
N ILE D 334 -44.32 15.42 -27.14
CA ILE D 334 -43.25 14.93 -26.26
C ILE D 334 -43.87 13.90 -25.32
N ALA D 335 -44.92 14.33 -24.63
CA ALA D 335 -45.70 13.45 -23.79
C ALA D 335 -46.21 12.13 -24.47
N GLU D 336 -46.43 12.14 -25.78
CA GLU D 336 -46.84 10.89 -26.38
C GLU D 336 -45.62 10.08 -26.75
N GLU D 337 -44.46 10.72 -26.64
CA GLU D 337 -43.21 9.97 -26.70
C GLU D 337 -43.15 9.15 -25.43
N ARG D 338 -43.46 9.84 -24.34
CA ARG D 338 -43.28 9.34 -23.02
C ARG D 338 -44.16 8.13 -22.77
N LYS D 339 -45.38 8.17 -23.23
CA LYS D 339 -46.12 6.94 -23.15
C LYS D 339 -45.37 5.87 -23.93
N GLU D 340 -45.01 6.15 -25.17
CA GLU D 340 -44.41 5.05 -25.89
C GLU D 340 -43.33 4.36 -25.04
N GLU D 341 -42.52 5.13 -24.33
CA GLU D 341 -41.46 4.51 -23.58
C GLU D 341 -41.92 3.61 -22.42
N ARG D 342 -42.72 4.13 -21.50
CA ARG D 342 -43.24 3.35 -20.36
C ARG D 342 -44.09 2.18 -20.85
N LYS D 343 -45.02 2.47 -21.75
CA LYS D 343 -45.87 1.45 -22.36
C LYS D 343 -45.03 0.33 -22.95
N ALA D 344 -43.93 0.67 -23.62
CA ALA D 344 -43.06 -0.33 -24.24
C ALA D 344 -42.48 -1.29 -23.20
N ARG D 345 -41.85 -0.77 -22.15
CA ARG D 345 -41.40 -1.66 -21.10
C ARG D 345 -42.62 -2.40 -20.64
N GLU D 346 -43.72 -1.67 -20.45
CA GLU D 346 -44.95 -2.32 -19.95
C GLU D 346 -45.24 -3.64 -20.67
N GLU D 347 -45.20 -3.63 -21.99
CA GLU D 347 -45.33 -4.85 -22.78
C GLU D 347 -44.13 -5.75 -22.57
N GLU D 348 -42.95 -5.14 -22.49
CA GLU D 348 -41.70 -5.85 -22.24
C GLU D 348 -41.59 -6.44 -20.83
N GLU D 349 -42.45 -5.95 -19.92
CA GLU D 349 -42.56 -6.52 -18.58
C GLU D 349 -43.69 -7.55 -18.45
N LYS D 350 -44.91 -7.16 -18.82
CA LYS D 350 -46.03 -8.09 -18.75
C LYS D 350 -45.75 -9.27 -19.64
N ALA D 351 -44.87 -8.96 -20.55
CA ALA D 351 -44.24 -9.89 -21.41
C ALA D 351 -43.53 -10.87 -20.60
N ARG D 352 -42.76 -10.36 -19.64
CA ARG D 352 -41.69 -11.14 -19.03
C ARG D 352 -42.29 -12.36 -18.35
N ARG D 353 -43.61 -12.30 -18.19
CA ARG D 353 -44.33 -12.93 -17.08
C ARG D 353 -44.46 -14.45 -16.88
N PRO D 354 -44.93 -15.22 -17.85
CA PRO D 354 -44.76 -16.61 -17.49
C PRO D 354 -43.30 -16.63 -17.24
N ARG D 355 -42.59 -16.09 -18.20
CA ARG D 355 -41.19 -16.10 -18.14
C ARG D 355 -40.56 -15.62 -16.88
N THR D 356 -41.13 -14.57 -16.37
CA THR D 356 -40.49 -13.85 -15.33
C THR D 356 -41.49 -13.99 -14.23
N MET D 357 -42.43 -14.86 -14.51
CA MET D 357 -43.67 -14.99 -13.81
C MET D 357 -43.73 -16.35 -13.26
N ALA D 358 -44.94 -16.83 -13.33
CA ALA D 358 -45.39 -17.86 -12.50
C ALA D 358 -44.84 -19.18 -12.68
N GLU D 359 -44.04 -19.40 -13.70
CA GLU D 359 -43.80 -20.71 -14.24
C GLU D 359 -43.34 -21.61 -13.14
N LEU D 360 -42.47 -21.09 -12.31
CA LEU D 360 -42.48 -21.37 -10.92
C LEU D 360 -42.65 -19.97 -10.61
N LEU D 361 -43.81 -19.57 -10.21
CA LEU D 361 -43.99 -18.15 -10.05
C LEU D 361 -43.19 -17.78 -8.91
N ARG D 362 -43.50 -18.52 -7.87
CA ARG D 362 -43.03 -18.26 -6.58
C ARG D 362 -41.73 -18.93 -6.75
N ALA D 363 -40.93 -18.39 -7.65
CA ALA D 363 -39.66 -19.10 -7.83
C ALA D 363 -38.58 -18.98 -6.79
N MET D 364 -38.09 -20.14 -6.36
CA MET D 364 -37.22 -20.24 -5.21
C MET D 364 -35.98 -21.09 -5.39
N GLN D 365 -36.15 -22.38 -5.65
CA GLN D 365 -35.04 -23.34 -5.65
C GLN D 365 -34.12 -22.98 -6.73
N GLU D 366 -34.70 -22.53 -7.82
CA GLU D 366 -33.90 -22.11 -8.91
C GLU D 366 -32.92 -21.27 -8.13
N GLU D 367 -31.65 -21.50 -8.36
CA GLU D 367 -30.60 -20.94 -7.53
C GLU D 367 -30.22 -19.44 -7.56
N GLY D 368 -30.11 -18.81 -8.73
CA GLY D 368 -29.83 -17.37 -8.79
C GLY D 368 -28.38 -16.94 -8.61
N ARG D 369 -27.52 -17.91 -8.86
CA ARG D 369 -26.12 -18.05 -8.43
C ARG D 369 -25.08 -16.94 -8.65
N LYS D 370 -25.03 -16.33 -9.84
CA LYS D 370 -23.93 -15.41 -10.18
C LYS D 370 -23.60 -14.37 -9.13
N GLU D 371 -22.31 -14.29 -8.84
CA GLU D 371 -21.76 -13.35 -7.90
C GLU D 371 -20.68 -12.55 -8.59
N LEU D 372 -20.83 -11.24 -8.54
CA LEU D 372 -19.80 -10.29 -8.92
C LEU D 372 -19.80 -9.32 -7.75
N ASN D 373 -18.71 -8.64 -7.53
CA ASN D 373 -18.55 -7.93 -6.28
C ASN D 373 -18.16 -6.49 -6.51
N LEU D 374 -18.14 -5.71 -5.44
CA LEU D 374 -17.61 -4.36 -5.55
C LEU D 374 -16.66 -3.95 -4.43
N ILE D 375 -15.98 -2.81 -4.66
CA ILE D 375 -15.35 -1.98 -3.64
C ILE D 375 -15.78 -0.54 -3.97
N LEU D 376 -16.19 0.24 -2.98
CA LEU D 376 -16.54 1.66 -3.18
C LEU D 376 -15.62 2.48 -2.27
N ARG D 377 -15.14 3.64 -2.65
CA ARG D 377 -14.40 4.40 -1.66
C ARG D 377 -15.16 5.65 -1.60
N ALA D 378 -15.09 6.38 -0.53
CA ALA D 378 -15.95 7.53 -0.37
C ALA D 378 -15.40 8.61 0.52
N ASP D 379 -16.00 9.77 0.51
CA ASP D 379 -15.37 10.88 1.24
C ASP D 379 -16.02 11.17 2.62
N THR D 380 -16.86 10.23 3.07
CA THR D 380 -17.28 10.10 4.47
C THR D 380 -17.55 8.62 4.77
N GLN D 381 -17.28 8.20 6.00
CA GLN D 381 -17.71 6.91 6.50
C GLN D 381 -19.22 6.84 6.24
N GLY D 382 -19.86 7.99 6.49
CA GLY D 382 -21.29 8.20 6.31
C GLY D 382 -21.85 7.93 4.93
N SER D 383 -21.12 8.34 3.88
CA SER D 383 -21.56 8.23 2.48
C SER D 383 -21.49 6.78 2.03
N LEU D 384 -20.42 6.10 2.41
CA LEU D 384 -20.24 4.67 2.19
C LEU D 384 -21.24 3.84 3.00
N GLU D 385 -21.41 4.14 4.30
CA GLU D 385 -22.25 3.27 5.11
C GLU D 385 -23.71 3.25 4.57
N ALA D 386 -24.25 4.44 4.27
CA ALA D 386 -25.53 4.61 3.54
C ALA D 386 -25.68 3.80 2.21
N ILE D 387 -24.85 4.04 1.20
CA ILE D 387 -25.07 3.38 -0.09
C ILE D 387 -25.25 1.87 0.10
N GLN D 388 -24.49 1.30 1.04
CA GLN D 388 -24.69 -0.10 1.43
C GLN D 388 -26.11 -0.38 1.84
N HIS D 389 -26.65 0.51 2.67
CA HIS D 389 -28.10 0.52 3.01
C HIS D 389 -28.96 0.37 1.77
N ILE D 390 -28.59 1.10 0.70
CA ILE D 390 -29.37 1.12 -0.55
C ILE D 390 -29.11 -0.11 -1.44
N LEU D 391 -27.96 -0.77 -1.22
CA LEU D 391 -27.59 -2.01 -1.92
C LEU D 391 -27.93 -3.26 -1.08
N ALA D 392 -27.72 -3.20 0.22
CA ALA D 392 -28.24 -4.22 1.12
C ALA D 392 -29.63 -4.62 0.60
N ARG D 393 -30.55 -3.66 0.57
CA ARG D 393 -31.91 -3.88 0.10
C ARG D 393 -31.97 -4.28 -1.38
N GLU D 394 -30.81 -4.19 -2.05
CA GLU D 394 -30.66 -4.55 -3.46
C GLU D 394 -30.09 -5.94 -3.68
N SER D 395 -29.67 -6.59 -2.58
CA SER D 395 -29.19 -7.97 -2.65
C SER D 395 -30.40 -8.89 -2.76
N LYS D 400 -27.63 -12.00 -6.03
CA LYS D 400 -26.87 -11.52 -4.89
C LYS D 400 -25.73 -10.55 -5.20
N ILE D 401 -25.34 -9.82 -4.17
CA ILE D 401 -24.33 -8.77 -4.20
C ILE D 401 -23.27 -9.10 -3.13
N ASN D 402 -22.06 -8.57 -3.32
CA ASN D 402 -21.00 -8.70 -2.32
C ASN D 402 -20.02 -7.53 -2.34
N ILE D 403 -19.82 -6.91 -1.17
CA ILE D 403 -18.96 -5.75 -1.06
C ILE D 403 -17.59 -6.23 -0.60
N LEU D 404 -16.60 -5.83 -1.39
CA LEU D 404 -15.19 -5.86 -1.02
C LEU D 404 -14.96 -4.67 -0.09
N LEU D 405 -13.67 -4.30 0.17
CA LEU D 405 -13.24 -3.27 1.17
C LEU D 405 -13.66 -1.79 0.88
N ALA D 406 -14.36 -1.19 1.84
CA ALA D 406 -14.76 0.20 1.70
C ALA D 406 -13.90 1.08 2.61
N GLN D 407 -13.21 2.04 2.01
CA GLN D 407 -12.33 2.93 2.76
C GLN D 407 -12.43 4.37 2.26
N VAL D 408 -12.17 5.32 3.16
CA VAL D 408 -12.17 6.73 2.81
C VAL D 408 -10.96 7.08 1.95
N GLY D 409 -11.10 8.10 1.10
CA GLY D 409 -10.01 8.56 0.27
C GLY D 409 -9.95 7.98 -1.13
N ALA D 410 -9.18 8.65 -1.99
CA ALA D 410 -9.05 8.32 -3.38
C ALA D 410 -8.78 6.83 -3.50
N PRO D 411 -9.32 6.22 -4.56
CA PRO D 411 -9.16 4.79 -4.74
C PRO D 411 -7.70 4.50 -5.02
N THR D 412 -7.29 3.28 -4.73
CA THR D 412 -5.90 2.91 -4.66
C THR D 412 -5.64 1.79 -5.61
N GLU D 413 -4.39 1.61 -5.97
CA GLU D 413 -4.06 0.49 -6.85
C GLU D 413 -4.38 -0.80 -6.14
N SER D 414 -3.98 -0.89 -4.87
CA SER D 414 -4.23 -2.13 -4.12
C SER D 414 -5.64 -2.69 -4.36
N ASP D 415 -6.64 -1.83 -4.33
CA ASP D 415 -8.01 -2.21 -4.70
C ASP D 415 -8.11 -2.58 -6.17
N VAL D 416 -7.46 -1.79 -7.02
CA VAL D 416 -7.38 -2.06 -8.45
C VAL D 416 -6.69 -3.40 -8.68
N LEU D 417 -5.59 -3.64 -7.96
CA LEU D 417 -4.89 -4.92 -8.00
C LEU D 417 -5.72 -6.02 -7.36
N LEU D 418 -6.46 -5.67 -6.31
CA LEU D 418 -7.37 -6.59 -5.66
C LEU D 418 -8.47 -6.98 -6.64
N ALA D 419 -8.92 -6.00 -7.42
CA ALA D 419 -9.85 -6.26 -8.50
C ALA D 419 -9.20 -7.22 -9.48
N GLN D 420 -7.88 -7.08 -9.66
CA GLN D 420 -7.15 -7.95 -10.60
C GLN D 420 -7.37 -9.43 -10.33
N THR D 421 -7.46 -9.78 -9.05
CA THR D 421 -7.68 -11.16 -8.63
C THR D 421 -9.07 -11.66 -9.04
N ALA D 422 -10.08 -10.83 -8.85
CA ALA D 422 -11.41 -11.08 -9.42
C ALA D 422 -12.10 -9.76 -9.79
N ASN D 423 -12.76 -9.76 -10.93
CA ASN D 423 -13.34 -8.54 -11.45
C ASN D 423 -14.19 -7.94 -10.35
N ALA D 424 -13.96 -6.67 -10.09
CA ALA D 424 -14.73 -5.93 -9.09
C ALA D 424 -14.74 -4.42 -9.36
N ALA D 425 -15.85 -3.94 -9.89
CA ALA D 425 -15.98 -2.53 -10.23
C ALA D 425 -15.69 -1.61 -9.04
N ILE D 426 -14.97 -0.54 -9.33
CA ILE D 426 -14.54 0.44 -8.34
C ILE D 426 -15.45 1.68 -8.40
N LEU D 427 -16.45 1.70 -7.52
CA LEU D 427 -17.41 2.78 -7.48
C LEU D 427 -16.99 3.75 -6.40
N ALA D 428 -16.85 5.00 -6.76
CA ALA D 428 -16.46 6.04 -5.82
C ALA D 428 -17.50 7.15 -5.84
N PHE D 429 -17.80 7.69 -4.67
CA PHE D 429 -18.62 8.88 -4.62
C PHE D 429 -17.92 10.10 -4.01
N GLY D 430 -18.04 11.22 -4.73
CA GLY D 430 -17.62 12.55 -4.24
C GLY D 430 -16.13 12.68 -4.02
N VAL D 431 -15.37 11.80 -4.67
CA VAL D 431 -13.91 11.83 -4.65
C VAL D 431 -13.41 11.69 -6.08
N ASN D 432 -12.24 12.25 -6.36
CA ASN D 432 -11.72 12.18 -7.71
C ASN D 432 -10.69 11.07 -7.79
N PRO D 433 -10.91 10.11 -8.70
CA PRO D 433 -9.96 9.01 -8.89
C PRO D 433 -8.65 9.57 -9.41
N PRO D 434 -7.52 8.98 -8.99
CA PRO D 434 -6.24 9.47 -9.46
C PRO D 434 -6.05 9.18 -10.95
N GLY D 435 -5.49 10.14 -11.67
CA GLY D 435 -5.21 9.97 -13.09
C GLY D 435 -4.26 8.81 -13.31
N SER D 436 -3.27 8.71 -12.44
CA SER D 436 -2.28 7.63 -12.47
C SER D 436 -2.95 6.26 -12.26
N VAL D 437 -3.99 6.24 -11.43
CA VAL D 437 -4.79 5.04 -11.24
C VAL D 437 -5.83 4.95 -12.35
N LYS D 438 -6.30 6.09 -12.85
CA LYS D 438 -7.21 6.13 -13.99
C LYS D 438 -6.59 5.50 -15.25
N LYS D 439 -5.32 5.78 -15.48
CA LYS D 439 -4.58 5.17 -16.58
C LYS D 439 -4.45 3.66 -16.37
N LYS D 440 -4.18 3.31 -15.13
CA LYS D 440 -4.16 1.95 -14.74
C LYS D 440 -5.49 1.32 -14.78
N ALA D 441 -6.51 2.08 -14.51
CA ALA D 441 -7.91 1.67 -14.60
C ALA D 441 -8.30 1.33 -16.04
N GLU D 442 -7.40 1.78 -16.92
CA GLU D 442 -7.55 1.67 -18.37
C GLU D 442 -6.48 0.85 -18.98
N GLU D 443 -5.67 0.27 -18.11
CA GLU D 443 -4.61 -0.69 -18.43
C GLU D 443 -5.07 -2.14 -18.36
N LYS D 444 -5.91 -2.43 -17.35
CA LYS D 444 -6.50 -3.74 -17.08
C LYS D 444 -7.56 -4.18 -18.10
N GLY D 445 -8.39 -3.25 -18.55
CA GLY D 445 -9.43 -3.57 -19.52
C GLY D 445 -10.90 -3.64 -19.10
N VAL D 446 -11.23 -3.24 -17.87
CA VAL D 446 -12.65 -3.13 -17.50
C VAL D 446 -13.02 -1.80 -16.84
N LEU D 447 -14.32 -1.49 -16.87
CA LEU D 447 -14.86 -0.21 -16.39
C LEU D 447 -14.82 -0.01 -14.86
N LEU D 448 -14.57 1.23 -14.46
CA LEU D 448 -14.51 1.64 -13.06
C LEU D 448 -15.05 3.08 -13.02
N LYS D 449 -15.59 3.55 -11.88
CA LYS D 449 -16.31 4.85 -11.99
C LYS D 449 -16.24 5.83 -10.79
N THR D 450 -16.58 7.10 -11.05
CA THR D 450 -17.01 8.04 -9.99
C THR D 450 -18.39 8.64 -10.30
N PHE D 451 -19.07 9.14 -9.27
CA PHE D 451 -20.43 9.64 -9.44
C PHE D 451 -20.69 10.87 -8.61
N ARG D 452 -21.57 11.68 -9.19
CA ARG D 452 -22.05 12.99 -8.76
C ARG D 452 -23.00 13.02 -7.58
N ILE D 453 -23.97 12.12 -7.64
CA ILE D 453 -24.98 11.80 -6.65
C ILE D 453 -24.90 10.32 -6.35
N ILE D 454 -25.30 9.93 -5.14
CA ILE D 454 -25.27 8.56 -4.69
C ILE D 454 -26.25 7.65 -5.46
N TYR D 455 -27.56 7.94 -5.38
CA TYR D 455 -28.60 7.21 -6.11
C TYR D 455 -28.29 6.85 -7.56
N ASP D 456 -27.57 7.75 -8.24
CA ASP D 456 -26.92 7.46 -9.53
C ASP D 456 -26.01 6.22 -9.44
N LEU D 457 -25.10 6.19 -8.48
CA LEU D 457 -24.20 5.03 -8.27
C LEU D 457 -24.97 3.72 -8.09
N VAL D 458 -25.99 3.78 -7.23
CA VAL D 458 -26.99 2.74 -7.09
C VAL D 458 -27.60 2.36 -8.45
N ASP D 459 -28.01 3.35 -9.25
CA ASP D 459 -28.55 3.11 -10.58
C ASP D 459 -27.55 2.34 -11.44
N GLU D 460 -26.29 2.75 -11.42
CA GLU D 460 -25.31 1.96 -12.16
C GLU D 460 -25.41 0.53 -11.65
N VAL D 461 -25.32 0.32 -10.32
CA VAL D 461 -25.41 -1.04 -9.79
C VAL D 461 -26.66 -1.74 -10.34
N ARG D 462 -27.70 -1.00 -10.45
CA ARG D 462 -28.90 -1.71 -10.73
C ARG D 462 -28.74 -2.28 -12.13
N ASN D 463 -27.89 -1.63 -12.92
CA ASN D 463 -27.93 -1.95 -14.30
C ASN D 463 -26.84 -2.88 -14.62
N MET D 464 -25.99 -3.13 -13.66
CA MET D 464 -24.95 -4.10 -13.85
C MET D 464 -25.60 -5.39 -13.61
N VAL D 465 -26.80 -5.20 -13.20
CA VAL D 465 -27.53 -6.17 -12.52
C VAL D 465 -27.60 -7.34 -13.46
N LYS D 466 -27.81 -7.04 -14.72
CA LYS D 466 -28.73 -7.67 -15.56
C LYS D 466 -28.47 -9.11 -15.52
N GLY D 467 -27.48 -9.18 -14.67
CA GLY D 467 -26.26 -9.92 -14.61
C GLY D 467 -26.31 -11.38 -14.59
N GLN D 468 -27.28 -12.01 -13.95
CA GLN D 468 -27.37 -13.44 -14.00
C GLN D 468 -28.06 -13.64 -15.26
N ARG D 469 -27.42 -13.18 -16.28
CA ARG D 469 -28.07 -12.80 -17.46
C ARG D 469 -28.11 -13.96 -18.36
N GLU D 470 -27.40 -14.99 -17.97
CA GLU D 470 -27.29 -16.14 -18.80
C GLU D 470 -28.51 -16.96 -18.62
N PRO D 471 -29.63 -16.51 -19.14
CA PRO D 471 -30.80 -17.17 -18.66
C PRO D 471 -30.70 -18.63 -18.90
N GLN D 472 -31.49 -19.33 -18.12
CA GLN D 472 -31.36 -20.73 -17.86
C GLN D 472 -31.52 -21.35 -19.14
N TYR D 473 -30.75 -22.36 -19.41
CA TYR D 473 -30.78 -22.77 -20.81
C TYR D 473 -32.18 -23.27 -21.15
PB GDP E . -2.09 -45.22 -15.52
O1B GDP E . -3.34 -44.86 -14.74
O2B GDP E . -1.18 -46.11 -14.72
O3B GDP E . -1.41 -44.03 -16.18
O3A GDP E . -2.62 -46.14 -16.73
PA GDP E . -1.83 -47.36 -17.43
O1A GDP E . -2.86 -48.43 -17.78
O2A GDP E . -0.59 -47.73 -16.68
O5' GDP E . -1.30 -46.74 -18.83
C5' GDP E . -2.21 -45.92 -19.58
C4' GDP E . -1.85 -45.83 -21.05
O4' GDP E . -0.63 -45.11 -21.20
C3' GDP E . -1.61 -47.19 -21.70
O3' GDP E . -2.78 -47.59 -22.41
C2' GDP E . -0.40 -47.00 -22.62
O2' GDP E . -0.76 -47.14 -23.98
C1' GDP E . 0.03 -45.55 -22.38
N9 GDP E . 1.50 -45.31 -22.31
C8 GDP E . 2.29 -45.51 -21.23
N7 GDP E . 3.56 -45.18 -21.48
C5 GDP E . 3.61 -44.71 -22.76
C6 GDP E . 4.65 -44.19 -23.63
O6 GDP E . 5.82 -44.08 -23.24
N1 GDP E . 4.29 -43.83 -24.89
C2 GDP E . 3.02 -43.95 -25.33
N2 GDP E . 2.76 -43.59 -26.60
N3 GDP E . 2.01 -44.41 -24.56
C4 GDP E . 2.26 -44.80 -23.29
PB GDP F . -46.72 11.90 14.03
O1B GDP F . -47.22 10.55 13.59
O2B GDP F . -46.78 12.96 12.96
O3B GDP F . -45.40 11.94 14.79
O3A GDP F . -47.85 12.26 15.16
PA GDP F . -48.41 13.70 15.59
O1A GDP F . -49.84 13.52 15.99
O2A GDP F . -48.07 14.78 14.60
O5' GDP F . -47.56 13.97 16.91
C5' GDP F . -47.48 12.95 17.90
C4' GDP F . -47.20 13.52 19.27
O4' GDP F . -45.85 14.01 19.35
C3' GDP F . -48.07 14.70 19.69
O3' GDP F . -49.23 14.20 20.39
C2' GDP F . -47.16 15.55 20.58
O2' GDP F . -47.60 15.60 21.94
C1' GDP F . -45.80 14.85 20.50
N9 GDP F . -44.69 15.79 20.33
C8 GDP F . -44.24 16.30 19.16
N7 GDP F . -43.20 17.13 19.33
C5 GDP F . -42.96 17.15 20.66
C6 GDP F . -41.98 17.84 21.50
O6 GDP F . -41.12 18.61 21.01
N1 GDP F . -42.07 17.59 22.83
C2 GDP F . -43.00 16.76 23.39
N2 GDP F . -42.98 16.61 24.73
N3 GDP F . -43.92 16.11 22.66
C4 GDP F . -43.92 16.28 21.32
#